data_2IWO
# 
_entry.id   2IWO 
# 
_audit_conform.dict_name       mmcif_pdbx.dic 
_audit_conform.dict_version    5.382 
_audit_conform.dict_location   http://mmcif.pdb.org/dictionaries/ascii/mmcif_pdbx.dic 
# 
loop_
_database_2.database_id 
_database_2.database_code 
_database_2.pdbx_database_accession 
_database_2.pdbx_DOI 
PDB   2IWO         pdb_00002iwo 10.2210/pdb2iwo/pdb 
PDBE  EBI-29236    ?            ?                   
WWPDB D_1290029236 ?            ?                   
# 
loop_
_pdbx_database_related.db_name 
_pdbx_database_related.db_id 
_pdbx_database_related.content_type 
_pdbx_database_related.details 
PDB 2FCF unspecified 'THE CRYSTAL STRUCTURE OF THE 7TH PDZ DOMAIN OF MPDZ (MUPP-1)'      
PDB 2FNE unspecified 'THE CRYSTAL STRUCTURE OF THE 13TH PDZ DOMAIN OF MPDZ'              
PDB 2IWN unspecified '3RD PDZ DOMAIN OF MULTIPLE PDZ DOMAIN PROTEIN MPDZ (CASP TARGET)'  
PDB 2IWP unspecified '12TH PDZ DOMAIN OF MULTIPLE PDZ DOMAIN PROTEIN MPDZ (CASP TARGET)' 
PDB 2IWQ unspecified '7TH PDZ DOMAIN OF MULTIPLE PDZ DOMAIN PROTEIN MPDZ'                
# 
_pdbx_database_status.status_code                     REL 
_pdbx_database_status.entry_id                        2IWO 
_pdbx_database_status.deposit_site                    PDBE 
_pdbx_database_status.process_site                    PDBE 
_pdbx_database_status.SG_entry                        . 
_pdbx_database_status.recvd_initial_deposition_date   2006-07-03 
_pdbx_database_status.pdb_format_compatible           Y 
_pdbx_database_status.status_code_sf                  REL 
_pdbx_database_status.status_code_mr                  ? 
_pdbx_database_status.status_code_cs                  ? 
_pdbx_database_status.methods_development_category    ? 
_pdbx_database_status.status_code_nmr_data            ? 
# 
loop_
_audit_author.name 
_audit_author.pdbx_ordinal 
'Elkins, J.M.'      1  
'Yang, X.'          2  
'Gileadi, C.'       3  
'Schoch, G.'        4  
'Johansson, C.'     5  
'Savitsky, P.'      6  
'Berridge, G.'      7  
'Smee, C.E.A.'      8  
'Turnbull, A.'      9  
'Pike, A.'          10 
'Papagrigoriou, E.' 11 
'Sundstrom, M.'     12 
'Edwards, A.'       13 
'Arrowsmith, C.'    14 
'Weigelt, J.'       15 
'Doyle, D.A.'       16 
# 
_citation.id                        primary 
_citation.title                     
'Structure of Pick1 and Other Pdz Domains Obtained with the Help of Self-Binding C-Terminal Extensions.' 
_citation.journal_abbrev            'Protein Sci.' 
_citation.journal_volume            16 
_citation.page_first                683 
_citation.page_last                 ? 
_citation.year                      2007 
_citation.journal_id_ASTM           PRCIEI 
_citation.country                   US 
_citation.journal_id_ISSN           0961-8368 
_citation.journal_id_CSD            0795 
_citation.book_publisher            ? 
_citation.pdbx_database_id_PubMed   17384233 
_citation.pdbx_database_id_DOI      10.1110/PS.062657507 
# 
loop_
_citation_author.citation_id 
_citation_author.name 
_citation_author.ordinal 
_citation_author.identifier_ORCID 
primary 'Elkins, J.M.'      1 ? 
primary 'Papagrigoriou, E.' 2 ? 
primary 'Berridge, G.'      3 ? 
primary 'Yang, X.'          4 ? 
primary 'Phillips, C.'      5 ? 
primary 'Gileadi, C.'       6 ? 
primary 'Savitsky, P.'      7 ? 
primary 'Doyle, D.A.'       8 ? 
# 
_cell.entry_id           2IWO 
_cell.length_a           74.483 
_cell.length_b           76.403 
_cell.length_c           32.629 
_cell.angle_alpha        90.00 
_cell.angle_beta         90.00 
_cell.angle_gamma        90.00 
_cell.Z_PDB              8 
_cell.pdbx_unique_axis   ? 
# 
_symmetry.entry_id                         2IWO 
_symmetry.space_group_name_H-M             'P 21 21 2' 
_symmetry.pdbx_full_space_group_name_H-M   ? 
_symmetry.cell_setting                     ? 
_symmetry.Int_Tables_number                18 
# 
loop_
_entity.id 
_entity.type 
_entity.src_method 
_entity.pdbx_description 
_entity.formula_weight 
_entity.pdbx_number_of_molecules 
_entity.pdbx_ec 
_entity.pdbx_mutation 
_entity.pdbx_fragment 
_entity.details 
1 polymer man 'MULTIPLE PDZ DOMAIN PROTEIN' 12550.251 2   ? ? '12TH PDZ DOMAIN, RESIDUES 1831-1923' ? 
2 water   nat water                         18.015    114 ? ? ?                                     ? 
# 
_entity_name_com.entity_id   1 
_entity_name_com.name        'MULTI PDZ DOMAIN PROTEIN 1, MULTI-PDZ-DOMAIN PROTEIN 1' 
# 
_entity_poly.entity_id                      1 
_entity_poly.type                           'polypeptide(L)' 
_entity_poly.nstd_linkage                   no 
_entity_poly.nstd_monomer                   no 
_entity_poly.pdbx_seq_one_letter_code       
;MHHHHHHSSGVDLGTENLYFQSMGLRTVEMKKGPTDSLGISIAGGVGSPLGDVPIFIAMMHPTGVAAQTQKLRVGDRIVT
ICGTSTEGMTHTQAVNLLKNASGSIEMQVVAGGDVSETSV
;
_entity_poly.pdbx_seq_one_letter_code_can   
;MHHHHHHSSGVDLGTENLYFQSMGLRTVEMKKGPTDSLGISIAGGVGSPLGDVPIFIAMMHPTGVAAQTQKLRVGDRIVT
ICGTSTEGMTHTQAVNLLKNASGSIEMQVVAGGDVSETSV
;
_entity_poly.pdbx_strand_id                 A,B 
_entity_poly.pdbx_target_identifier         ? 
# 
loop_
_entity_poly_seq.entity_id 
_entity_poly_seq.num 
_entity_poly_seq.mon_id 
_entity_poly_seq.hetero 
1 1   MET n 
1 2   HIS n 
1 3   HIS n 
1 4   HIS n 
1 5   HIS n 
1 6   HIS n 
1 7   HIS n 
1 8   SER n 
1 9   SER n 
1 10  GLY n 
1 11  VAL n 
1 12  ASP n 
1 13  LEU n 
1 14  GLY n 
1 15  THR n 
1 16  GLU n 
1 17  ASN n 
1 18  LEU n 
1 19  TYR n 
1 20  PHE n 
1 21  GLN n 
1 22  SER n 
1 23  MET n 
1 24  GLY n 
1 25  LEU n 
1 26  ARG n 
1 27  THR n 
1 28  VAL n 
1 29  GLU n 
1 30  MET n 
1 31  LYS n 
1 32  LYS n 
1 33  GLY n 
1 34  PRO n 
1 35  THR n 
1 36  ASP n 
1 37  SER n 
1 38  LEU n 
1 39  GLY n 
1 40  ILE n 
1 41  SER n 
1 42  ILE n 
1 43  ALA n 
1 44  GLY n 
1 45  GLY n 
1 46  VAL n 
1 47  GLY n 
1 48  SER n 
1 49  PRO n 
1 50  LEU n 
1 51  GLY n 
1 52  ASP n 
1 53  VAL n 
1 54  PRO n 
1 55  ILE n 
1 56  PHE n 
1 57  ILE n 
1 58  ALA n 
1 59  MET n 
1 60  MET n 
1 61  HIS n 
1 62  PRO n 
1 63  THR n 
1 64  GLY n 
1 65  VAL n 
1 66  ALA n 
1 67  ALA n 
1 68  GLN n 
1 69  THR n 
1 70  GLN n 
1 71  LYS n 
1 72  LEU n 
1 73  ARG n 
1 74  VAL n 
1 75  GLY n 
1 76  ASP n 
1 77  ARG n 
1 78  ILE n 
1 79  VAL n 
1 80  THR n 
1 81  ILE n 
1 82  CYS n 
1 83  GLY n 
1 84  THR n 
1 85  SER n 
1 86  THR n 
1 87  GLU n 
1 88  GLY n 
1 89  MET n 
1 90  THR n 
1 91  HIS n 
1 92  THR n 
1 93  GLN n 
1 94  ALA n 
1 95  VAL n 
1 96  ASN n 
1 97  LEU n 
1 98  LEU n 
1 99  LYS n 
1 100 ASN n 
1 101 ALA n 
1 102 SER n 
1 103 GLY n 
1 104 SER n 
1 105 ILE n 
1 106 GLU n 
1 107 MET n 
1 108 GLN n 
1 109 VAL n 
1 110 VAL n 
1 111 ALA n 
1 112 GLY n 
1 113 GLY n 
1 114 ASP n 
1 115 VAL n 
1 116 SER n 
1 117 GLU n 
1 118 THR n 
1 119 SER n 
1 120 VAL n 
# 
_entity_src_gen.entity_id                          1 
_entity_src_gen.pdbx_src_id                        1 
_entity_src_gen.pdbx_alt_source_flag               sample 
_entity_src_gen.pdbx_seq_type                      ? 
_entity_src_gen.pdbx_beg_seq_num                   ? 
_entity_src_gen.pdbx_end_seq_num                   ? 
_entity_src_gen.gene_src_common_name               HUMAN 
_entity_src_gen.gene_src_genus                     ? 
_entity_src_gen.pdbx_gene_src_gene                 ? 
_entity_src_gen.gene_src_species                   ? 
_entity_src_gen.gene_src_strain                    ? 
_entity_src_gen.gene_src_tissue                    ? 
_entity_src_gen.gene_src_tissue_fraction           ? 
_entity_src_gen.gene_src_details                   ? 
_entity_src_gen.pdbx_gene_src_fragment             ? 
_entity_src_gen.pdbx_gene_src_scientific_name      'HOMO SAPIENS' 
_entity_src_gen.pdbx_gene_src_ncbi_taxonomy_id     9606 
_entity_src_gen.pdbx_gene_src_variant              ? 
_entity_src_gen.pdbx_gene_src_cell_line            ? 
_entity_src_gen.pdbx_gene_src_atcc                 ? 
_entity_src_gen.pdbx_gene_src_organ                ? 
_entity_src_gen.pdbx_gene_src_organelle            ? 
_entity_src_gen.pdbx_gene_src_cell                 ? 
_entity_src_gen.pdbx_gene_src_cellular_location    ? 
_entity_src_gen.host_org_common_name               ? 
_entity_src_gen.pdbx_host_org_scientific_name      'ESCHERICHIA COLI' 
_entity_src_gen.pdbx_host_org_ncbi_taxonomy_id     469008 
_entity_src_gen.host_org_genus                     ? 
_entity_src_gen.pdbx_host_org_gene                 ? 
_entity_src_gen.pdbx_host_org_organ                ? 
_entity_src_gen.host_org_species                   ? 
_entity_src_gen.pdbx_host_org_tissue               ? 
_entity_src_gen.pdbx_host_org_tissue_fraction      ? 
_entity_src_gen.pdbx_host_org_strain               'BL21(DE3)' 
_entity_src_gen.pdbx_host_org_variant              'R3 ROSETTA' 
_entity_src_gen.pdbx_host_org_cell_line            ? 
_entity_src_gen.pdbx_host_org_atcc                 ? 
_entity_src_gen.pdbx_host_org_culture_collection   ? 
_entity_src_gen.pdbx_host_org_cell                 ? 
_entity_src_gen.pdbx_host_org_organelle            ? 
_entity_src_gen.pdbx_host_org_cellular_location    ? 
_entity_src_gen.pdbx_host_org_vector_type          ? 
_entity_src_gen.pdbx_host_org_vector               ? 
_entity_src_gen.host_org_details                   ? 
_entity_src_gen.expression_system_id               ? 
_entity_src_gen.plasmid_name                       PNIC28-BSA4 
_entity_src_gen.plasmid_details                    ? 
_entity_src_gen.pdbx_description                   ? 
# 
loop_
_struct_ref.id 
_struct_ref.db_name 
_struct_ref.db_code 
_struct_ref.entity_id 
_struct_ref.pdbx_seq_one_letter_code 
_struct_ref.pdbx_align_begin 
_struct_ref.pdbx_db_accession 
_struct_ref.pdbx_db_isoform 
1 PDB 2IWO       1 ? ? 2IWO   ? 
2 UNP MPDZ_HUMAN 1 ? ? O75970 ? 
# 
loop_
_struct_ref_seq.align_id 
_struct_ref_seq.ref_id 
_struct_ref_seq.pdbx_PDB_id_code 
_struct_ref_seq.pdbx_strand_id 
_struct_ref_seq.seq_align_beg 
_struct_ref_seq.pdbx_seq_align_beg_ins_code 
_struct_ref_seq.seq_align_end 
_struct_ref_seq.pdbx_seq_align_end_ins_code 
_struct_ref_seq.pdbx_db_accession 
_struct_ref_seq.db_align_beg 
_struct_ref_seq.pdbx_db_align_beg_ins_code 
_struct_ref_seq.db_align_end 
_struct_ref_seq.pdbx_db_align_end_ins_code 
_struct_ref_seq.pdbx_auth_seq_align_beg 
_struct_ref_seq.pdbx_auth_seq_align_end 
1 1 2IWO A 1   ? 23  ? 2IWO   1808 ? 1830 ? 1808 1830 
2 2 2IWO A 24  ? 116 ? O75970 1831 ? 1923 ? 1831 1923 
3 1 2IWO A 117 ? 120 ? 2IWO   1924 ? 1927 ? 1924 1927 
4 1 2IWO B 1   ? 23  ? 2IWO   1808 ? 1830 ? 1808 1830 
5 2 2IWO B 24  ? 116 ? O75970 1831 ? 1923 ? 1831 1923 
6 1 2IWO B 117 ? 120 ? 2IWO   1924 ? 1927 ? 1924 1927 
# 
loop_
_chem_comp.id 
_chem_comp.type 
_chem_comp.mon_nstd_flag 
_chem_comp.name 
_chem_comp.pdbx_synonyms 
_chem_comp.formula 
_chem_comp.formula_weight 
ALA 'L-peptide linking' y ALANINE         ? 'C3 H7 N O2'     89.093  
ARG 'L-peptide linking' y ARGININE        ? 'C6 H15 N4 O2 1' 175.209 
ASN 'L-peptide linking' y ASPARAGINE      ? 'C4 H8 N2 O3'    132.118 
ASP 'L-peptide linking' y 'ASPARTIC ACID' ? 'C4 H7 N O4'     133.103 
CYS 'L-peptide linking' y CYSTEINE        ? 'C3 H7 N O2 S'   121.158 
GLN 'L-peptide linking' y GLUTAMINE       ? 'C5 H10 N2 O3'   146.144 
GLU 'L-peptide linking' y 'GLUTAMIC ACID' ? 'C5 H9 N O4'     147.129 
GLY 'peptide linking'   y GLYCINE         ? 'C2 H5 N O2'     75.067  
HIS 'L-peptide linking' y HISTIDINE       ? 'C6 H10 N3 O2 1' 156.162 
HOH non-polymer         . WATER           ? 'H2 O'           18.015  
ILE 'L-peptide linking' y ISOLEUCINE      ? 'C6 H13 N O2'    131.173 
LEU 'L-peptide linking' y LEUCINE         ? 'C6 H13 N O2'    131.173 
LYS 'L-peptide linking' y LYSINE          ? 'C6 H15 N2 O2 1' 147.195 
MET 'L-peptide linking' y METHIONINE      ? 'C5 H11 N O2 S'  149.211 
PHE 'L-peptide linking' y PHENYLALANINE   ? 'C9 H11 N O2'    165.189 
PRO 'L-peptide linking' y PROLINE         ? 'C5 H9 N O2'     115.130 
SER 'L-peptide linking' y SERINE          ? 'C3 H7 N O3'     105.093 
THR 'L-peptide linking' y THREONINE       ? 'C4 H9 N O3'     119.119 
TYR 'L-peptide linking' y TYROSINE        ? 'C9 H11 N O3'    181.189 
VAL 'L-peptide linking' y VALINE          ? 'C5 H11 N O2'    117.146 
# 
_exptl.entry_id          2IWO 
_exptl.method            'X-RAY DIFFRACTION' 
_exptl.crystals_number   1 
# 
_exptl_crystal.id                    1 
_exptl_crystal.density_meas          ? 
_exptl_crystal.density_Matthews      1.85 
_exptl_crystal.density_percent_sol   33.6 
_exptl_crystal.description           ? 
# 
_exptl_crystal_grow.crystal_id      1 
_exptl_crystal_grow.method          ? 
_exptl_crystal_grow.temp            ? 
_exptl_crystal_grow.temp_details    ? 
_exptl_crystal_grow.pH              7.50 
_exptl_crystal_grow.pdbx_pH_range   ? 
_exptl_crystal_grow.pdbx_details    '2M (NH4)2SO4, pH 7.50' 
# 
_diffrn.id                     1 
_diffrn.ambient_temp           100.0 
_diffrn.ambient_temp_details   ? 
_diffrn.crystal_id             1 
# 
_diffrn_detector.diffrn_id              1 
_diffrn_detector.detector               CCD 
_diffrn_detector.type                   MARRESEARCH 
_diffrn_detector.pdbx_collection_date   2006-06-16 
_diffrn_detector.details                ? 
# 
_diffrn_radiation.diffrn_id                        1 
_diffrn_radiation.wavelength_id                    1 
_diffrn_radiation.pdbx_monochromatic_or_laue_m_l   M 
_diffrn_radiation.monochromator                    ? 
_diffrn_radiation.pdbx_diffrn_protocol             'SINGLE WAVELENGTH' 
_diffrn_radiation.pdbx_scattering_type             x-ray 
# 
_diffrn_radiation_wavelength.id           1 
_diffrn_radiation_wavelength.wavelength   0.8983 
_diffrn_radiation_wavelength.wt           1.0 
# 
_diffrn_source.diffrn_id                   1 
_diffrn_source.source                      SYNCHROTRON 
_diffrn_source.type                        'SLS BEAMLINE X10SA' 
_diffrn_source.pdbx_synchrotron_site       SLS 
_diffrn_source.pdbx_synchrotron_beamline   X10SA 
_diffrn_source.pdbx_wavelength             0.8983 
_diffrn_source.pdbx_wavelength_list        ? 
# 
_reflns.pdbx_diffrn_id               1 
_reflns.pdbx_ordinal                 1 
_reflns.entry_id                     2IWO 
_reflns.observed_criterion_sigma_I   0.000 
_reflns.observed_criterion_sigma_F   ? 
_reflns.d_resolution_low             38.210 
_reflns.d_resolution_high            1.700 
_reflns.number_obs                   21145 
_reflns.number_all                   ? 
_reflns.percent_possible_obs         99.7 
_reflns.pdbx_Rmerge_I_obs            0.10000 
_reflns.pdbx_Rsym_value              ? 
_reflns.pdbx_netI_over_sigmaI        11.0000 
_reflns.B_iso_Wilson_estimate        ? 
_reflns.pdbx_redundancy              3.600 
# 
_reflns_shell.pdbx_diffrn_id         1 
_reflns_shell.pdbx_ordinal           1 
_reflns_shell.d_res_high             1.70 
_reflns_shell.d_res_low              1.79 
_reflns_shell.percent_possible_all   100.0 
_reflns_shell.Rmerge_I_obs           0.43000 
_reflns_shell.pdbx_Rsym_value        ? 
_reflns_shell.meanI_over_sigI_obs    3.100 
_reflns_shell.pdbx_redundancy        3.60 
# 
_refine.pdbx_refine_id                           'X-RAY DIFFRACTION' 
_refine.entry_id                                 2IWO 
_refine.pdbx_diffrn_id                           1 
_refine.pdbx_TLS_residual_ADP_flag               ? 
_refine.ls_number_reflns_obs                     20020 
_refine.ls_number_reflns_all                     ? 
_refine.pdbx_ls_sigma_I                          ? 
_refine.pdbx_ls_sigma_F                          ? 
_refine.pdbx_data_cutoff_high_absF               ? 
_refine.pdbx_data_cutoff_low_absF                ? 
_refine.pdbx_data_cutoff_high_rms_absF           ? 
_refine.ls_d_res_low                             53.30 
_refine.ls_d_res_high                            1.70 
_refine.ls_percent_reflns_obs                    99.5 
_refine.ls_R_factor_obs                          0.184 
_refine.ls_R_factor_all                          ? 
_refine.ls_R_factor_R_work                       0.183 
_refine.ls_R_factor_R_free                       0.215 
_refine.ls_R_factor_R_free_error                 ? 
_refine.ls_R_factor_R_free_error_details         ? 
_refine.ls_percent_reflns_R_free                 5.100 
_refine.ls_number_reflns_R_free                  1082 
_refine.ls_number_parameters                     ? 
_refine.ls_number_restraints                     ? 
_refine.occupancy_min                            ? 
_refine.occupancy_max                            ? 
_refine.correlation_coeff_Fo_to_Fc               0.957 
_refine.correlation_coeff_Fo_to_Fc_free          0.941 
_refine.B_iso_mean                               18.52 
_refine.aniso_B[1][1]                            0.18000 
_refine.aniso_B[2][2]                            -0.33000 
_refine.aniso_B[3][3]                            0.15000 
_refine.aniso_B[1][2]                            0.00000 
_refine.aniso_B[1][3]                            0.00000 
_refine.aniso_B[2][3]                            0.00000 
_refine.solvent_model_details                    MASK 
_refine.solvent_model_param_ksol                 ? 
_refine.solvent_model_param_bsol                 ? 
_refine.pdbx_solvent_vdw_probe_radii             1.40 
_refine.pdbx_solvent_ion_probe_radii             0.80 
_refine.pdbx_solvent_shrinkage_radii             0.80 
_refine.pdbx_ls_cross_valid_method               THROUGHOUT 
_refine.details                                  'HYDROGENS HAVE BEEN ADDED IN THE RIDING POSITIONS.' 
_refine.pdbx_starting_model                      'PDB ENTRY 2FNE' 
_refine.pdbx_method_to_determine_struct          'MOLECULAR REPLACEMENT' 
_refine.pdbx_isotropic_thermal_model             ? 
_refine.pdbx_stereochemistry_target_values       'MAXIMUM LIKELIHOOD' 
_refine.pdbx_stereochem_target_val_spec_case     ? 
_refine.pdbx_R_Free_selection_details            RANDOM 
_refine.pdbx_overall_ESU_R                       0.101 
_refine.pdbx_overall_ESU_R_Free                  0.101 
_refine.overall_SU_ML                            0.065 
_refine.pdbx_overall_phase_error                 ? 
_refine.overall_SU_B                             1.929 
_refine.overall_SU_R_Cruickshank_DPI             ? 
_refine.pdbx_overall_SU_R_free_Cruickshank_DPI   ? 
_refine.pdbx_overall_SU_R_Blow_DPI               ? 
_refine.pdbx_overall_SU_R_free_Blow_DPI          ? 
# 
_refine_hist.pdbx_refine_id                   'X-RAY DIFFRACTION' 
_refine_hist.cycle_id                         LAST 
_refine_hist.pdbx_number_atoms_protein        1344 
_refine_hist.pdbx_number_atoms_nucleic_acid   0 
_refine_hist.pdbx_number_atoms_ligand         0 
_refine_hist.number_atoms_solvent             114 
_refine_hist.number_atoms_total               1458 
_refine_hist.d_res_high                       1.70 
_refine_hist.d_res_low                        53.30 
# 
loop_
_refine_ls_restr.type 
_refine_ls_restr.dev_ideal 
_refine_ls_restr.dev_ideal_target 
_refine_ls_restr.weight 
_refine_ls_restr.number 
_refine_ls_restr.pdbx_refine_id 
_refine_ls_restr.pdbx_restraint_function 
r_bond_refined_d             0.019  0.022  ? 1355 'X-RAY DIFFRACTION' ? 
r_bond_other_d               0.001  0.020  ? 859  'X-RAY DIFFRACTION' ? 
r_angle_refined_deg          1.626  1.973  ? 1834 'X-RAY DIFFRACTION' ? 
r_angle_other_deg            0.921  3.000  ? 2134 'X-RAY DIFFRACTION' ? 
r_dihedral_angle_1_deg       5.260  5.000  ? 187  'X-RAY DIFFRACTION' ? 
r_dihedral_angle_2_deg       37.413 25.500 ? 40   'X-RAY DIFFRACTION' ? 
r_dihedral_angle_3_deg       13.893 15.000 ? 227  'X-RAY DIFFRACTION' ? 
r_dihedral_angle_4_deg       27.810 15.000 ? 5    'X-RAY DIFFRACTION' ? 
r_chiral_restr               0.095  0.200  ? 231  'X-RAY DIFFRACTION' ? 
r_gen_planes_refined         0.007  0.020  ? 1510 'X-RAY DIFFRACTION' ? 
r_gen_planes_other           0.001  0.020  ? 227  'X-RAY DIFFRACTION' ? 
r_nbd_refined                0.199  0.200  ? 232  'X-RAY DIFFRACTION' ? 
r_nbd_other                  0.201  0.200  ? 831  'X-RAY DIFFRACTION' ? 
r_nbtor_refined              0.170  0.200  ? 676  'X-RAY DIFFRACTION' ? 
r_nbtor_other                0.087  0.200  ? 750  'X-RAY DIFFRACTION' ? 
r_xyhbond_nbd_refined        0.174  0.200  ? 74   'X-RAY DIFFRACTION' ? 
r_xyhbond_nbd_other          ?      ?      ? ?    'X-RAY DIFFRACTION' ? 
r_metal_ion_refined          ?      ?      ? ?    'X-RAY DIFFRACTION' ? 
r_metal_ion_other            ?      ?      ? ?    'X-RAY DIFFRACTION' ? 
r_symmetry_vdw_refined       0.225  0.200  ? 17   'X-RAY DIFFRACTION' ? 
r_symmetry_vdw_other         0.206  0.200  ? 40   'X-RAY DIFFRACTION' ? 
r_symmetry_hbond_refined     0.150  0.200  ? 15   'X-RAY DIFFRACTION' ? 
r_symmetry_hbond_other       ?      ?      ? ?    'X-RAY DIFFRACTION' ? 
r_symmetry_metal_ion_refined ?      ?      ? ?    'X-RAY DIFFRACTION' ? 
r_symmetry_metal_ion_other   ?      ?      ? ?    'X-RAY DIFFRACTION' ? 
r_mcbond_it                  4.372  3.000  ? 958  'X-RAY DIFFRACTION' ? 
r_mcbond_other               ?      ?      ? ?    'X-RAY DIFFRACTION' ? 
r_mcangle_it                 5.993  5.000  ? 1504 'X-RAY DIFFRACTION' ? 
r_mcangle_other              ?      ?      ? ?    'X-RAY DIFFRACTION' ? 
r_scbond_it                  9.047  7.000  ? 429  'X-RAY DIFFRACTION' ? 
r_scbond_other               ?      ?      ? ?    'X-RAY DIFFRACTION' ? 
r_scangle_it                 11.388 11.000 ? 330  'X-RAY DIFFRACTION' ? 
r_scangle_other              ?      ?      ? ?    'X-RAY DIFFRACTION' ? 
r_long_range_B_refined       ?      ?      ? ?    'X-RAY DIFFRACTION' ? 
r_long_range_B_other         ?      ?      ? ?    'X-RAY DIFFRACTION' ? 
r_rigid_bond_restr           ?      ?      ? ?    'X-RAY DIFFRACTION' ? 
r_sphericity_free            ?      ?      ? ?    'X-RAY DIFFRACTION' ? 
r_sphericity_bonded          ?      ?      ? ?    'X-RAY DIFFRACTION' ? 
# 
loop_
_refine_ls_restr_ncs.dom_id 
_refine_ls_restr_ncs.pdbx_auth_asym_id 
_refine_ls_restr_ncs.pdbx_number 
_refine_ls_restr_ncs.rms_dev_position 
_refine_ls_restr_ncs.weight_position 
_refine_ls_restr_ncs.pdbx_type 
_refine_ls_restr_ncs.pdbx_ens_id 
_refine_ls_restr_ncs.pdbx_ordinal 
_refine_ls_restr_ncs.pdbx_refine_id 
_refine_ls_restr_ncs.ncs_model_details 
_refine_ls_restr_ncs.rms_dev_B_iso 
_refine_ls_restr_ncs.weight_B_iso 
_refine_ls_restr_ncs.pdbx_asym_id 
_refine_ls_restr_ncs.pdbx_rms 
_refine_ls_restr_ncs.pdbx_weight 
1 A 748 0.44 0.50 'medium positional' 1 1 'X-RAY DIFFRACTION' ? ? ? ? ? ? 
1 A 748 2.00 2.00 'medium thermal'    1 2 'X-RAY DIFFRACTION' ? ? ? ? ? ? 
# 
_refine_ls_shell.pdbx_refine_id                   'X-RAY DIFFRACTION' 
_refine_ls_shell.pdbx_total_number_of_bins_used   20 
_refine_ls_shell.d_res_high                       1.70 
_refine_ls_shell.d_res_low                        1.74 
_refine_ls_shell.number_reflns_R_work             1423 
_refine_ls_shell.R_factor_R_work                  0.2220 
_refine_ls_shell.percent_reflns_obs               ? 
_refine_ls_shell.R_factor_R_free                  0.2910 
_refine_ls_shell.R_factor_R_free_error            ? 
_refine_ls_shell.percent_reflns_R_free            ? 
_refine_ls_shell.number_reflns_R_free             94 
_refine_ls_shell.number_reflns_all                ? 
_refine_ls_shell.R_factor_all                     ? 
# 
_struct_ncs_oper.id             1 
_struct_ncs_oper.code           given 
_struct_ncs_oper.details        ? 
_struct_ncs_oper.matrix[1][1]   -0.73134800 
_struct_ncs_oper.matrix[1][2]   0.43030032 
_struct_ncs_oper.matrix[1][3]   -0.52912299 
_struct_ncs_oper.matrix[2][1]   0.39706905 
_struct_ncs_oper.matrix[2][2]   -0.36214171 
_struct_ncs_oper.matrix[2][3]   -0.84332461 
_struct_ncs_oper.matrix[3][1]   -0.55449940 
_struct_ncs_oper.matrix[3][2]   -0.82685989 
_struct_ncs_oper.matrix[3][3]   0.09399971 
_struct_ncs_oper.vector[1]      -0.73464 
_struct_ncs_oper.vector[2]      0.36571 
_struct_ncs_oper.vector[3]      0.06283 
# 
loop_
_struct_ncs_dom.id 
_struct_ncs_dom.details 
_struct_ncs_dom.pdbx_ens_id 
1 A 1 
2 B 1 
# 
loop_
_struct_ncs_dom_lim.dom_id 
_struct_ncs_dom_lim.beg_auth_asym_id 
_struct_ncs_dom_lim.beg_auth_seq_id 
_struct_ncs_dom_lim.end_auth_asym_id 
_struct_ncs_dom_lim.end_auth_seq_id 
_struct_ncs_dom_lim.pdbx_component_id 
_struct_ncs_dom_lim.pdbx_refine_code 
_struct_ncs_dom_lim.beg_label_asym_id 
_struct_ncs_dom_lim.beg_label_comp_id 
_struct_ncs_dom_lim.beg_label_seq_id 
_struct_ncs_dom_lim.beg_label_alt_id 
_struct_ncs_dom_lim.end_label_asym_id 
_struct_ncs_dom_lim.end_label_comp_id 
_struct_ncs_dom_lim.end_label_seq_id 
_struct_ncs_dom_lim.end_label_alt_id 
_struct_ncs_dom_lim.pdbx_ens_id 
_struct_ncs_dom_lim.selection_details 
_struct_ncs_dom_lim.beg_auth_comp_id 
_struct_ncs_dom_lim.end_auth_comp_id 
1 A 1808 A 1839 1 4 ? ? ? ? ? ? ? ? 1 ? ? ? 
2 B 1808 B 1839 1 4 ? ? ? ? ? ? ? ? 1 ? ? ? 
1 A 1844 A 1852 2 4 ? ? ? ? ? ? ? ? 1 ? ? ? 
2 B 1844 B 1852 2 4 ? ? ? ? ? ? ? ? 1 ? ? ? 
1 A 1860 A 1867 3 4 ? ? ? ? ? ? ? ? 1 ? ? ? 
2 B 1860 B 1867 3 4 ? ? ? ? ? ? ? ? 1 ? ? ? 
1 A 1876 A 1917 4 4 ? ? ? ? ? ? ? ? 1 ? ? ? 
2 B 1876 B 1917 4 4 ? ? ? ? ? ? ? ? 1 ? ? ? 
# 
_struct_ncs_ens.id        1 
_struct_ncs_ens.details   ? 
# 
_struct.entry_id                  2IWO 
_struct.title                     '12th PDZ domain of Multiple PDZ Domain Protein MPDZ' 
_struct.pdbx_model_details        ? 
_struct.pdbx_CASP_flag            ? 
_struct.pdbx_model_type_details   ? 
# 
_struct_keywords.entry_id        2IWO 
_struct_keywords.pdbx_keywords   'SIGNALING PROTEIN' 
_struct_keywords.text            
;SGC, MUPP1, MUPP-1, PDZ DOMAIN, HOST-VIRUS INTERACTION, STRUCTURAL GENOMICS CONSORTIUM, SYNAPTOSOME, TIGHT JUNCTION, ALTERNATIVE SPLICING, SIGNALING PROTEIN
;
# 
loop_
_struct_asym.id 
_struct_asym.pdbx_blank_PDB_chainid_flag 
_struct_asym.pdbx_modified 
_struct_asym.entity_id 
_struct_asym.details 
A N N 1 ? 
B N N 1 ? 
C N N 2 ? 
D N N 2 ? 
# 
_struct_biol.id        1 
_struct_biol.details   'BIOLOGICAL ASSEMBLY: MONOMERIC IN SOLUTION' 
# 
loop_
_struct_conf.conf_type_id 
_struct_conf.id 
_struct_conf.pdbx_PDB_helix_id 
_struct_conf.beg_label_comp_id 
_struct_conf.beg_label_asym_id 
_struct_conf.beg_label_seq_id 
_struct_conf.pdbx_beg_PDB_ins_code 
_struct_conf.end_label_comp_id 
_struct_conf.end_label_asym_id 
_struct_conf.end_label_seq_id 
_struct_conf.pdbx_end_PDB_ins_code 
_struct_conf.beg_auth_comp_id 
_struct_conf.beg_auth_asym_id 
_struct_conf.beg_auth_seq_id 
_struct_conf.end_auth_comp_id 
_struct_conf.end_auth_asym_id 
_struct_conf.end_auth_seq_id 
_struct_conf.pdbx_PDB_helix_class 
_struct_conf.details 
_struct_conf.pdbx_PDB_helix_length 
HELX_P HELX_P1 1 GLY A 64 ? GLN A 70  ? GLY A 1871 GLN A 1877 1 ? 7  
HELX_P HELX_P2 2 THR A 90 ? ALA A 101 ? THR A 1897 ALA A 1908 1 ? 12 
HELX_P HELX_P3 3 THR B 15 ? MET B 23  ? THR B 1822 MET B 1830 1 ? 9  
HELX_P HELX_P4 4 THR B 90 ? ALA B 101 ? THR B 1897 ALA B 1908 1 ? 12 
# 
_struct_conf_type.id          HELX_P 
_struct_conf_type.criteria    ? 
_struct_conf_type.reference   ? 
# 
loop_
_struct_sheet.id 
_struct_sheet.type 
_struct_sheet.number_strands 
_struct_sheet.details 
AA ? 4 ? 
AB ? 2 ? 
BA ? 4 ? 
BB ? 2 ? 
# 
loop_
_struct_sheet_order.sheet_id 
_struct_sheet_order.range_id_1 
_struct_sheet_order.range_id_2 
_struct_sheet_order.offset 
_struct_sheet_order.sense 
AA 1 2 ? anti-parallel 
AA 2 3 ? anti-parallel 
AA 3 4 ? anti-parallel 
AB 1 2 ? anti-parallel 
BA 1 2 ? anti-parallel 
BA 2 3 ? anti-parallel 
BA 3 4 ? anti-parallel 
BB 1 2 ? anti-parallel 
# 
loop_
_struct_sheet_range.sheet_id 
_struct_sheet_range.id 
_struct_sheet_range.beg_label_comp_id 
_struct_sheet_range.beg_label_asym_id 
_struct_sheet_range.beg_label_seq_id 
_struct_sheet_range.pdbx_beg_PDB_ins_code 
_struct_sheet_range.end_label_comp_id 
_struct_sheet_range.end_label_asym_id 
_struct_sheet_range.end_label_seq_id 
_struct_sheet_range.pdbx_end_PDB_ins_code 
_struct_sheet_range.beg_auth_comp_id 
_struct_sheet_range.beg_auth_asym_id 
_struct_sheet_range.beg_auth_seq_id 
_struct_sheet_range.end_auth_comp_id 
_struct_sheet_range.end_auth_asym_id 
_struct_sheet_range.end_auth_seq_id 
AA 1 ARG A 26  ? LYS A 31  ? ARG A 1833 LYS A 1838 
AA 2 SER A 104 ? VAL A 110 ? SER A 1911 VAL A 1917 
AA 3 ARG A 77  ? ILE A 81  ? ARG A 1884 ILE A 1888 
AA 4 THR A 84  ? SER A 85  ? THR A 1891 SER A 1892 
AB 1 ILE A 40  ? SER A 48  ? ILE A 1847 SER A 1855 
AB 2 GLY A 51  ? MET A 60  ? GLY A 1858 MET A 1867 
BA 1 ARG B 26  ? MET B 30  ? ARG B 1833 MET B 1837 
BA 2 ILE B 105 ? VAL B 110 ? ILE B 1912 VAL B 1917 
BA 3 ARG B 77  ? ILE B 81  ? ARG B 1884 ILE B 1888 
BA 4 THR B 84  ? SER B 85  ? THR B 1891 SER B 1892 
BB 1 ILE B 40  ? SER B 48  ? ILE B 1847 SER B 1855 
BB 2 GLY B 51  ? MET B 60  ? GLY B 1858 MET B 1867 
# 
loop_
_pdbx_struct_sheet_hbond.sheet_id 
_pdbx_struct_sheet_hbond.range_id_1 
_pdbx_struct_sheet_hbond.range_id_2 
_pdbx_struct_sheet_hbond.range_1_label_atom_id 
_pdbx_struct_sheet_hbond.range_1_label_comp_id 
_pdbx_struct_sheet_hbond.range_1_label_asym_id 
_pdbx_struct_sheet_hbond.range_1_label_seq_id 
_pdbx_struct_sheet_hbond.range_1_PDB_ins_code 
_pdbx_struct_sheet_hbond.range_1_auth_atom_id 
_pdbx_struct_sheet_hbond.range_1_auth_comp_id 
_pdbx_struct_sheet_hbond.range_1_auth_asym_id 
_pdbx_struct_sheet_hbond.range_1_auth_seq_id 
_pdbx_struct_sheet_hbond.range_2_label_atom_id 
_pdbx_struct_sheet_hbond.range_2_label_comp_id 
_pdbx_struct_sheet_hbond.range_2_label_asym_id 
_pdbx_struct_sheet_hbond.range_2_label_seq_id 
_pdbx_struct_sheet_hbond.range_2_PDB_ins_code 
_pdbx_struct_sheet_hbond.range_2_auth_atom_id 
_pdbx_struct_sheet_hbond.range_2_auth_comp_id 
_pdbx_struct_sheet_hbond.range_2_auth_asym_id 
_pdbx_struct_sheet_hbond.range_2_auth_seq_id 
AA 1 2 N MET A 30  ? N MET A 1837 O ILE A 105 ? O ILE A 1912 
AA 2 3 N VAL A 110 ? N VAL A 1917 O ARG A 77  ? O ARG A 1884 
AA 3 4 N ILE A 81  ? N ILE A 1888 O THR A 84  ? O THR A 1891 
AB 1 2 N SER A 48  ? N SER A 1855 O GLY A 51  ? O GLY A 1858 
BA 1 2 N MET B 30  ? N MET B 1837 O ILE B 105 ? O ILE B 1912 
BA 2 3 N VAL B 110 ? N VAL B 1917 O ARG B 77  ? O ARG B 1884 
BA 3 4 N ILE B 81  ? N ILE B 1888 O THR B 84  ? O THR B 1891 
BB 1 2 O SER B 48  ? O SER B 1855 N GLY B 51  ? N GLY B 1858 
# 
_atom_sites.entry_id                    2IWO 
_atom_sites.fract_transf_matrix[1][1]   0.00920343 
_atom_sites.fract_transf_matrix[1][2]   0.00626723 
_atom_sites.fract_transf_matrix[1][3]   -0.00750174 
_atom_sites.fract_transf_matrix[2][1]   0.00056208 
_atom_sites.fract_transf_matrix[2][2]   0.00968730 
_atom_sites.fract_transf_matrix[2][3]   0.00878271 
_atom_sites.fract_transf_matrix[3][1]   0.02227532 
_atom_sites.fract_transf_matrix[3][2]   -0.01483353 
_atom_sites.fract_transf_matrix[3][3]   0.01493575 
_atom_sites.fract_transf_vector[1]      0.157396 
_atom_sites.fract_transf_vector[2]      0.401877 
_atom_sites.fract_transf_vector[3]      0.528570 
# 
loop_
_atom_type.symbol 
C 
N 
O 
S 
# 
loop_
_atom_site.group_PDB 
_atom_site.id 
_atom_site.type_symbol 
_atom_site.label_atom_id 
_atom_site.label_alt_id 
_atom_site.label_comp_id 
_atom_site.label_asym_id 
_atom_site.label_entity_id 
_atom_site.label_seq_id 
_atom_site.pdbx_PDB_ins_code 
_atom_site.Cartn_x 
_atom_site.Cartn_y 
_atom_site.Cartn_z 
_atom_site.occupancy 
_atom_site.B_iso_or_equiv 
_atom_site.pdbx_formal_charge 
_atom_site.auth_seq_id 
_atom_site.auth_comp_id 
_atom_site.auth_asym_id 
_atom_site.auth_atom_id 
_atom_site.pdbx_PDB_model_num 
ATOM   1    N N   . LEU A 1 25  ? -1.031  5.968   -6.728  1.00 35.61 ? 1832 LEU A N   1 
ATOM   2    C CA  . LEU A 1 25  ? -1.852  5.155   -5.758  1.00 27.71 ? 1832 LEU A CA  1 
ATOM   3    C C   . LEU A 1 25  ? -3.334  5.499   -5.826  1.00 28.89 ? 1832 LEU A C   1 
ATOM   4    O O   . LEU A 1 25  ? -3.711  6.641   -5.575  1.00 27.78 ? 1832 LEU A O   1 
ATOM   5    C CB  . LEU A 1 25  ? -1.375  5.347   -4.313  1.00 23.82 ? 1832 LEU A CB  1 
ATOM   6    C CG  . LEU A 1 25  ? -1.983  4.303   -3.360  1.00 28.42 ? 1832 LEU A CG  1 
ATOM   7    C CD1 . LEU A 1 25  ? -1.292  2.938   -3.420  1.00 28.57 ? 1832 LEU A CD1 1 
ATOM   8    C CD2 . LEU A 1 25  ? -2.080  4.801   -1.913  1.00 40.04 ? 1832 LEU A CD2 1 
ATOM   9    N N   . ARG A 1 26  ? -4.193  4.518   -6.117  1.00 19.37 ? 1833 ARG A N   1 
ATOM   10   C CA  . ARG A 1 26  ? -5.601  4.724   -6.160  1.00 19.08 ? 1833 ARG A CA  1 
ATOM   11   C C   . ARG A 1 26  ? -6.273  3.788   -5.180  1.00 20.15 ? 1833 ARG A C   1 
ATOM   12   O O   . ARG A 1 26  ? -5.848  2.637   -5.001  1.00 18.97 ? 1833 ARG A O   1 
ATOM   13   C CB  . ARG A 1 26  ? -6.169  4.454   -7.565  1.00 20.65 ? 1833 ARG A CB  1 
ATOM   14   C CG  . ARG A 1 26  ? -5.962  5.585   -8.559  1.00 26.76 ? 1833 ARG A CG  1 
ATOM   15   C CD  . ARG A 1 26  ? -6.136  5.069   -9.974  1.00 29.97 ? 1833 ARG A CD  1 
ATOM   16   N NE  . ARG A 1 26  ? -4.909  4.395   -10.397 1.00 24.29 ? 1833 ARG A NE  1 
ATOM   17   C CZ  . ARG A 1 26  ? -4.823  3.191   -10.957 1.00 26.25 ? 1833 ARG A CZ  1 
ATOM   18   N NH1 . ARG A 1 26  ? -5.892  2.478   -11.281 1.00 26.04 ? 1833 ARG A NH1 1 
ATOM   19   N NH2 . ARG A 1 26  ? -3.625  2.731   -11.257 1.00 26.59 ? 1833 ARG A NH2 1 
ATOM   20   N N   . THR A 1 27  ? -7.279  4.310   -4.495  1.00 18.36 ? 1834 THR A N   1 
ATOM   21   C CA  . THR A 1 27  ? -8.062  3.539   -3.542  1.00 18.44 ? 1834 THR A CA  1 
ATOM   22   C C   . THR A 1 27  ? -9.444  3.332   -4.108  1.00 24.71 ? 1834 THR A C   1 
ATOM   23   O O   . THR A 1 27  ? -10.100 4.287   -4.505  1.00 25.97 ? 1834 THR A O   1 
ATOM   24   C CB  . THR A 1 27  ? -8.161  4.287   -2.245  1.00 25.41 ? 1834 THR A CB  1 
ATOM   25   O OG1 . THR A 1 27  ? -6.838  4.424   -1.723  1.00 25.16 ? 1834 THR A OG1 1 
ATOM   26   C CG2 . THR A 1 27  ? -9.048  3.520   -1.274  1.00 24.07 ? 1834 THR A CG2 1 
ATOM   27   N N   . VAL A 1 28  ? -9.909  2.095   -4.108  1.00 21.34 ? 1835 VAL A N   1 
ATOM   28   C CA  . VAL A 1 28  ? -11.198 1.761   -4.716  1.00 23.77 ? 1835 VAL A CA  1 
ATOM   29   C C   . VAL A 1 28  ? -12.052 1.030   -3.699  1.00 25.92 ? 1835 VAL A C   1 
ATOM   30   O O   . VAL A 1 28  ? -11.537 0.239   -2.927  1.00 29.76 ? 1835 VAL A O   1 
ATOM   31   C CB  . VAL A 1 28  ? -10.958 0.905   -5.983  1.00 35.25 ? 1835 VAL A CB  1 
ATOM   32   C CG1 . VAL A 1 28  ? -12.119 0.981   -6.921  1.00 33.85 ? 1835 VAL A CG1 1 
ATOM   33   C CG2 . VAL A 1 28  ? -9.684  1.423   -6.721  1.00 35.98 ? 1835 VAL A CG2 1 
ATOM   34   N N   . GLU A 1 29  ? -13.340 1.342   -3.654  1.00 25.19 ? 1836 GLU A N   1 
ATOM   35   C CA  . GLU A 1 29  ? -14.316 0.642   -2.847  1.00 26.96 ? 1836 GLU A CA  1 
ATOM   36   C C   . GLU A 1 29  ? -15.293 -0.024  -3.833  1.00 36.60 ? 1836 GLU A C   1 
ATOM   37   O O   . GLU A 1 29  ? -15.841 0.657   -4.684  1.00 43.72 ? 1836 GLU A O   1 
ATOM   38   C CB  . GLU A 1 29  ? -15.053 1.659   -1.963  1.00 39.84 ? 1836 GLU A CB  1 
ATOM   39   C CG  . GLU A 1 29  ? -14.377 1.918   -0.635  1.00 46.69 ? 1836 GLU A CG  1 
ATOM   40   C CD  . GLU A 1 29  ? -14.678 0.830   0.367   1.00 71.48 ? 1836 GLU A CD  1 
ATOM   41   O OE1 . GLU A 1 29  ? -15.765 0.223   0.243   1.00 76.51 ? 1836 GLU A OE1 1 
ATOM   42   O OE2 . GLU A 1 29  ? -13.842 0.575   1.263   1.00 79.23 ? 1836 GLU A OE2 1 
ATOM   43   N N   . MET A 1 30  ? -15.455 -1.346  -3.780  1.00 28.08 ? 1837 MET A N   1 
ATOM   44   C CA  . MET A 1 30  ? -16.412 -2.029  -4.659  1.00 27.93 ? 1837 MET A CA  1 
ATOM   45   C C   . MET A 1 30  ? -17.389 -2.898  -3.860  1.00 25.42 ? 1837 MET A C   1 
ATOM   46   O O   . MET A 1 30  ? -17.020 -3.439  -2.835  1.00 30.96 ? 1837 MET A O   1 
ATOM   47   C CB  . MET A 1 30  ? -15.655 -2.928  -5.632  1.00 26.92 ? 1837 MET A CB  1 
ATOM   48   C CG  . MET A 1 30  ? -14.602 -2.202  -6.442  1.00 36.97 ? 1837 MET A CG  1 
ATOM   49   S SD  . MET A 1 30  ? -13.696 -3.434  -7.358  1.00 32.48 ? 1837 MET A SD  1 
ATOM   50   C CE  . MET A 1 30  ? -12.527 -3.990  -6.131  1.00 27.46 ? 1837 MET A CE  1 
ATOM   51   N N   . LYS A 1 31  ? -18.625 -3.032  -4.345  1.00 30.11 ? 1838 LYS A N   1 
ATOM   52   C CA  . LYS A 1 31  ? -19.596 -3.997  -3.800  1.00 25.96 ? 1838 LYS A CA  1 
ATOM   53   C C   . LYS A 1 31  ? -19.866 -5.057  -4.859  1.00 35.07 ? 1838 LYS A C   1 
ATOM   54   O O   . LYS A 1 31  ? -20.121 -4.705  -5.995  1.00 27.32 ? 1838 LYS A O   1 
ATOM   55   C CB  . LYS A 1 31  ? -20.895 -3.271  -3.454  1.00 35.20 ? 1838 LYS A CB  1 
ATOM   56   C CG  . LYS A 1 31  ? -20.714 -2.116  -2.461  1.00 38.82 ? 1838 LYS A CG  1 
ATOM   57   N N   . LYS A 1 32  ? -19.820 -6.354  -4.523  1.00 34.10 ? 1839 LYS A N   1 
ATOM   58   C CA  . LYS A 1 32  ? -19.961 -7.389  -5.581  1.00 37.71 ? 1839 LYS A CA  1 
ATOM   59   C C   . LYS A 1 32  ? -21.245 -7.315  -6.442  1.00 39.12 ? 1839 LYS A C   1 
ATOM   60   O O   . LYS A 1 32  ? -22.328 -6.928  -5.974  1.00 40.22 ? 1839 LYS A O   1 
ATOM   61   C CB  . LYS A 1 32  ? -19.810 -8.801  -4.995  1.00 36.74 ? 1839 LYS A CB  1 
ATOM   62   C CG  . LYS A 1 32  ? -18.366 -9.165  -4.714  1.00 27.16 ? 1839 LYS A CG  1 
ATOM   63   C CD  . LYS A 1 32  ? -18.224 -10.532 -4.115  1.00 33.56 ? 1839 LYS A CD  1 
ATOM   64   C CE  . LYS A 1 32  ? -16.778 -10.895 -4.055  1.00 27.56 ? 1839 LYS A CE  1 
ATOM   65   N NZ  . LYS A 1 32  ? -16.584 -12.215 -3.510  1.00 25.09 ? 1839 LYS A NZ  1 
ATOM   66   N N   . SER A 1 37  ? -19.509 -11.502 -8.208  1.00 25.69 ? 1844 SER A N   1 
ATOM   67   C CA  . SER A 1 37  ? -18.137 -11.386 -8.746  1.00 20.97 ? 1844 SER A CA  1 
ATOM   68   C C   . SER A 1 37  ? -17.654 -9.930  -8.857  1.00 16.93 ? 1844 SER A C   1 
ATOM   69   O O   . SER A 1 37  ? -18.447 -9.036  -9.107  1.00 24.68 ? 1844 SER A O   1 
ATOM   70   C CB  . SER A 1 37  ? -18.067 -12.051 -10.139 1.00 31.20 ? 1844 SER A CB  1 
ATOM   71   O OG  . SER A 1 37  ? -16.770 -11.923 -10.692 1.00 44.49 ? 1844 SER A OG  1 
ATOM   72   N N   . LEU A 1 38  ? -16.355 -9.702  -8.683  1.00 20.33 ? 1845 LEU A N   1 
ATOM   73   C CA  . LEU A 1 38  ? -15.793 -8.369  -8.929  1.00 20.08 ? 1845 LEU A CA  1 
ATOM   74   C C   . LEU A 1 38  ? -15.473 -8.140  -10.398 1.00 19.51 ? 1845 LEU A C   1 
ATOM   75   O O   . LEU A 1 38  ? -15.290 -7.015  -10.814 1.00 23.04 ? 1845 LEU A O   1 
ATOM   76   C CB  . LEU A 1 38  ? -14.515 -8.156  -8.137  1.00 21.75 ? 1845 LEU A CB  1 
ATOM   77   C CG  . LEU A 1 38  ? -14.707 -8.239  -6.623  1.00 25.66 ? 1845 LEU A CG  1 
ATOM   78   C CD1 . LEU A 1 38  ? -13.335 -8.332  -5.885  1.00 27.89 ? 1845 LEU A CD1 1 
ATOM   79   C CD2 . LEU A 1 38  ? -15.478 -7.042  -6.138  1.00 23.75 ? 1845 LEU A CD2 1 
ATOM   80   N N   . GLY A 1 39  ? -15.358 -9.202  -11.186 1.00 17.84 ? 1846 GLY A N   1 
ATOM   81   C CA  . GLY A 1 39  ? -15.102 -9.055  -12.586 1.00 18.16 ? 1846 GLY A CA  1 
ATOM   82   C C   . GLY A 1 39  ? -13.656 -8.678  -12.853 1.00 19.24 ? 1846 GLY A C   1 
ATOM   83   O O   . GLY A 1 39  ? -13.333 -7.884  -13.752 1.00 17.39 ? 1846 GLY A O   1 
ATOM   84   N N   . ILE A 1 40  ? -12.766 -9.249  -12.072 1.00 16.83 ? 1847 ILE A N   1 
ATOM   85   C CA  . ILE A 1 40  ? -11.338 -9.162  -12.405 1.00 15.61 ? 1847 ILE A CA  1 
ATOM   86   C C   . ILE A 1 40  ? -10.678 -10.518 -12.288 1.00 19.75 ? 1847 ILE A C   1 
ATOM   87   O O   . ILE A 1 40  ? -11.100 -11.381 -11.500 1.00 17.78 ? 1847 ILE A O   1 
ATOM   88   C CB  . ILE A 1 40  ? -10.581 -8.167  -11.524 1.00 21.24 ? 1847 ILE A CB  1 
ATOM   89   C CG1 . ILE A 1 40  ? -10.695 -8.508  -10.081 1.00 23.15 ? 1847 ILE A CG1 1 
ATOM   90   C CG2 . ILE A 1 40  ? -11.096 -6.755  -11.737 1.00 31.55 ? 1847 ILE A CG2 1 
ATOM   91   C CD1 . ILE A 1 40  ? -9.954  -7.456  -9.179  1.00 29.69 ? 1847 ILE A CD1 1 
ATOM   92   N N   . SER A 1 41  ? -9.581  -10.657 -13.042 1.00 13.64 ? 1848 SER A N   1 
ATOM   93   C CA  . SER A 1 41  ? -8.775  -11.843 -13.040 1.00 12.43 ? 1848 SER A CA  1 
ATOM   94   C C   . SER A 1 41  ? -7.437  -11.444 -12.469 1.00 14.40 ? 1848 SER A C   1 
ATOM   95   O O   . SER A 1 41  ? -6.807  -10.541 -13.023 1.00 16.97 ? 1848 SER A O   1 
ATOM   96   C CB  . SER A 1 41  ? -8.573  -12.352 -14.468 1.00 19.04 ? 1848 SER A CB  1 
ATOM   97   O OG  . SER A 1 41  ? -9.814  -12.829 -14.974 1.00 24.84 ? 1848 SER A OG  1 
ATOM   98   N N   . ILE A 1 42  ? -7.024  -12.077 -11.379 1.00 14.88 ? 1849 ILE A N   1 
ATOM   99   C CA  . ILE A 1 42  ? -5.773  -11.681 -10.731 1.00 14.17 ? 1849 ILE A CA  1 
ATOM   100  C C   . ILE A 1 42  ? -4.692  -12.720 -10.931 1.00 13.48 ? 1849 ILE A C   1 
ATOM   101  O O   . ILE A 1 42  ? -4.981  -13.923 -11.106 1.00 16.47 ? 1849 ILE A O   1 
ATOM   102  C CB  . ILE A 1 42  ? -5.915  -11.332 -9.257  1.00 20.08 ? 1849 ILE A CB  1 
ATOM   103  C CG1 . ILE A 1 42  ? -6.407  -12.513 -8.483  1.00 22.21 ? 1849 ILE A CG1 1 
ATOM   104  C CG2 . ILE A 1 42  ? -6.804  -10.012 -9.069  1.00 18.86 ? 1849 ILE A CG2 1 
ATOM   105  C CD1 . ILE A 1 42  ? -6.112  -12.407 -6.949  1.00 23.89 ? 1849 ILE A CD1 1 
ATOM   106  N N   . ALA A 1 43  ? -3.470  -12.224 -11.015 1.00 14.04 ? 1850 ALA A N   1 
ATOM   107  C CA  . ALA A 1 43  ? -2.300  -13.029 -11.271 1.00 14.05 ? 1850 ALA A CA  1 
ATOM   108  C C   . ALA A 1 43  ? -1.177  -12.577 -10.324 1.00 15.62 ? 1850 ALA A C   1 
ATOM   109  O O   . ALA A 1 43  ? -1.369  -11.684 -9.525  1.00 16.15 ? 1850 ALA A O   1 
ATOM   110  C CB  . ALA A 1 43  ? -1.867  -12.905 -12.719 1.00 13.79 ? 1850 ALA A CB  1 
ATOM   111  N N   . GLY A 1 44  ? -0.024  -13.218 -10.392 1.00 16.45 ? 1851 GLY A N   1 
ATOM   112  C CA  . GLY A 1 44  ? 1.106   -12.842 -9.550  1.00 15.50 ? 1851 GLY A CA  1 
ATOM   113  C C   . GLY A 1 44  ? 1.039   -13.432 -8.182  1.00 14.67 ? 1851 GLY A C   1 
ATOM   114  O O   . GLY A 1 44  ? 0.295   -14.361 -7.913  1.00 20.34 ? 1851 GLY A O   1 
ATOM   115  N N   . GLY A 1 45  ? 1.812   -12.831 -7.284  1.00 15.57 ? 1852 GLY A N   1 
ATOM   116  C CA  . GLY A 1 45  ? 1.919   -13.283 -5.929  1.00 15.83 ? 1852 GLY A CA  1 
ATOM   117  C C   . GLY A 1 45  ? 3.257   -13.930 -5.614  1.00 17.74 ? 1852 GLY A C   1 
ATOM   118  O O   . GLY A 1 45  ? 4.067   -14.216 -6.517  1.00 16.90 ? 1852 GLY A O   1 
ATOM   119  N N   . VAL A 1 46  ? 3.505   -14.127 -4.320  1.00 16.22 ? 1853 VAL A N   1 
ATOM   120  C CA  . VAL A 1 46  ? 4.636   -14.943 -3.859  1.00 14.17 ? 1853 VAL A CA  1 
ATOM   121  C C   . VAL A 1 46  ? 4.528   -16.337 -4.469  1.00 14.70 ? 1853 VAL A C   1 
ATOM   122  O O   . VAL A 1 46  ? 3.492   -16.959 -4.410  1.00 17.89 ? 1853 VAL A O   1 
ATOM   123  C CB  . VAL A 1 46  ? 4.655   -15.038 -2.295  1.00 19.11 ? 1853 VAL A CB  1 
ATOM   124  C CG1 . VAL A 1 46  ? 5.712   -16.028 -1.806  1.00 23.89 ? 1853 VAL A CG1 1 
ATOM   125  C CG2 . VAL A 1 46  ? 4.845   -13.639 -1.722  1.00 17.37 ? 1853 VAL A CG2 1 
ATOM   126  N N   . GLY A 1 47  ? 5.593   -16.818 -5.090  1.00 20.36 ? 1854 GLY A N   1 
ATOM   127  C CA  . GLY A 1 47  ? 5.596   -18.162 -5.585  1.00 20.27 ? 1854 GLY A CA  1 
ATOM   128  C C   . GLY A 1 47  ? 4.928   -18.310 -6.931  1.00 23.41 ? 1854 GLY A C   1 
ATOM   129  O O   . GLY A 1 47  ? 4.637   -19.461 -7.341  1.00 23.09 ? 1854 GLY A O   1 
ATOM   130  N N   . SER A 1 48  ? 4.689   -17.182 -7.617  1.00 17.95 ? 1855 SER A N   1 
ATOM   131  C CA  . SER A 1 48  ? 4.108   -17.208 -8.996  1.00 21.40 ? 1855 SER A CA  1 
ATOM   132  C C   . SER A 1 48  ? 5.075   -17.895 -9.951  1.00 20.73 ? 1855 SER A C   1 
ATOM   133  O O   . SER A 1 48  ? 6.260   -18.086 -9.648  1.00 19.15 ? 1855 SER A O   1 
ATOM   134  C CB  . SER A 1 48  ? 3.798   -15.776 -9.531  1.00 16.99 ? 1855 SER A CB  1 
ATOM   135  O OG  . SER A 1 48  ? 4.897   -15.247 -10.293 1.00 23.32 ? 1855 SER A OG  1 
ATOM   136  N N   . PRO A 1 49  ? 4.584   -18.248 -11.155 1.00 21.04 ? 1856 PRO A N   1 
ATOM   137  C CA  . PRO A 1 49  ? 5.526   -18.875 -12.119 1.00 23.81 ? 1856 PRO A CA  1 
ATOM   138  C C   . PRO A 1 49  ? 6.769   -18.049 -12.482 1.00 28.64 ? 1856 PRO A C   1 
ATOM   139  O O   . PRO A 1 49  ? 7.789   -18.631 -12.862 1.00 30.90 ? 1856 PRO A O   1 
ATOM   140  C CB  . PRO A 1 49  ? 4.651   -19.084 -13.356 1.00 23.86 ? 1856 PRO A CB  1 
ATOM   141  C CG  . PRO A 1 49  ? 3.245   -19.112 -12.841 1.00 24.50 ? 1856 PRO A CG  1 
ATOM   142  C CD  . PRO A 1 49  ? 3.216   -18.181 -11.669 1.00 21.57 ? 1856 PRO A CD  1 
ATOM   143  N N   . LEU A 1 50  ? 6.696   -16.722 -12.369 1.00 22.38 ? 1857 LEU A N   1 
ATOM   144  C CA  . LEU A 1 50  ? 7.837   -15.844 -12.631 1.00 22.65 ? 1857 LEU A CA  1 
ATOM   145  C C   . LEU A 1 50  ? 8.601   -15.454 -11.343 1.00 27.68 ? 1857 LEU A C   1 
ATOM   146  O O   . LEU A 1 50  ? 9.467   -14.587 -11.380 1.00 30.20 ? 1857 LEU A O   1 
ATOM   147  C CB  . LEU A 1 50  ? 7.367   -14.558 -13.327 1.00 27.24 ? 1857 LEU A CB  1 
ATOM   148  C CG  . LEU A 1 50  ? 6.966   -14.666 -14.800 1.00 45.73 ? 1857 LEU A CG  1 
ATOM   149  C CD1 . LEU A 1 50  ? 6.261   -13.417 -15.241 1.00 44.71 ? 1857 LEU A CD1 1 
ATOM   150  C CD2 . LEU A 1 50  ? 8.188   -14.914 -15.652 1.00 45.57 ? 1857 LEU A CD2 1 
ATOM   151  N N   . GLY A 1 51  ? 8.276   -16.086 -10.227 1.00 21.83 ? 1858 GLY A N   1 
ATOM   152  C CA  . GLY A 1 51  ? 8.933   -15.826 -8.964  1.00 22.58 ? 1858 GLY A CA  1 
ATOM   153  C C   . GLY A 1 51  ? 8.001   -14.937 -8.152  1.00 22.37 ? 1858 GLY A C   1 
ATOM   154  O O   . GLY A 1 51  ? 6.789   -14.926 -8.361  1.00 21.70 ? 1858 GLY A O   1 
ATOM   155  N N   . ASP A 1 52  ? 8.564   -14.226 -7.193  1.00 17.66 ? 1859 ASP A N   1 
ATOM   156  C CA  . ASP A 1 52  ? 7.718   -13.457 -6.263  1.00 18.14 ? 1859 ASP A CA  1 
ATOM   157  C C   . ASP A 1 52  ? 7.491   -12.131 -6.922  1.00 19.10 ? 1859 ASP A C   1 
ATOM   158  O O   . ASP A 1 52  ? 8.420   -11.296 -6.992  1.00 20.58 ? 1859 ASP A O   1 
ATOM   159  C CB  . ASP A 1 52  ? 8.462   -13.228 -4.934  1.00 19.97 ? 1859 ASP A CB  1 
ATOM   160  C CG  . ASP A 1 52  ? 8.722   -14.516 -4.187  1.00 25.34 ? 1859 ASP A CG  1 
ATOM   161  O OD1 . ASP A 1 52  ? 8.094   -15.550 -4.497  1.00 28.86 ? 1859 ASP A OD1 1 
ATOM   162  O OD2 . ASP A 1 52  ? 9.573   -14.509 -3.274  1.00 30.79 ? 1859 ASP A OD2 1 
ATOM   163  N N   . VAL A 1 53  ? 6.278   -11.951 -7.421  1.00 15.99 ? 1860 VAL A N   1 
ATOM   164  C CA  . VAL A 1 53  ? 5.890   -10.713 -8.046  1.00 16.66 ? 1860 VAL A CA  1 
ATOM   165  C C   . VAL A 1 53  ? 4.590   -10.193 -7.396  1.00 14.86 ? 1860 VAL A C   1 
ATOM   166  O O   . VAL A 1 53  ? 3.791   -10.948 -6.849  1.00 14.86 ? 1860 VAL A O   1 
ATOM   167  C CB  . VAL A 1 53  ? 5.721   -10.824 -9.591  1.00 22.12 ? 1860 VAL A CB  1 
ATOM   168  C CG1 . VAL A 1 53  ? 6.983   -11.408 -10.244 1.00 24.17 ? 1860 VAL A CG1 1 
ATOM   169  C CG2 . VAL A 1 53  ? 4.484   -11.613 -9.972  1.00 21.06 ? 1860 VAL A CG2 1 
ATOM   170  N N   . PRO A 1 54  ? 4.415   -8.869  -7.388  1.00 16.53 ? 1861 PRO A N   1 
ATOM   171  C CA  . PRO A 1 54  ? 3.182   -8.319  -6.873  1.00 15.92 ? 1861 PRO A CA  1 
ATOM   172  C C   . PRO A 1 54  ? 1.925   -8.883  -7.553  1.00 14.97 ? 1861 PRO A C   1 
ATOM   173  O O   . PRO A 1 54  ? 1.897   -9.125  -8.753  1.00 15.53 ? 1861 PRO A O   1 
ATOM   174  C CB  . PRO A 1 54  ? 3.294   -6.821  -7.223  1.00 17.97 ? 1861 PRO A CB  1 
ATOM   175  C CG  . PRO A 1 54  ? 4.734   -6.562  -7.200  1.00 17.39 ? 1861 PRO A CG  1 
ATOM   176  C CD  . PRO A 1 54  ? 5.373   -7.838  -7.759  1.00 17.31 ? 1861 PRO A CD  1 
ATOM   177  N N   . ILE A 1 55  ? 0.893   -9.072  -6.768  1.00 13.85 ? 1862 ILE A N   1 
ATOM   178  C CA  . ILE A 1 55  ? -0.449  -9.417  -7.296  1.00 12.56 ? 1862 ILE A CA  1 
ATOM   179  C C   . ILE A 1 55  ? -0.898  -8.358  -8.266  1.00 15.08 ? 1862 ILE A C   1 
ATOM   180  O O   . ILE A 1 55  ? -0.735  -7.183  -8.037  1.00 13.61 ? 1862 ILE A O   1 
ATOM   181  C CB  . ILE A 1 55  ? -1.461  -9.512  -6.127  1.00 13.97 ? 1862 ILE A CB  1 
ATOM   182  C CG1 . ILE A 1 55  ? -1.106  -10.614 -5.105  1.00 21.20 ? 1862 ILE A CG1 1 
ATOM   183  C CG2 . ILE A 1 55  ? -2.874  -9.672  -6.638  1.00 14.41 ? 1862 ILE A CG2 1 
ATOM   184  C CD1 . ILE A 1 55  ? -1.339  -12.026 -5.565  1.00 18.58 ? 1862 ILE A CD1 1 
ATOM   185  N N   . PHE A 1 56  ? -1.442  -8.765  -9.405  1.00 12.79 ? 1863 PHE A N   1 
ATOM   186  C CA  . PHE A 1 56  ? -1.813  -7.803  -10.443 1.00 10.59 ? 1863 PHE A CA  1 
ATOM   187  C C   . PHE A 1 56  ? -3.083  -8.195  -11.171 1.00 14.70 ? 1863 PHE A C   1 
ATOM   188  O O   . PHE A 1 56  ? -3.453  -9.367  -11.107 1.00 12.80 ? 1863 PHE A O   1 
ATOM   189  C CB  . PHE A 1 56  ? -0.690  -7.541  -11.447 1.00 12.99 ? 1863 PHE A CB  1 
ATOM   190  C CG  . PHE A 1 56  ? -0.330  -8.699  -12.327 1.00 14.34 ? 1863 PHE A CG  1 
ATOM   191  C CD1 . PHE A 1 56  ? -0.810  -8.772  -13.625 1.00 17.51 ? 1863 PHE A CD1 1 
ATOM   192  C CD2 . PHE A 1 56  ? 0.608   -9.617  -11.911 1.00 18.56 ? 1863 PHE A CD2 1 
ATOM   193  C CE1 . PHE A 1 56  ? -0.402  -9.821  -14.445 1.00 18.16 ? 1863 PHE A CE1 1 
ATOM   194  C CE2 . PHE A 1 56  ? 1.006   -10.639 -12.731 1.00 21.30 ? 1863 PHE A CE2 1 
ATOM   195  C CZ  . PHE A 1 56  ? 0.484   -10.720 -14.006 1.00 20.79 ? 1863 PHE A CZ  1 
ATOM   196  N N   . ILE A 1 57  ? -3.733  -7.195  -11.779 1.00 14.40 ? 1864 ILE A N   1 
ATOM   197  C CA  . ILE A 1 57  ? -4.933  -7.365  -12.614 1.00 11.66 ? 1864 ILE A CA  1 
ATOM   198  C C   . ILE A 1 57  ? -4.498  -7.742  -14.028 1.00 12.58 ? 1864 ILE A C   1 
ATOM   199  O O   . ILE A 1 57  ? -3.952  -6.929  -14.756 1.00 15.31 ? 1864 ILE A O   1 
ATOM   200  C CB  . ILE A 1 57  ? -5.853  -6.113  -12.626 1.00 12.97 ? 1864 ILE A CB  1 
ATOM   201  C CG1 . ILE A 1 57  ? -6.225  -5.759  -11.178 1.00 18.39 ? 1864 ILE A CG1 1 
ATOM   202  C CG2 . ILE A 1 57  ? -7.115  -6.417  -13.447 1.00 15.89 ? 1864 ILE A CG2 1 
ATOM   203  C CD1 . ILE A 1 57  ? -7.078  -4.508  -11.075 1.00 16.93 ? 1864 ILE A CD1 1 
ATOM   204  N N   . ALA A 1 58  ? -4.741  -9.003  -14.379 1.00 14.22 ? 1865 ALA A N   1 
ATOM   205  C CA  . ALA A 1 58  ? -4.360  -9.543  -15.709 1.00 14.19 ? 1865 ALA A CA  1 
ATOM   206  C C   . ALA A 1 58  ? -5.461  -9.394  -16.779 1.00 16.18 ? 1865 ALA A C   1 
ATOM   207  O O   . ALA A 1 58  ? -5.161  -9.318  -17.964 1.00 15.70 ? 1865 ALA A O   1 
ATOM   208  C CB  . ALA A 1 58  ? -3.964  -11.011 -15.595 1.00 13.61 ? 1865 ALA A CB  1 
ATOM   209  N N   . MET A 1 59  ? -6.720  -9.337  -16.352 1.00 14.99 ? 1866 MET A N   1 
ATOM   210  C CA  . MET A 1 59  ? -7.898  -9.138  -17.210 1.00 13.91 ? 1866 MET A CA  1 
ATOM   211  C C   . MET A 1 59  ? -9.032  -8.542  -16.361 1.00 16.03 ? 1866 MET A C   1 
ATOM   212  O O   . MET A 1 59  ? -9.005  -8.624  -15.108 1.00 14.41 ? 1866 MET A O   1 
ATOM   213  C CB  . MET A 1 59  ? -8.399  -10.465 -17.782 1.00 16.01 ? 1866 MET A CB  1 
ATOM   214  C CG  . MET A 1 59  ? -7.438  -11.125 -18.750 1.00 28.13 ? 1866 MET A CG  1 
ATOM   215  S SD  . MET A 1 59  ? -8.255  -12.531 -19.580 1.00 31.56 ? 1866 MET A SD  1 
ATOM   216  C CE  . MET A 1 59  ? -8.526  -13.599 -18.202 1.00 34.37 ? 1866 MET A CE  1 
ATOM   217  N N   . MET A 1 60  ? -10.028 -7.986  -17.043 1.00 16.25 ? 1867 MET A N   1 
ATOM   218  C CA  . MET A 1 60  ? -11.186 -7.419  -16.341 1.00 17.24 ? 1867 MET A CA  1 
ATOM   219  C C   . MET A 1 60  ? -12.385 -7.719  -17.227 1.00 20.21 ? 1867 MET A C   1 
ATOM   220  O O   . MET A 1 60  ? -12.305 -7.538  -18.438 1.00 20.55 ? 1867 MET A O   1 
ATOM   221  C CB  . MET A 1 60  ? -11.043 -5.914  -16.153 1.00 24.43 ? 1867 MET A CB  1 
ATOM   222  C CG  . MET A 1 60  ? -10.205 -5.508  -14.957 1.00 34.73 ? 1867 MET A CG  1 
ATOM   223  S SD  . MET A 1 60  ? -10.134 -3.690  -14.713 1.00 35.79 ? 1867 MET A SD  1 
ATOM   224  C CE  . MET A 1 60  ? -11.766 -3.373  -14.998 1.00 20.53 ? 1867 MET A CE  1 
ATOM   225  N N   . HIS A 1 61  ? -13.475 -8.185  -16.630 1.00 17.63 ? 1868 HIS A N   1 
ATOM   226  C CA  . HIS A 1 61  ? -14.721 -8.350  -17.363 1.00 13.34 ? 1868 HIS A CA  1 
ATOM   227  C C   . HIS A 1 61  ? -15.224 -6.990  -17.795 1.00 16.03 ? 1868 HIS A C   1 
ATOM   228  O O   . HIS A 1 61  ? -15.323 -6.067  -16.972 1.00 17.23 ? 1868 HIS A O   1 
ATOM   229  C CB  . HIS A 1 61  ? -15.763 -9.023  -16.462 1.00 14.25 ? 1868 HIS A CB  1 
ATOM   230  C CG  . HIS A 1 61  ? -17.017 -9.399  -17.182 1.00 27.53 ? 1868 HIS A CG  1 
ATOM   231  N ND1 . HIS A 1 61  ? -17.093 -10.507 -18.004 1.00 49.42 ? 1868 HIS A ND1 1 
ATOM   232  C CD2 . HIS A 1 61  ? -18.246 -8.822  -17.212 1.00 34.26 ? 1868 HIS A CD2 1 
ATOM   233  C CE1 . HIS A 1 61  ? -18.314 -10.594 -18.508 1.00 40.07 ? 1868 HIS A CE1 1 
ATOM   234  N NE2 . HIS A 1 61  ? -19.031 -9.581  -18.047 1.00 36.39 ? 1868 HIS A NE2 1 
ATOM   235  N N   . PRO A 1 62  ? -15.590 -6.825  -19.076 1.00 14.33 ? 1869 PRO A N   1 
ATOM   236  C CA  . PRO A 1 62  ? -15.926 -5.470  -19.549 1.00 14.47 ? 1869 PRO A CA  1 
ATOM   237  C C   . PRO A 1 62  ? -17.089 -4.751  -18.804 1.00 16.76 ? 1869 PRO A C   1 
ATOM   238  O O   . PRO A 1 62  ? -17.066 -3.512  -18.701 1.00 18.24 ? 1869 PRO A O   1 
ATOM   239  C CB  . PRO A 1 62  ? -16.308 -5.693  -21.028 1.00 23.37 ? 1869 PRO A CB  1 
ATOM   240  C CG  . PRO A 1 62  ? -15.704 -6.982  -21.388 1.00 27.00 ? 1869 PRO A CG  1 
ATOM   241  C CD  . PRO A 1 62  ? -15.712 -7.826  -20.157 1.00 21.94 ? 1869 PRO A CD  1 
ATOM   242  N N   . THR A 1 63  ? -18.072 -5.514  -18.330 1.00 15.81 ? 1870 THR A N   1 
ATOM   243  C CA  . THR A 1 63  ? -19.262 -4.956  -17.675 1.00 16.75 ? 1870 THR A CA  1 
ATOM   244  C C   . THR A 1 63  ? -19.344 -5.261  -16.193 1.00 20.83 ? 1870 THR A C   1 
ATOM   245  O O   . THR A 1 63  ? -20.359 -4.989  -15.556 1.00 18.99 ? 1870 THR A O   1 
ATOM   246  C CB  . THR A 1 63  ? -20.555 -5.455  -18.342 1.00 18.02 ? 1870 THR A CB  1 
ATOM   247  O OG1 . THR A 1 63  ? -20.549 -6.887  -18.296 1.00 22.91 ? 1870 THR A OG1 1 
ATOM   248  C CG2 . THR A 1 63  ? -20.645 -4.961  -19.793 1.00 23.85 ? 1870 THR A CG2 1 
ATOM   249  N N   . GLY A 1 64  ? -18.264 -5.790  -15.626 1.00 18.36 ? 1871 GLY A N   1 
ATOM   250  C CA  . GLY A 1 64  ? -18.246 -6.129  -14.215 1.00 16.51 ? 1871 GLY A CA  1 
ATOM   251  C C   . GLY A 1 64  ? -18.150 -4.928  -13.282 1.00 13.69 ? 1871 GLY A C   1 
ATOM   252  O O   . GLY A 1 64  ? -17.936 -3.779  -13.707 1.00 16.75 ? 1871 GLY A O   1 
ATOM   253  N N   . VAL A 1 65  ? -18.144 -5.236  -11.983 1.00 17.77 ? 1872 VAL A N   1 
ATOM   254  C CA  . VAL A 1 65  ? -18.094 -4.191  -10.931 1.00 17.76 ? 1872 VAL A CA  1 
ATOM   255  C C   . VAL A 1 65  ? -16.813 -3.377  -10.988 1.00 16.52 ? 1872 VAL A C   1 
ATOM   256  O O   . VAL A 1 65  ? -16.829 -2.148  -10.876 1.00 18.49 ? 1872 VAL A O   1 
ATOM   257  C CB  . VAL A 1 65  ? -18.272 -4.832  -9.537  1.00 29.05 ? 1872 VAL A CB  1 
ATOM   258  C CG1 . VAL A 1 65  ? -17.921 -3.858  -8.466  1.00 32.05 ? 1872 VAL A CG1 1 
ATOM   259  C CG2 . VAL A 1 65  ? -19.715 -5.294  -9.358  1.00 25.85 ? 1872 VAL A CG2 1 
ATOM   260  N N   . ALA A 1 66  ? -15.684 -4.039  -11.231 1.00 16.96 ? 1873 ALA A N   1 
ATOM   261  C CA  . ALA A 1 66  ? -14.378 -3.347  -11.342 1.00 16.77 ? 1873 ALA A CA  1 
ATOM   262  C C   . ALA A 1 66  ? -14.387 -2.359  -12.489 1.00 17.87 ? 1873 ALA A C   1 
ATOM   263  O O   . ALA A 1 66  ? -13.928 -1.229  -12.360 1.00 18.43 ? 1873 ALA A O   1 
ATOM   264  C CB  . ALA A 1 66  ? -13.221 -4.374  -11.480 1.00 23.49 ? 1873 ALA A CB  1 
ATOM   265  N N   . ALA A 1 67  ? -14.934 -2.791  -13.632 1.00 13.48 ? 1874 ALA A N   1 
ATOM   266  C CA  . ALA A 1 67  ? -15.037 -1.937  -14.789 1.00 14.32 ? 1874 ALA A CA  1 
ATOM   267  C C   . ALA A 1 67  ? -15.903 -0.724  -14.486 1.00 15.89 ? 1874 ALA A C   1 
ATOM   268  O O   . ALA A 1 67  ? -15.594 0.385   -14.885 1.00 18.61 ? 1874 ALA A O   1 
ATOM   269  C CB  . ALA A 1 67  ? -15.570 -2.683  -16.029 1.00 15.94 ? 1874 ALA A CB  1 
ATOM   270  N N   . GLN A 1 68  ? -16.988 -0.961  -13.774 1.00 15.40 ? 1875 GLN A N   1 
ATOM   271  C CA  . GLN A 1 68  ? -17.898 0.126   -13.461 1.00 17.22 ? 1875 GLN A CA  1 
ATOM   272  C C   . GLN A 1 68  ? -17.291 1.178   -12.585 1.00 17.03 ? 1875 GLN A C   1 
ATOM   273  O O   . GLN A 1 68  ? -17.720 2.328   -12.639 1.00 18.63 ? 1875 GLN A O   1 
ATOM   274  C CB  . GLN A 1 68  ? -19.157 -0.427  -12.835 1.00 20.71 ? 1875 GLN A CB  1 
ATOM   275  C CG  . GLN A 1 68  ? -20.026 -1.238  -13.801 1.00 16.13 ? 1875 GLN A CG  1 
ATOM   276  C CD  . GLN A 1 68  ? -21.084 -1.977  -13.082 1.00 23.97 ? 1875 GLN A CD  1 
ATOM   277  O OE1 . GLN A 1 68  ? -21.673 -1.440  -12.152 1.00 21.38 ? 1875 GLN A OE1 1 
ATOM   278  N NE2 . GLN A 1 68  ? -21.329 -3.231  -13.459 1.00 16.58 ? 1875 GLN A NE2 1 
ATOM   279  N N   . THR A 1 69  ? -16.274 0.824   -11.785 1.00 17.89 ? 1876 THR A N   1 
ATOM   280  C CA  . THR A 1 69  ? -15.608 1.869   -10.943 1.00 17.50 ? 1876 THR A CA  1 
ATOM   281  C C   . THR A 1 69  ? -14.933 2.964   -11.765 1.00 19.23 ? 1876 THR A C   1 
ATOM   282  O O   . THR A 1 69  ? -14.830 4.106   -11.329 1.00 22.46 ? 1876 THR A O   1 
ATOM   283  C CB  . THR A 1 69  ? -14.568 1.273   -9.989  1.00 17.30 ? 1876 THR A CB  1 
ATOM   284  O OG1 . THR A 1 69  ? -13.403 0.867   -10.732 1.00 19.22 ? 1876 THR A OG1 1 
ATOM   285  C CG2 . THR A 1 69  ? -15.128 0.139   -9.156  1.00 23.30 ? 1876 THR A CG2 1 
ATOM   286  N N   . GLN A 1 70  ? -14.473 2.617   -12.966 1.00 15.89 ? 1877 GLN A N   1 
ATOM   287  C CA  . GLN A 1 70  ? -13.673 3.492   -13.817 1.00 20.57 ? 1877 GLN A CA  1 
ATOM   288  C C   . GLN A 1 70  ? -12.411 3.991   -13.141 1.00 19.44 ? 1877 GLN A C   1 
ATOM   289  O O   . GLN A 1 70  ? -11.834 5.031   -13.505 1.00 24.70 ? 1877 GLN A O   1 
ATOM   290  C CB  . GLN A 1 70  ? -14.564 4.624   -14.419 1.00 21.68 ? 1877 GLN A CB  1 
ATOM   291  C CG  . GLN A 1 70  ? -15.658 4.069   -15.346 1.00 22.10 ? 1877 GLN A CG  1 
ATOM   292  C CD  . GLN A 1 70  ? -15.131 3.645   -16.676 1.00 36.64 ? 1877 GLN A CD  1 
ATOM   293  O OE1 . GLN A 1 70  ? -14.818 4.476   -17.530 1.00 35.73 ? 1877 GLN A OE1 1 
ATOM   294  N NE2 . GLN A 1 70  ? -15.048 2.342   -16.881 1.00 28.65 ? 1877 GLN A NE2 1 
ATOM   295  N N   . LYS A 1 71  ? -11.935 3.212   -12.180 1.00 17.83 ? 1878 LYS A N   1 
ATOM   296  C CA  . LYS A 1 71  ? -10.728 3.541   -11.406 1.00 18.18 ? 1878 LYS A CA  1 
ATOM   297  C C   . LYS A 1 71  ? -9.732  2.404   -11.350 1.00 22.54 ? 1878 LYS A C   1 
ATOM   298  O O   . LYS A 1 71  ? -8.713  2.567   -10.728 1.00 31.25 ? 1878 LYS A O   1 
ATOM   299  C CB  . LYS A 1 71  ? -11.065 3.904   -9.955  1.00 25.29 ? 1878 LYS A CB  1 
ATOM   300  C CG  . LYS A 1 71  ? -12.133 4.973   -9.768  1.00 31.44 ? 1878 LYS A CG  1 
ATOM   301  N N   . LEU A 1 72  ? -10.047 1.243   -11.939 1.00 19.59 ? 1879 LEU A N   1 
ATOM   302  C CA  . LEU A 1 72  ? -9.091  0.123   -11.998 1.00 18.90 ? 1879 LEU A CA  1 
ATOM   303  C C   . LEU A 1 72  ? -8.751  -0.129  -13.444 1.00 20.47 ? 1879 LEU A C   1 
ATOM   304  O O   . LEU A 1 72  ? -9.595  0.069   -14.307 1.00 22.66 ? 1879 LEU A O   1 
ATOM   305  C CB  . LEU A 1 72  ? -9.683  -1.117  -11.381 1.00 19.34 ? 1879 LEU A CB  1 
ATOM   306  C CG  . LEU A 1 72  ? -10.048 -1.049  -9.919  1.00 22.67 ? 1879 LEU A CG  1 
ATOM   307  C CD1 . LEU A 1 72  ? -10.882 -2.275  -9.575  1.00 22.71 ? 1879 LEU A CD1 1 
ATOM   308  C CD2 . LEU A 1 72  ? -8.756  -0.993  -9.115  1.00 20.47 ? 1879 LEU A CD2 1 
ATOM   309  N N   . ARG A 1 73  ? -7.516  -0.546  -13.696 1.00 21.76 ? 1880 ARG A N   1 
ATOM   310  C CA  . ARG A 1 73  ? -7.042  -0.802  -15.048 1.00 20.04 ? 1880 ARG A CA  1 
ATOM   311  C C   . ARG A 1 73  ? -6.323  -2.153  -15.063 1.00 16.28 ? 1880 ARG A C   1 
ATOM   312  O O   . ARG A 1 73  ? -5.666  -2.566  -14.093 1.00 16.86 ? 1880 ARG A O   1 
ATOM   313  C CB  . ARG A 1 73  ? -6.038  0.262   -15.462 1.00 21.75 ? 1880 ARG A CB  1 
ATOM   314  C CG  . ARG A 1 73  ? -6.580  1.714   -15.584 1.00 32.84 ? 1880 ARG A CG  1 
ATOM   315  N N   . VAL A 1 74  ? -6.455  -2.847  -16.186 1.00 18.05 ? 1881 VAL A N   1 
ATOM   316  C CA  . VAL A 1 74  ? -5.602  -3.989  -16.401 1.00 16.89 ? 1881 VAL A CA  1 
ATOM   317  C C   . VAL A 1 74  ? -4.151  -3.527  -16.316 1.00 16.98 ? 1881 VAL A C   1 
ATOM   318  O O   . VAL A 1 74  ? -3.774  -2.463  -16.836 1.00 19.89 ? 1881 VAL A O   1 
ATOM   319  C CB  . VAL A 1 74  ? -5.949  -4.690  -17.739 1.00 18.64 ? 1881 VAL A CB  1 
ATOM   320  C CG1 . VAL A 1 74  ? -4.933  -5.693  -18.079 1.00 20.60 ? 1881 VAL A CG1 1 
ATOM   321  C CG2 . VAL A 1 74  ? -7.323  -5.365  -17.667 1.00 19.60 ? 1881 VAL A CG2 1 
ATOM   322  N N   . GLY A 1 75  ? -3.358  -4.306  -15.627 1.00 14.31 ? 1882 GLY A N   1 
ATOM   323  C CA  . GLY A 1 75  ? -1.966  -3.995  -15.320 1.00 17.72 ? 1882 GLY A CA  1 
ATOM   324  C C   . GLY A 1 75  ? -1.726  -3.359  -13.969 1.00 16.26 ? 1882 GLY A C   1 
ATOM   325  O O   . GLY A 1 75  ? -0.568  -3.212  -13.544 1.00 18.48 ? 1882 GLY A O   1 
ATOM   326  N N   . ASP A 1 76  ? -2.795  -2.931  -13.292 1.00 14.44 ? 1883 ASP A N   1 
ATOM   327  C CA  . ASP A 1 76  ? -2.635  -2.413  -11.928 1.00 14.67 ? 1883 ASP A CA  1 
ATOM   328  C C   . ASP A 1 76  ? -2.067  -3.488  -11.047 1.00 15.30 ? 1883 ASP A C   1 
ATOM   329  O O   . ASP A 1 76  ? -2.469  -4.679  -11.144 1.00 15.25 ? 1883 ASP A O   1 
ATOM   330  C CB  . ASP A 1 76  ? -3.983  -1.951  -11.364 1.00 17.87 ? 1883 ASP A CB  1 
ATOM   331  C CG  . ASP A 1 76  ? -4.423  -0.614  -11.892 1.00 24.10 ? 1883 ASP A CG  1 
ATOM   332  O OD1 . ASP A 1 76  ? -3.633  0.064   -12.575 1.00 23.33 ? 1883 ASP A OD1 1 
ATOM   333  O OD2 . ASP A 1 76  ? -5.606  -0.251  -11.648 1.00 21.90 ? 1883 ASP A OD2 1 
ATOM   334  N N   . ARG A 1 77  ? -1.180  -3.071  -10.133 1.00 14.58 ? 1884 ARG A N   1 
ATOM   335  C CA  . ARG A 1 77  ? -0.641  -3.966  -9.091  1.00 13.22 ? 1884 ARG A CA  1 
ATOM   336  C C   . ARG A 1 77  ? -1.377  -3.650  -7.795  1.00 15.50 ? 1884 ARG A C   1 
ATOM   337  O O   . ARG A 1 77  ? -1.622  -2.476  -7.490  1.00 16.81 ? 1884 ARG A O   1 
ATOM   338  C CB  . ARG A 1 77  ? 0.871   -3.829  -8.956  1.00 16.92 ? 1884 ARG A CB  1 
ATOM   339  C CG  . ARG A 1 77  ? 1.632   -4.846  -9.817  1.00 13.71 ? 1884 ARG A CG  1 
ATOM   340  C CD  . ARG A 1 77  ? 1.386   -4.610  -11.266 1.00 18.83 ? 1884 ARG A CD  1 
ATOM   341  N NE  . ARG A 1 77  ? 2.229   -5.554  -12.003 1.00 16.49 ? 1884 ARG A NE  1 
ATOM   342  C CZ  . ARG A 1 77  ? 2.460   -5.437  -13.303 1.00 23.14 ? 1884 ARG A CZ  1 
ATOM   343  N NH1 . ARG A 1 77  ? 1.845   -4.519  -14.035 1.00 18.81 ? 1884 ARG A NH1 1 
ATOM   344  N NH2 . ARG A 1 77  ? 3.283   -6.300  -13.872 1.00 22.97 ? 1884 ARG A NH2 1 
ATOM   345  N N   . ILE A 1 78  ? -1.765  -4.708  -7.077  1.00 13.48 ? 1885 ILE A N   1 
ATOM   346  C CA  . ILE A 1 78  ? -2.625  -4.571  -5.903  1.00 12.97 ? 1885 ILE A CA  1 
ATOM   347  C C   . ILE A 1 78  ? -1.763  -4.521  -4.662  1.00 14.96 ? 1885 ILE A C   1 
ATOM   348  O O   . ILE A 1 78  ? -1.073  -5.468  -4.303  1.00 15.54 ? 1885 ILE A O   1 
ATOM   349  C CB  . ILE A 1 78  ? -3.686  -5.670  -5.838  1.00 14.17 ? 1885 ILE A CB  1 
ATOM   350  C CG1 . ILE A 1 78  ? -4.531  -5.728  -7.121  1.00 15.20 ? 1885 ILE A CG1 1 
ATOM   351  C CG2 . ILE A 1 78  ? -4.521  -5.476  -4.522  1.00 16.86 ? 1885 ILE A CG2 1 
ATOM   352  C CD1 . ILE A 1 78  ? -5.501  -6.911  -7.232  1.00 19.22 ? 1885 ILE A CD1 1 
ATOM   353  N N   . VAL A 1 79  ? -1.813  -3.387  -3.960  1.00 14.06 ? 1886 VAL A N   1 
ATOM   354  C CA  . VAL A 1 79  ? -0.996  -3.113  -2.804  1.00 13.81 ? 1886 VAL A CA  1 
ATOM   355  C C   . VAL A 1 79  ? -1.680  -3.546  -1.496  1.00 13.18 ? 1886 VAL A C   1 
ATOM   356  O O   . VAL A 1 79  ? -1.013  -4.053  -0.597  1.00 12.90 ? 1886 VAL A O   1 
ATOM   357  C CB  . VAL A 1 79  ? -0.664  -1.583  -2.702  1.00 15.66 ? 1886 VAL A CB  1 
ATOM   358  C CG1 . VAL A 1 79  ? 0.170   -1.319  -1.454  1.00 21.20 ? 1886 VAL A CG1 1 
ATOM   359  C CG2 . VAL A 1 79  ? 0.035   -1.123  -3.964  1.00 17.97 ? 1886 VAL A CG2 1 
ATOM   360  N N   . THR A 1 80  ? -2.991  -3.332  -1.432  1.00 14.40 ? 1887 THR A N   1 
ATOM   361  C CA  . THR A 1 80  ? -3.814  -3.798  -0.332  1.00 12.28 ? 1887 THR A CA  1 
ATOM   362  C C   . THR A 1 80  ? -5.157  -4.333  -0.815  1.00 14.30 ? 1887 THR A C   1 
ATOM   363  O O   . THR A 1 80  ? -5.719  -3.857  -1.821  1.00 13.95 ? 1887 THR A O   1 
ATOM   364  C CB  . THR A 1 80  ? -4.109  -2.664  0.726   1.00 16.20 ? 1887 THR A CB  1 
ATOM   365  O OG1 . THR A 1 80  ? -5.001  -1.702  0.175   1.00 17.43 ? 1887 THR A OG1 1 
ATOM   366  C CG2 . THR A 1 80  ? -2.779  -2.018  1.251   1.00 15.21 ? 1887 THR A CG2 1 
ATOM   367  N N   . ILE A 1 81  ? -5.665  -5.316  -0.068  1.00 15.37 ? 1888 ILE A N   1 
ATOM   368  C CA  . ILE A 1 81  ? -6.964  -5.873  -0.256  1.00 12.70 ? 1888 ILE A CA  1 
ATOM   369  C C   . ILE A 1 81  ? -7.665  -5.932  1.132   1.00 13.65 ? 1888 ILE A C   1 
ATOM   370  O O   . ILE A 1 81  ? -7.064  -6.442  2.080   1.00 14.50 ? 1888 ILE A O   1 
ATOM   371  C CB  . ILE A 1 81  ? -6.916  -7.293  -0.811  1.00 18.86 ? 1888 ILE A CB  1 
ATOM   372  C CG1 . ILE A 1 81  ? -6.249  -7.319  -2.198  1.00 20.81 ? 1888 ILE A CG1 1 
ATOM   373  C CG2 . ILE A 1 81  ? -8.349  -7.892  -0.870  1.00 21.43 ? 1888 ILE A CG2 1 
ATOM   374  C CD1 . ILE A 1 81  ? -5.836  -8.782  -2.700  1.00 20.12 ? 1888 ILE A CD1 1 
ATOM   375  N N   . CYS A 1 82  ? -8.891  -5.443  1.215   1.00 18.60 ? 1889 CYS A N   1 
ATOM   376  C CA  . CYS A 1 82  ? -9.668  -5.492  2.474   1.00 17.77 ? 1889 CYS A CA  1 
ATOM   377  C C   . CYS A 1 82  ? -8.860  -4.947  3.648   1.00 16.35 ? 1889 CYS A C   1 
ATOM   378  O O   . CYS A 1 82  ? -8.867  -5.506  4.776   1.00 22.42 ? 1889 CYS A O   1 
ATOM   379  C CB  . CYS A 1 82  ? -10.069 -6.901  2.788   1.00 19.38 ? 1889 CYS A CB  1 
ATOM   380  S SG  . CYS A 1 82  ? -11.267 -7.490  1.558   1.00 33.32 ? 1889 CYS A SG  1 
ATOM   381  N N   . GLY A 1 83  ? -8.137  -3.892  3.348   1.00 13.66 ? 1890 GLY A N   1 
ATOM   382  C CA  . GLY A 1 83  ? -7.353  -3.151  4.323   1.00 17.97 ? 1890 GLY A CA  1 
ATOM   383  C C   . GLY A 1 83  ? -6.074  -3.797  4.833   1.00 17.10 ? 1890 GLY A C   1 
ATOM   384  O O   . GLY A 1 83  ? -5.528  -3.317  5.830   1.00 15.39 ? 1890 GLY A O   1 
ATOM   385  N N   . THR A 1 84  ? -5.555  -4.832  4.145   1.00 13.13 ? 1891 THR A N   1 
ATOM   386  C CA  . THR A 1 84  ? -4.368  -5.507  4.536   1.00 16.04 ? 1891 THR A CA  1 
ATOM   387  C C   . THR A 1 84  ? -3.415  -5.551  3.355   1.00 19.01 ? 1891 THR A C   1 
ATOM   388  O O   . THR A 1 84  ? -3.844  -5.671  2.209   1.00 15.25 ? 1891 THR A O   1 
ATOM   389  C CB  . THR A 1 84  ? -4.655  -6.926  5.044   1.00 25.63 ? 1891 THR A CB  1 
ATOM   390  O OG1 . THR A 1 84  ? -5.128  -7.747  3.964   1.00 30.58 ? 1891 THR A OG1 1 
ATOM   391  C CG2 . THR A 1 84  ? -5.750  -6.901  6.107   1.00 21.75 ? 1891 THR A CG2 1 
ATOM   392  N N   . SER A 1 85  ? -2.130  -5.528  3.668   1.00 15.15 ? 1892 SER A N   1 
ATOM   393  C CA  . SER A 1 85  ? -1.095  -5.556  2.658   1.00 15.56 ? 1892 SER A CA  1 
ATOM   394  C C   . SER A 1 85  ? -1.049  -6.869  1.872   1.00 13.09 ? 1892 SER A C   1 
ATOM   395  O O   . SER A 1 85  ? -1.176  -7.925  2.476   1.00 16.75 ? 1892 SER A O   1 
ATOM   396  C CB  . SER A 1 85  ? 0.264   -5.324  3.298   1.00 18.69 ? 1892 SER A CB  1 
ATOM   397  O OG  . SER A 1 85  ? 1.255   -5.281  2.305   1.00 24.34 ? 1892 SER A OG  1 
ATOM   398  N N   . THR A 1 86  ? -0.754  -6.775  0.570   1.00 14.63 ? 1893 THR A N   1 
ATOM   399  C CA  . THR A 1 86  ? -0.526  -7.989  -0.228  1.00 15.73 ? 1893 THR A CA  1 
ATOM   400  C C   . THR A 1 86  ? 0.920   -8.496  -0.163  1.00 20.40 ? 1893 THR A C   1 
ATOM   401  O O   . THR A 1 86  ? 1.235   -9.538  -0.758  1.00 19.48 ? 1893 THR A O   1 
ATOM   402  C CB  . THR A 1 86  ? -0.904  -7.782  -1.689  1.00 15.13 ? 1893 THR A CB  1 
ATOM   403  O OG1 . THR A 1 86  ? -0.056  -6.775  -2.272  1.00 15.38 ? 1893 THR A OG1 1 
ATOM   404  C CG2 . THR A 1 86  ? -2.395  -7.451  -1.841  1.00 14.76 ? 1893 THR A CG2 1 
ATOM   405  N N   . GLU A 1 87  ? 1.807   -7.729  0.449   1.00 19.29 ? 1894 GLU A N   1 
ATOM   406  C CA  . GLU A 1 87  ? 3.184   -8.175  0.755   1.00 23.33 ? 1894 GLU A CA  1 
ATOM   407  C C   . GLU A 1 87  ? 3.142   -9.571  1.352   1.00 20.20 ? 1894 GLU A C   1 
ATOM   408  O O   . GLU A 1 87  ? 2.528   -9.832  2.402   1.00 24.11 ? 1894 GLU A O   1 
ATOM   409  C CB  . GLU A 1 87  ? 3.863   -7.256  1.789   1.00 27.38 ? 1894 GLU A CB  1 
ATOM   410  C CG  . GLU A 1 87  ? 4.687   -6.171  1.176   1.00 42.43 ? 1894 GLU A CG  1 
ATOM   411  C CD  . GLU A 1 87  ? 5.893   -6.709  0.444   1.00 31.94 ? 1894 GLU A CD  1 
ATOM   412  O OE1 . GLU A 1 87  ? 6.704   -7.436  1.077   1.00 53.03 ? 1894 GLU A OE1 1 
ATOM   413  O OE2 . GLU A 1 87  ? 6.002   -6.410  -0.769  1.00 61.01 ? 1894 GLU A OE2 1 
ATOM   414  N N   . GLY A 1 88  ? 3.789   -10.487 0.669   1.00 24.11 ? 1895 GLY A N   1 
ATOM   415  C CA  . GLY A 1 88  ? 3.892   -11.817 1.217   1.00 22.12 ? 1895 GLY A CA  1 
ATOM   416  C C   . GLY A 1 88  ? 2.749   -12.740 0.894   1.00 18.97 ? 1895 GLY A C   1 
ATOM   417  O O   . GLY A 1 88  ? 2.841   -13.945 1.210   1.00 24.94 ? 1895 GLY A O   1 
ATOM   418  N N   . MET A 1 89  ? 1.700   -12.232 0.218   1.00 14.77 ? 1896 MET A N   1 
ATOM   419  C CA  . MET A 1 89  ? 0.591   -13.062 -0.175  1.00 14.46 ? 1896 MET A CA  1 
ATOM   420  C C   . MET A 1 89  ? 0.902   -13.912 -1.390  1.00 16.07 ? 1896 MET A C   1 
ATOM   421  O O   . MET A 1 89  ? 1.441   -13.416 -2.377  1.00 15.78 ? 1896 MET A O   1 
ATOM   422  C CB  . MET A 1 89  ? -0.666  -12.249 -0.555  1.00 21.76 ? 1896 MET A CB  1 
ATOM   423  C CG  . MET A 1 89  ? -1.556  -11.872 0.556   1.00 27.43 ? 1896 MET A CG  1 
ATOM   424  S SD  . MET A 1 89  ? -3.052  -11.065 -0.054  1.00 22.30 ? 1896 MET A SD  1 
ATOM   425  C CE  . MET A 1 89  ? -3.497  -10.270 1.514   1.00 28.58 ? 1896 MET A CE  1 
ATOM   426  N N   . THR A 1 90  ? 0.480   -15.173 -1.329  1.00 16.48 ? 1897 THR A N   1 
ATOM   427  C CA  . THR A 1 90  ? 0.469   -16.015 -2.509  1.00 15.97 ? 1897 THR A CA  1 
ATOM   428  C C   . THR A 1 90  ? -0.761  -15.762 -3.379  1.00 14.85 ? 1897 THR A C   1 
ATOM   429  O O   . THR A 1 90  ? -1.717  -15.103 -2.956  1.00 14.95 ? 1897 THR A O   1 
ATOM   430  C CB  . THR A 1 90  ? 0.440   -17.500 -2.133  1.00 16.83 ? 1897 THR A CB  1 
ATOM   431  O OG1 . THR A 1 90  ? -0.840  -17.832 -1.558  1.00 18.70 ? 1897 THR A OG1 1 
ATOM   432  C CG2 . THR A 1 90  ? 1.617   -17.840 -1.234  1.00 17.89 ? 1897 THR A CG2 1 
ATOM   433  N N   . HIS A 1 91  ? -0.775  -16.305 -4.593  1.00 14.63 ? 1898 HIS A N   1 
ATOM   434  C CA  . HIS A 1 91  ? -1.884  -16.095 -5.484  1.00 16.95 ? 1898 HIS A CA  1 
ATOM   435  C C   . HIS A 1 91  ? -3.139  -16.683 -4.844  1.00 14.08 ? 1898 HIS A C   1 
ATOM   436  O O   . HIS A 1 91  ? -4.197  -16.015 -4.807  1.00 16.70 ? 1898 HIS A O   1 
ATOM   437  C CB  . HIS A 1 91  ? -1.570  -16.756 -6.818  1.00 14.60 ? 1898 HIS A CB  1 
ATOM   438  C CG  . HIS A 1 91  ? -2.631  -16.588 -7.831  1.00 17.09 ? 1898 HIS A CG  1 
ATOM   439  N ND1 . HIS A 1 91  ? -3.358  -17.655 -8.299  1.00 25.92 ? 1898 HIS A ND1 1 
ATOM   440  C CD2 . HIS A 1 91  ? -3.144  -15.494 -8.420  1.00 20.14 ? 1898 HIS A CD2 1 
ATOM   441  C CE1 . HIS A 1 91  ? -4.241  -17.230 -9.174  1.00 23.41 ? 1898 HIS A CE1 1 
ATOM   442  N NE2 . HIS A 1 91  ? -4.117  -15.929 -9.291  1.00 20.69 ? 1898 HIS A NE2 1 
ATOM   443  N N   . THR A 1 92  ? -3.015  -17.913 -4.282  1.00 15.17 ? 1899 THR A N   1 
ATOM   444  C CA  . THR A 1 92  ? -4.168  -18.629 -3.622  1.00 14.91 ? 1899 THR A CA  1 
ATOM   445  C C   . THR A 1 92  ? -4.718  -17.816 -2.463  1.00 14.02 ? 1899 THR A C   1 
ATOM   446  O O   . THR A 1 92  ? -5.919  -17.659 -2.357  1.00 17.98 ? 1899 THR A O   1 
ATOM   447  C CB  . THR A 1 92  ? -3.788  -20.016 -3.180  1.00 20.74 ? 1899 THR A CB  1 
ATOM   448  O OG1 . THR A 1 92  ? -3.460  -20.759 -4.350  1.00 28.59 ? 1899 THR A OG1 1 
ATOM   449  C CG2 . THR A 1 92  ? -4.932  -20.721 -2.474  1.00 23.45 ? 1899 THR A CG2 1 
ATOM   450  N N   . GLN A 1 93  ? -3.858  -17.281 -1.636  1.00 17.27 ? 1900 GLN A N   1 
ATOM   451  C CA  . GLN A 1 93  ? -4.302  -16.430 -0.518  1.00 15.78 ? 1900 GLN A CA  1 
ATOM   452  C C   . GLN A 1 93  ? -5.125  -15.210 -0.984  1.00 18.49 ? 1900 GLN A C   1 
ATOM   453  O O   . GLN A 1 93  ? -6.175  -14.875 -0.375  1.00 16.00 ? 1900 GLN A O   1 
ATOM   454  C CB  . GLN A 1 93  ? -3.095  -15.995 0.301   1.00 18.05 ? 1900 GLN A CB  1 
ATOM   455  C CG  . GLN A 1 93  ? -2.506  -17.106 1.139   1.00 20.60 ? 1900 GLN A CG  1 
ATOM   456  C CD  . GLN A 1 93  ? -1.172  -16.786 1.817   1.00 20.70 ? 1900 GLN A CD  1 
ATOM   457  O OE1 . GLN A 1 93  ? -0.410  -15.934 1.377   1.00 21.85 ? 1900 GLN A OE1 1 
ATOM   458  N NE2 . GLN A 1 93  ? -0.859  -17.534 2.863   1.00 22.21 ? 1900 GLN A NE2 1 
ATOM   459  N N   . ALA A 1 94  ? -4.601  -14.489 -1.982  1.00 15.49 ? 1901 ALA A N   1 
ATOM   460  C CA  . ALA A 1 94  ? -5.315  -13.303 -2.489  1.00 14.27 ? 1901 ALA A CA  1 
ATOM   461  C C   . ALA A 1 94  ? -6.652  -13.671 -3.112  1.00 17.95 ? 1901 ALA A C   1 
ATOM   462  O O   . ALA A 1 94  ? -7.664  -12.993 -2.932  1.00 17.53 ? 1901 ALA A O   1 
ATOM   463  C CB  . ALA A 1 94  ? -4.446  -12.582 -3.536  1.00 18.10 ? 1901 ALA A CB  1 
ATOM   464  N N   . VAL A 1 95  ? -6.674  -14.745 -3.901  1.00 14.26 ? 1902 VAL A N   1 
ATOM   465  C CA  . VAL A 1 95  ? -7.896  -15.158 -4.543  1.00 14.98 ? 1902 VAL A CA  1 
ATOM   466  C C   . VAL A 1 95  ? -8.925  -15.585 -3.495  1.00 17.92 ? 1902 VAL A C   1 
ATOM   467  O O   . VAL A 1 95  ? -10.098 -15.209 -3.591  1.00 20.90 ? 1902 VAL A O   1 
ATOM   468  C CB  . VAL A 1 95  ? -7.641  -16.344 -5.493  1.00 18.18 ? 1902 VAL A CB  1 
ATOM   469  C CG1 . VAL A 1 95  ? -8.957  -16.960 -5.919  1.00 25.82 ? 1902 VAL A CG1 1 
ATOM   470  C CG2 . VAL A 1 95  ? -6.756  -15.856 -6.701  1.00 15.96 ? 1902 VAL A CG2 1 
ATOM   471  N N   . ASN A 1 96  ? -8.500  -16.348 -2.511  1.00 16.99 ? 1903 ASN A N   1 
ATOM   472  C CA  . ASN A 1 96  ? -9.437  -16.830 -1.469  1.00 20.98 ? 1903 ASN A CA  1 
ATOM   473  C C   . ASN A 1 96  ? -10.027 -15.645 -0.693  1.00 17.62 ? 1903 ASN A C   1 
ATOM   474  O O   . ASN A 1 96  ? -11.210 -15.671 -0.338  1.00 20.81 ? 1903 ASN A O   1 
ATOM   475  C CB  . ASN A 1 96  ? -8.798  -17.811 -0.490  1.00 22.45 ? 1903 ASN A CB  1 
ATOM   476  C CG  . ASN A 1 96  ? -8.579  -19.196 -1.090  1.00 24.67 ? 1903 ASN A CG  1 
ATOM   477  O OD1 . ASN A 1 96  ? -9.153  -19.534 -2.124  1.00 30.51 ? 1903 ASN A OD1 1 
ATOM   478  N ND2 . ASN A 1 96  ? -7.737  -19.998 -0.429  1.00 25.82 ? 1903 ASN A ND2 1 
ATOM   479  N N   . LEU A 1 97  ? -9.208  -14.630 -0.418  1.00 18.27 ? 1904 LEU A N   1 
ATOM   480  C CA  . LEU A 1 97  ? -9.698  -13.425 0.262   1.00 15.67 ? 1904 LEU A CA  1 
ATOM   481  C C   . LEU A 1 97  ? -10.775 -12.679 -0.540  1.00 17.16 ? 1904 LEU A C   1 
ATOM   482  O O   . LEU A 1 97  ? -11.841 -12.342 -0.022  1.00 19.45 ? 1904 LEU A O   1 
ATOM   483  C CB  . LEU A 1 97  ? -8.511  -12.514 0.555   1.00 18.47 ? 1904 LEU A CB  1 
ATOM   484  C CG  . LEU A 1 97  ? -8.658  -11.369 1.516   1.00 32.35 ? 1904 LEU A CG  1 
ATOM   485  C CD1 . LEU A 1 97  ? -9.079  -11.932 2.901   1.00 29.89 ? 1904 LEU A CD1 1 
ATOM   486  C CD2 . LEU A 1 97  ? -7.265  -10.642 1.556   1.00 28.19 ? 1904 LEU A CD2 1 
ATOM   487  N N   . LEU A 1 98  ? -10.540 -12.507 -1.840  1.00 16.14 ? 1905 LEU A N   1 
ATOM   488  C CA  . LEU A 1 98  ? -11.433 -11.805 -2.707  1.00 17.00 ? 1905 LEU A CA  1 
ATOM   489  C C   . LEU A 1 98  ? -12.695 -12.607 -2.972  1.00 17.96 ? 1905 LEU A C   1 
ATOM   490  O O   . LEU A 1 98  ? -13.767 -12.030 -3.039  1.00 21.17 ? 1905 LEU A O   1 
ATOM   491  C CB  . LEU A 1 98  ? -10.751 -11.416 -4.020  1.00 18.65 ? 1905 LEU A CB  1 
ATOM   492  C CG  . LEU A 1 98  ? -9.702  -10.317 -3.842  1.00 18.20 ? 1905 LEU A CG  1 
ATOM   493  C CD1 . LEU A 1 98  ? -8.857  -10.168 -5.119  1.00 23.21 ? 1905 LEU A CD1 1 
ATOM   494  C CD2 . LEU A 1 98  ? -10.359 -8.954  -3.460  1.00 25.03 ? 1905 LEU A CD2 1 
ATOM   495  N N   . LYS A 1 99  ? -12.570 -13.930 -3.106  1.00 18.50 ? 1906 LYS A N   1 
ATOM   496  C CA  . LYS A 1 99  ? -13.771 -14.750 -3.330  1.00 18.84 ? 1906 LYS A CA  1 
ATOM   497  C C   . LYS A 1 99  ? -14.682 -14.763 -2.102  1.00 19.02 ? 1906 LYS A C   1 
ATOM   498  O O   . LYS A 1 99  ? -15.882 -14.808 -2.231  1.00 23.37 ? 1906 LYS A O   1 
ATOM   499  C CB  . LYS A 1 99  ? -13.372 -16.167 -3.699  1.00 22.65 ? 1906 LYS A CB  1 
ATOM   500  C CG  . LYS A 1 99  ? -12.885 -16.223 -5.147  1.00 24.53 ? 1906 LYS A CG  1 
ATOM   501  C CD  . LYS A 1 99  ? -12.739 -17.646 -5.611  1.00 28.40 ? 1906 LYS A CD  1 
ATOM   502  C CE  . LYS A 1 99  ? -12.516 -17.699 -7.134  1.00 33.63 ? 1906 LYS A CE  1 
ATOM   503  N NZ  . LYS A 1 99  ? -12.844 -19.055 -7.662  1.00 39.67 ? 1906 LYS A NZ  1 
ATOM   504  N N   . ASN A 1 100 ? -14.071 -14.767 -0.932  1.00 20.13 ? 1907 ASN A N   1 
ATOM   505  C CA  . ASN A 1 100 ? -14.806 -14.900 0.329   1.00 21.27 ? 1907 ASN A CA  1 
ATOM   506  C C   . ASN A 1 100 ? -15.468 -13.567 0.713   1.00 24.87 ? 1907 ASN A C   1 
ATOM   507  O O   . ASN A 1 100 ? -16.512 -13.564 1.350   1.00 28.64 ? 1907 ASN A O   1 
ATOM   508  C CB  . ASN A 1 100 ? -13.858 -15.442 1.401   1.00 23.23 ? 1907 ASN A CB  1 
ATOM   509  C CG  . ASN A 1 100 ? -14.554 -15.754 2.734   1.00 43.36 ? 1907 ASN A CG  1 
ATOM   510  O OD1 . ASN A 1 100 ? -15.324 -16.709 2.851   1.00 35.70 ? 1907 ASN A OD1 1 
ATOM   511  N ND2 . ASN A 1 100 ? -14.230 -14.969 3.759   1.00 44.91 ? 1907 ASN A ND2 1 
ATOM   512  N N   . ALA A 1 101 ? -14.876 -12.443 0.320   1.00 19.66 ? 1908 ALA A N   1 
ATOM   513  C CA  . ALA A 1 101 ? -15.380 -11.135 0.762   1.00 17.91 ? 1908 ALA A CA  1 
ATOM   514  C C   . ALA A 1 101 ? -16.757 -10.780 0.234   1.00 20.15 ? 1908 ALA A C   1 
ATOM   515  O O   . ALA A 1 101 ? -17.170 -11.209 -0.843  1.00 25.12 ? 1908 ALA A O   1 
ATOM   516  C CB  . ALA A 1 101 ? -14.390 -10.087 0.378   1.00 18.73 ? 1908 ALA A CB  1 
ATOM   517  N N   . SER A 1 102 ? -17.503 -9.956  0.964   1.00 17.84 ? 1909 SER A N   1 
ATOM   518  C CA  . SER A 1 102 ? -18.727 -9.348  0.394   1.00 18.98 ? 1909 SER A CA  1 
ATOM   519  C C   . SER A 1 102 ? -18.922 -7.988  1.052   1.00 24.10 ? 1909 SER A C   1 
ATOM   520  O O   . SER A 1 102 ? -18.020 -7.525  1.700   1.00 23.07 ? 1909 SER A O   1 
ATOM   521  C CB  . SER A 1 102 ? -19.954 -10.279 0.517   1.00 29.09 ? 1909 SER A CB  1 
ATOM   522  O OG  . SER A 1 102 ? -20.780 -9.918  1.600   1.00 52.63 ? 1909 SER A OG  1 
ATOM   523  N N   . GLY A 1 103 ? -20.022 -7.299  0.820   1.00 29.35 ? 1910 GLY A N   1 
ATOM   524  C CA  . GLY A 1 103 ? -20.168 -5.937  1.376   1.00 25.61 ? 1910 GLY A CA  1 
ATOM   525  C C   . GLY A 1 103 ? -19.212 -5.046  0.607   1.00 24.38 ? 1910 GLY A C   1 
ATOM   526  O O   . GLY A 1 103 ? -18.993 -5.237  -0.591  1.00 22.85 ? 1910 GLY A O   1 
ATOM   527  N N   . SER A 1 104 ? -18.581 -4.119  1.306   1.00 21.09 ? 1911 SER A N   1 
ATOM   528  C CA  . SER A 1 104 ? -17.576 -3.238  0.679   1.00 19.54 ? 1911 SER A CA  1 
ATOM   529  C C   . SER A 1 104 ? -16.182 -3.847  0.701   1.00 21.94 ? 1911 SER A C   1 
ATOM   530  O O   . SER A 1 104 ? -15.643 -4.171  1.757   1.00 23.60 ? 1911 SER A O   1 
ATOM   531  C CB  . SER A 1 104 ? -17.520 -1.896  1.401   1.00 28.63 ? 1911 SER A CB  1 
ATOM   532  O OG  . SER A 1 104 ? -18.824 -1.367  1.579   1.00 34.08 ? 1911 SER A OG  1 
ATOM   533  N N   . ILE A 1 105 ? -15.596 -3.960  -0.484  1.00 18.16 ? 1912 ILE A N   1 
ATOM   534  C CA  . ILE A 1 105 ? -14.289 -4.540  -0.700  1.00 22.69 ? 1912 ILE A CA  1 
ATOM   535  C C   . ILE A 1 105 ? -13.356 -3.398  -1.139  1.00 21.88 ? 1912 ILE A C   1 
ATOM   536  O O   . ILE A 1 105 ? -13.507 -2.872  -2.231  1.00 22.70 ? 1912 ILE A O   1 
ATOM   537  C CB  . ILE A 1 105 ? -14.372 -5.657  -1.771  1.00 25.25 ? 1912 ILE A CB  1 
ATOM   538  C CG1 . ILE A 1 105 ? -15.348 -6.767  -1.295  1.00 28.89 ? 1912 ILE A CG1 1 
ATOM   539  C CG2 . ILE A 1 105 ? -12.990 -6.224  -2.081  1.00 27.66 ? 1912 ILE A CG2 1 
ATOM   540  C CD1 . ILE A 1 105 ? -15.596 -7.867  -2.298  1.00 40.03 ? 1912 ILE A CD1 1 
ATOM   541  N N   . GLU A 1 106 ? -12.446 -3.020  -0.251  1.00 21.39 ? 1913 GLU A N   1 
ATOM   542  C CA  . GLU A 1 106 ? -11.431 -2.026  -0.506  1.00 21.64 ? 1913 GLU A CA  1 
ATOM   543  C C   . GLU A 1 106 ? -10.222 -2.653  -1.176  1.00 18.80 ? 1913 GLU A C   1 
ATOM   544  O O   . GLU A 1 106 ? -9.810  -3.748  -0.820  1.00 18.84 ? 1913 GLU A O   1 
ATOM   545  C CB  . GLU A 1 106 ? -10.941 -1.387  0.812   1.00 27.94 ? 1913 GLU A CB  1 
ATOM   546  C CG  . GLU A 1 106 ? -9.693  -0.446  0.622   1.00 47.63 ? 1913 GLU A CG  1 
ATOM   547  C CD  . GLU A 1 106 ? -8.343  -0.909  1.300   1.00 72.50 ? 1913 GLU A CD  1 
ATOM   548  O OE1 . GLU A 1 106 ? -7.734  -2.053  1.028   1.00 22.39 ? 1913 GLU A OE1 1 
ATOM   549  O OE2 . GLU A 1 106 ? -7.893  -0.018  2.091   1.00 35.64 ? 1913 GLU A OE2 1 
ATOM   550  N N   . MET A 1 107 ? -9.684  -1.945  -2.161  1.00 18.90 ? 1914 MET A N   1 
ATOM   551  C CA  . MET A 1 107 ? -8.472  -2.319  -2.841  1.00 18.18 ? 1914 MET A CA  1 
ATOM   552  C C   . MET A 1 107 ? -7.679  -1.033  -3.050  1.00 17.56 ? 1914 MET A C   1 
ATOM   553  O O   . MET A 1 107 ? -8.284  -0.006  -3.324  1.00 19.68 ? 1914 MET A O   1 
ATOM   554  C CB  . MET A 1 107 ? -8.864  -2.922  -4.200  1.00 21.67 ? 1914 MET A CB  1 
ATOM   555  C CG  . MET A 1 107 ? -7.776  -3.467  -4.944  1.00 31.12 ? 1914 MET A CG  1 
ATOM   556  S SD  . MET A 1 107 ? -8.512  -4.467  -6.290  1.00 32.30 ? 1914 MET A SD  1 
ATOM   557  C CE  . MET A 1 107 ? -9.068  -5.863  -5.389  1.00 20.62 ? 1914 MET A CE  1 
ATOM   558  N N   . GLN A 1 108 ? -6.364  -1.048  -2.841  1.00 15.16 ? 1915 GLN A N   1 
ATOM   559  C CA  . GLN A 1 108 ? -5.501  0.038   -3.275  1.00 12.76 ? 1915 GLN A CA  1 
ATOM   560  C C   . GLN A 1 108 ? -4.569  -0.528  -4.293  1.00 15.85 ? 1915 GLN A C   1 
ATOM   561  O O   . GLN A 1 108 ? -4.009  -1.607  -4.077  1.00 15.57 ? 1915 GLN A O   1 
ATOM   562  C CB  . GLN A 1 108 ? -4.699  0.583   -2.122  1.00 15.94 ? 1915 GLN A CB  1 
ATOM   563  C CG  . GLN A 1 108 ? -5.687  1.136   -1.070  1.00 17.65 ? 1915 GLN A CG  1 
ATOM   564  C CD  . GLN A 1 108 ? -4.972  1.606   0.161   1.00 21.37 ? 1915 GLN A CD  1 
ATOM   565  O OE1 . GLN A 1 108 ? -4.465  0.812   0.954   1.00 18.48 ? 1915 GLN A OE1 1 
ATOM   566  N NE2 . GLN A 1 108 ? -4.940  2.905   0.340   1.00 22.78 ? 1915 GLN A NE2 1 
ATOM   567  N N   . VAL A 1 109 ? -4.350  0.245   -5.350  1.00 13.65 ? 1916 VAL A N   1 
ATOM   568  C CA  . VAL A 1 109 ? -3.497  -0.183  -6.448  1.00 15.92 ? 1916 VAL A CA  1 
ATOM   569  C C   . VAL A 1 109 ? -2.507  0.893   -6.830  1.00 16.11 ? 1916 VAL A C   1 
ATOM   570  O O   . VAL A 1 109 ? -2.716  2.065   -6.539  1.00 18.04 ? 1916 VAL A O   1 
ATOM   571  C CB  . VAL A 1 109 ? -4.351  -0.610  -7.663  1.00 15.91 ? 1916 VAL A CB  1 
ATOM   572  C CG1 . VAL A 1 109 ? -5.334  -1.711  -7.276  1.00 17.98 ? 1916 VAL A CG1 1 
ATOM   573  C CG2 . VAL A 1 109 ? -5.123  0.540   -8.303  1.00 18.70 ? 1916 VAL A CG2 1 
ATOM   574  N N   . VAL A 1 110 ? -1.435  0.442   -7.492  1.00 15.56 ? 1917 VAL A N   1 
ATOM   575  C CA  . VAL A 1 110 ? -0.501  1.299   -8.238  1.00 16.02 ? 1917 VAL A CA  1 
ATOM   576  C C   . VAL A 1 110 ? -0.531  0.900   -9.724  1.00 17.12 ? 1917 VAL A C   1 
ATOM   577  O O   . VAL A 1 110 ? -0.793  -0.261  -10.069 1.00 17.64 ? 1917 VAL A O   1 
ATOM   578  C CB  . VAL A 1 110 ? 0.921   1.247   -7.650  1.00 18.57 ? 1917 VAL A CB  1 
ATOM   579  C CG1 . VAL A 1 110 ? 0.898   1.913   -6.238  1.00 21.12 ? 1917 VAL A CG1 1 
ATOM   580  C CG2 . VAL A 1 110 ? 1.476   -0.157  -7.584  1.00 21.35 ? 1917 VAL A CG2 1 
ATOM   581  N N   . ALA A 1 111 ? -0.314  1.882   -10.593 1.00 20.53 ? 1918 ALA A N   1 
ATOM   582  C CA  . ALA A 1 111 ? -0.222  1.612   -12.056 1.00 21.07 ? 1918 ALA A CA  1 
ATOM   583  C C   . ALA A 1 111 ? 1.005   0.758   -12.336 1.00 15.74 ? 1918 ALA A C   1 
ATOM   584  O O   . ALA A 1 111 ? 2.061   0.946   -11.749 1.00 20.35 ? 1918 ALA A O   1 
ATOM   585  C CB  . ALA A 1 111 ? -0.131  2.955   -12.816 1.00 22.36 ? 1918 ALA A CB  1 
ATOM   586  N N   . GLY A 1 112 ? 0.918   -0.142  -13.317 1.00 19.14 ? 1919 GLY A N   1 
ATOM   587  C CA  . GLY A 1 112 ? 2.051   -0.907  -13.713 1.00 19.43 ? 1919 GLY A CA  1 
ATOM   588  C C   . GLY A 1 112 ? 3.126   -0.086  -14.444 1.00 14.59 ? 1919 GLY A C   1 
ATOM   589  O O   . GLY A 1 112 ? 4.309   -0.459  -14.434 1.00 22.25 ? 1919 GLY A O   1 
ATOM   590  N N   . GLY A 1 113 ? 2.697   0.965   -15.131 1.00 22.75 ? 1920 GLY A N   1 
ATOM   591  C CA  . GLY A 1 113 ? 3.627   1.931   -15.698 1.00 23.31 ? 1920 GLY A CA  1 
ATOM   592  C C   . GLY A 1 113 ? 4.411   1.440   -16.870 1.00 23.26 ? 1920 GLY A C   1 
ATOM   593  O O   . GLY A 1 113 ? 5.386   2.086   -17.248 1.00 22.76 ? 1920 GLY A O   1 
ATOM   594  N N   . ASP A 1 114 ? 3.993   0.305   -17.440 1.00 20.08 ? 1921 ASP A N   1 
ATOM   595  C CA  . ASP A 1 114 ? 4.724   -0.324  -18.572 1.00 24.05 ? 1921 ASP A CA  1 
ATOM   596  C C   . ASP A 1 114 ? 6.176   -0.621  -18.160 1.00 26.34 ? 1921 ASP A C   1 
ATOM   597  O O   . ASP A 1 114 ? 7.107   -0.590  -18.984 1.00 26.32 ? 1921 ASP A O   1 
ATOM   598  C CB  . ASP A 1 114 ? 4.693   0.573   -19.820 1.00 25.08 ? 1921 ASP A CB  1 
ATOM   599  C CG  . ASP A 1 114 ? 3.629   0.173   -20.862 1.00 35.73 ? 1921 ASP A CG  1 
ATOM   600  O OD1 . ASP A 1 114 ? 2.701   -0.616  -20.587 1.00 35.82 ? 1921 ASP A OD1 1 
ATOM   601  O OD2 . ASP A 1 114 ? 3.723   0.694   -21.994 1.00 49.01 ? 1921 ASP A OD2 1 
ATOM   602  N N   . VAL A 1 115 ? 6.378   -0.928  -16.884 1.00 23.80 ? 1922 VAL A N   1 
ATOM   603  C CA  . VAL A 1 115 ? 7.703   -1.171  -16.360 1.00 26.62 ? 1922 VAL A CA  1 
ATOM   604  C C   . VAL A 1 115 ? 8.131   -2.611  -16.750 1.00 27.91 ? 1922 VAL A C   1 
ATOM   605  O O   . VAL A 1 115 ? 9.155   -2.810  -17.416 1.00 33.61 ? 1922 VAL A O   1 
ATOM   606  C CB  . VAL A 1 115 ? 7.781   -0.983  -14.816 1.00 27.72 ? 1922 VAL A CB  1 
ATOM   607  C CG1 . VAL A 1 115 ? 9.095   -1.574  -14.285 1.00 40.88 ? 1922 VAL A CG1 1 
ATOM   608  C CG2 . VAL A 1 115 ? 7.658   0.493   -14.417 1.00 33.91 ? 1922 VAL A CG2 1 
ATOM   609  N N   . SER A 1 116 ? 7.326   -3.607  -16.384 1.00 18.28 ? 1923 SER A N   1 
ATOM   610  C CA  . SER A 1 116 ? 7.719   -5.012  -16.619 1.00 17.47 ? 1923 SER A CA  1 
ATOM   611  C C   . SER A 1 116 ? 7.039   -5.654  -17.834 1.00 20.38 ? 1923 SER A C   1 
ATOM   612  O O   . SER A 1 116 ? 7.229   -6.855  -18.098 1.00 21.95 ? 1923 SER A O   1 
ATOM   613  C CB  . SER A 1 116 ? 7.409   -5.842  -15.371 1.00 26.66 ? 1923 SER A CB  1 
ATOM   614  O OG  . SER A 1 116 ? 6.062   -5.667  -15.003 1.00 41.93 ? 1923 SER A OG  1 
ATOM   615  N N   . GLU A 1 117 ? 6.255   -4.859  -18.535 1.00 17.90 ? 1924 GLU A N   1 
ATOM   616  C CA  . GLU A 1 117 ? 5.585   -5.254  -19.788 1.00 19.73 ? 1924 GLU A CA  1 
ATOM   617  C C   . GLU A 1 117 ? 5.286   -3.992  -20.522 1.00 25.74 ? 1924 GLU A C   1 
ATOM   618  O O   . GLU A 1 117 ? 5.373   -2.879  -19.953 1.00 23.61 ? 1924 GLU A O   1 
ATOM   619  C CB  . GLU A 1 117 ? 4.309   -6.040  -19.497 1.00 18.46 ? 1924 GLU A CB  1 
ATOM   620  C CG  . GLU A 1 117 ? 3.228   -5.241  -18.771 1.00 19.38 ? 1924 GLU A CG  1 
ATOM   621  C CD  . GLU A 1 117 ? 3.418   -5.218  -17.261 1.00 32.08 ? 1924 GLU A CD  1 
ATOM   622  O OE1 . GLU A 1 117 ? 3.897   -6.232  -16.678 1.00 21.81 ? 1924 GLU A OE1 1 
ATOM   623  O OE2 . GLU A 1 117 ? 3.098   -4.164  -16.655 1.00 23.38 ? 1924 GLU A OE2 1 
ATOM   624  N N   . THR A 1 118 ? 4.908   -4.156  -21.783 1.00 14.80 ? 1925 THR A N   1 
ATOM   625  C CA  . THR A 1 118 ? 4.599   -3.022  -22.652 1.00 13.11 ? 1925 THR A CA  1 
ATOM   626  C C   . THR A 1 118 ? 3.279   -3.201  -23.340 1.00 22.38 ? 1925 THR A C   1 
ATOM   627  O O   . THR A 1 118 ? 3.038   -4.217  -23.952 1.00 21.22 ? 1925 THR A O   1 
ATOM   628  C CB  . THR A 1 118 ? 5.649   -2.828  -23.746 1.00 17.07 ? 1925 THR A CB  1 
ATOM   629  O OG1 . THR A 1 118 ? 6.939   -2.678  -23.158 1.00 23.92 ? 1925 THR A OG1 1 
ATOM   630  C CG2 . THR A 1 118 ? 5.265   -1.661  -24.607 1.00 18.67 ? 1925 THR A CG2 1 
ATOM   631  N N   . SER A 1 119 ? 2.436   -2.166  -23.256 1.00 19.60 ? 1926 SER A N   1 
ATOM   632  C CA  . SER A 1 119 ? 1.111   -2.199  -23.831 1.00 17.72 ? 1926 SER A CA  1 
ATOM   633  C C   . SER A 1 119 ? 1.206   -1.945  -25.324 1.00 25.44 ? 1926 SER A C   1 
ATOM   634  O O   . SER A 1 119 ? 1.795   -0.957  -25.740 1.00 32.28 ? 1926 SER A O   1 
ATOM   635  C CB  . SER A 1 119 ? 0.209   -1.180  -23.147 1.00 34.91 ? 1926 SER A CB  1 
ATOM   636  O OG  . SER A 1 119 ? 0.006   -1.614  -21.810 1.00 43.25 ? 1926 SER A OG  1 
ATOM   637  N N   . VAL A 1 120 ? 0.672   -2.868  -26.117 1.00 22.86 ? 1927 VAL A N   1 
ATOM   638  C CA  . VAL A 1 120 ? 0.597   -2.696  -27.562 1.00 30.19 ? 1927 VAL A CA  1 
ATOM   639  C C   . VAL A 1 120 ? -0.882  -2.780  -28.067 1.00 42.17 ? 1927 VAL A C   1 
ATOM   640  O O   . VAL A 1 120 ? -1.812  -3.199  -27.319 1.00 33.61 ? 1927 VAL A O   1 
ATOM   641  C CB  . VAL A 1 120 ? 1.565   -3.684  -28.274 1.00 27.59 ? 1927 VAL A CB  1 
ATOM   642  C CG1 . VAL A 1 120 ? 2.958   -3.443  -27.804 1.00 25.40 ? 1927 VAL A CG1 1 
ATOM   643  C CG2 . VAL A 1 120 ? 1.221   -5.148  -27.986 1.00 29.51 ? 1927 VAL A CG2 1 
ATOM   644  O OXT . VAL A 1 120 ? -1.227  -2.386  -29.221 1.00 36.10 ? 1927 VAL A OXT 1 
ATOM   645  N N   . THR B 1 15  ? 12.817  -9.672  -4.258  1.00 51.26 ? 1822 THR B N   1 
ATOM   646  C CA  . THR B 1 15  ? 12.292  -9.501  -5.638  1.00 36.86 ? 1822 THR B CA  1 
ATOM   647  C C   . THR B 1 15  ? 10.969  -8.754  -5.628  1.00 22.75 ? 1822 THR B C   1 
ATOM   648  O O   . THR B 1 15  ? 10.787  -7.777  -6.355  1.00 27.88 ? 1822 THR B O   1 
ATOM   649  C CB  . THR B 1 15  ? 12.041  -10.871 -6.340  1.00 47.18 ? 1822 THR B CB  1 
ATOM   650  N N   . GLU B 1 16  ? 10.040  -9.223  -4.824  1.00 26.04 ? 1823 GLU B N   1 
ATOM   651  C CA  . GLU B 1 16  ? 8.699   -8.636  -4.848  1.00 24.51 ? 1823 GLU B CA  1 
ATOM   652  C C   . GLU B 1 16  ? 8.778   -7.148  -4.487  1.00 22.48 ? 1823 GLU B C   1 
ATOM   653  O O   . GLU B 1 16  ? 8.148   -6.312  -5.109  1.00 26.26 ? 1823 GLU B O   1 
ATOM   654  C CB  . GLU B 1 16  ? 7.746   -9.376  -3.916  1.00 32.67 ? 1823 GLU B CB  1 
ATOM   655  C CG  . GLU B 1 16  ? 6.503   -8.635  -3.613  1.00 35.35 ? 1823 GLU B CG  1 
ATOM   656  C CD  . GLU B 1 16  ? 5.414   -9.500  -2.968  1.00 52.92 ? 1823 GLU B CD  1 
ATOM   657  O OE1 . GLU B 1 16  ? 4.580   -10.004 -3.731  1.00 35.85 ? 1823 GLU B OE1 1 
ATOM   658  O OE2 . GLU B 1 16  ? 5.377   -9.666  -1.717  1.00 38.60 ? 1823 GLU B OE2 1 
ATOM   659  N N   . ASN B 1 17  ? 9.587   -6.840  -3.489  1.00 20.27 ? 1824 ASN B N   1 
ATOM   660  C CA  . ASN B 1 17  ? 9.796   -5.439  -3.077  1.00 21.68 ? 1824 ASN B CA  1 
ATOM   661  C C   . ASN B 1 17  ? 10.535  -4.609  -4.125  1.00 22.32 ? 1824 ASN B C   1 
ATOM   662  O O   . ASN B 1 17  ? 10.219  -3.451  -4.328  1.00 25.06 ? 1824 ASN B O   1 
ATOM   663  C CB  . ASN B 1 17  ? 10.459  -5.390  -1.715  1.00 31.71 ? 1824 ASN B CB  1 
ATOM   664  C CG  . ASN B 1 17  ? 9.541   -5.916  -0.645  1.00 50.49 ? 1824 ASN B CG  1 
ATOM   665  O OD1 . ASN B 1 17  ? 8.326   -6.004  -0.866  1.00 43.64 ? 1824 ASN B OD1 1 
ATOM   666  N ND2 . ASN B 1 17  ? 10.094  -6.276  0.506   1.00 59.27 ? 1824 ASN B ND2 1 
ATOM   667  N N   . LEU B 1 18  ? 11.453  -5.235  -4.847  1.00 26.65 ? 1825 LEU B N   1 
ATOM   668  C CA  . LEU B 1 18  ? 12.097  -4.616  -6.001  1.00 31.83 ? 1825 LEU B CA  1 
ATOM   669  C C   . LEU B 1 18  ? 11.111  -4.251  -7.097  1.00 23.60 ? 1825 LEU B C   1 
ATOM   670  O O   . LEU B 1 18  ? 11.173  -3.120  -7.660  1.00 23.70 ? 1825 LEU B O   1 
ATOM   671  C CB  . LEU B 1 18  ? 13.165  -5.567  -6.556  1.00 40.02 ? 1825 LEU B CB  1 
ATOM   672  N N   . TYR B 1 19  ? 10.166  -5.154  -7.385  1.00 26.91 ? 1826 TYR B N   1 
ATOM   673  C CA  . TYR B 1 19  ? 9.129   -4.865  -8.360  1.00 20.75 ? 1826 TYR B CA  1 
ATOM   674  C C   . TYR B 1 19  ? 8.260   -3.718  -7.900  1.00 17.00 ? 1826 TYR B C   1 
ATOM   675  O O   . TYR B 1 19  ? 7.997   -2.804  -8.673  1.00 19.94 ? 1826 TYR B O   1 
ATOM   676  C CB  . TYR B 1 19  ? 8.221   -6.061  -8.737  1.00 27.18 ? 1826 TYR B CB  1 
ATOM   677  C CG  . TYR B 1 19  ? 8.878   -7.133  -9.615  1.00 31.98 ? 1826 TYR B CG  1 
ATOM   678  C CD1 . TYR B 1 19  ? 9.195   -8.386  -9.085  1.00 42.98 ? 1826 TYR B CD1 1 
ATOM   679  C CD2 . TYR B 1 19  ? 9.246   -6.873  -10.929 1.00 57.42 ? 1826 TYR B CD2 1 
ATOM   680  C CE1 . TYR B 1 19  ? 9.827   -9.367  -9.847  1.00 46.67 ? 1826 TYR B CE1 1 
ATOM   681  C CE2 . TYR B 1 19  ? 9.888   -7.853  -11.706 1.00 64.31 ? 1826 TYR B CE2 1 
ATOM   682  C CZ  . TYR B 1 19  ? 10.169  -9.103  -11.151 1.00 63.41 ? 1826 TYR B CZ  1 
ATOM   683  O OH  . TYR B 1 19  ? 10.802  -10.102 -11.878 1.00 60.61 ? 1826 TYR B OH  1 
ATOM   684  N N   . PHE B 1 20  ? 7.788   -3.750  -6.646  1.00 20.32 ? 1827 PHE B N   1 
ATOM   685  C CA  . PHE B 1 20  ? 6.971   -2.638  -6.160  1.00 19.93 ? 1827 PHE B CA  1 
ATOM   686  C C   . PHE B 1 20  ? 7.719   -1.287  -6.215  1.00 17.37 ? 1827 PHE B C   1 
ATOM   687  O O   . PHE B 1 20  ? 7.156   -0.297  -6.628  1.00 20.77 ? 1827 PHE B O   1 
ATOM   688  C CB  . PHE B 1 20  ? 6.514   -2.885  -4.732  1.00 20.16 ? 1827 PHE B CB  1 
ATOM   689  C CG  . PHE B 1 20  ? 5.148   -3.593  -4.609  1.00 15.07 ? 1827 PHE B CG  1 
ATOM   690  C CD1 . PHE B 1 20  ? 4.984   -4.662  -3.749  1.00 30.90 ? 1827 PHE B CD1 1 
ATOM   691  C CD2 . PHE B 1 20  ? 4.042   -3.106  -5.278  1.00 23.15 ? 1827 PHE B CD2 1 
ATOM   692  C CE1 . PHE B 1 20  ? 3.719   -5.275  -3.620  1.00 24.04 ? 1827 PHE B CE1 1 
ATOM   693  C CE2 . PHE B 1 20  ? 2.795   -3.728  -5.137  1.00 24.92 ? 1827 PHE B CE2 1 
ATOM   694  C CZ  . PHE B 1 20  ? 2.649   -4.767  -4.287  1.00 21.84 ? 1827 PHE B CZ  1 
ATOM   695  N N   . GLN B 1 21  ? 8.990   -1.292  -5.810  1.00 20.38 ? 1828 GLN B N   1 
ATOM   696  C CA  . GLN B 1 21  ? 9.822   -0.087  -5.867  1.00 21.18 ? 1828 GLN B CA  1 
ATOM   697  C C   . GLN B 1 21  ? 9.937   0.497   -7.283  1.00 22.05 ? 1828 GLN B C   1 
ATOM   698  O O   . GLN B 1 21  ? 9.874   1.720   -7.491  1.00 21.25 ? 1828 GLN B O   1 
ATOM   699  C CB  . GLN B 1 21  ? 11.169  -0.436  -5.284  1.00 24.89 ? 1828 GLN B CB  1 
ATOM   700  C CG  . GLN B 1 21  ? 12.072  0.742   -4.997  1.00 48.97 ? 1828 GLN B CG  1 
ATOM   701  C CD  . GLN B 1 21  ? 13.231  0.330   -4.112  1.00 37.81 ? 1828 GLN B CD  1 
ATOM   702  O OE1 . GLN B 1 21  ? 13.054  0.066   -2.921  1.00 64.75 ? 1828 GLN B OE1 1 
ATOM   703  N NE2 . GLN B 1 21  ? 14.413  0.238   -4.697  1.00 51.87 ? 1828 GLN B NE2 1 
ATOM   704  N N   . SER B 1 22  ? 10.002  -0.383  -8.283  1.00 22.45 ? 1829 SER B N   1 
ATOM   705  C CA  . SER B 1 22  ? 9.956   0.072   -9.685  1.00 23.93 ? 1829 SER B CA  1 
ATOM   706  C C   . SER B 1 22  ? 8.661   0.783   -10.073 1.00 21.67 ? 1829 SER B C   1 
ATOM   707  O O   . SER B 1 22  ? 8.639   1.492   -11.071 1.00 28.79 ? 1829 SER B O   1 
ATOM   708  C CB  . SER B 1 22  ? 10.189  -1.113  -10.638 1.00 27.80 ? 1829 SER B CB  1 
ATOM   709  O OG  . SER B 1 22  ? 8.970   -1.833  -10.867 1.00 36.16 ? 1829 SER B OG  1 
ATOM   710  N N   . MET B 1 23  ? 7.555   0.552   -9.323  1.00 18.70 ? 1830 MET B N   1 
ATOM   711  C CA  . MET B 1 23  ? 6.276   1.214   -9.543  1.00 19.31 ? 1830 MET B CA  1 
ATOM   712  C C   . MET B 1 23  ? 5.978   2.348   -8.567  1.00 22.48 ? 1830 MET B C   1 
ATOM   713  O O   . MET B 1 23  ? 4.919   2.920   -8.611  1.00 28.53 ? 1830 MET B O   1 
ATOM   714  C CB  . MET B 1 23  ? 5.164   0.199   -9.518  1.00 28.15 ? 1830 MET B CB  1 
ATOM   715  C CG  . MET B 1 23  ? 5.349   -0.829  -10.588 1.00 22.92 ? 1830 MET B CG  1 
ATOM   716  S SD  . MET B 1 23  ? 4.212   -2.221  -10.309 1.00 32.43 ? 1830 MET B SD  1 
ATOM   717  C CE  . MET B 1 23  ? 5.120   -3.509  -11.181 1.00 38.03 ? 1830 MET B CE  1 
ATOM   718  N N   . GLY B 1 24  ? 6.964   2.706   -7.751  1.00 22.88 ? 1831 GLY B N   1 
ATOM   719  C CA  . GLY B 1 24  ? 6.848   3.846   -6.856  1.00 26.81 ? 1831 GLY B CA  1 
ATOM   720  C C   . GLY B 1 24  ? 6.477   3.502   -5.428  1.00 22.85 ? 1831 GLY B C   1 
ATOM   721  O O   . GLY B 1 24  ? 6.228   4.409   -4.623  1.00 21.18 ? 1831 GLY B O   1 
ATOM   722  N N   . LEU B 1 25  ? 6.422   2.222   -5.103  1.00 20.96 ? 1832 LEU B N   1 
ATOM   723  C CA  . LEU B 1 25  ? 6.050   1.763   -3.747  1.00 20.90 ? 1832 LEU B CA  1 
ATOM   724  C C   . LEU B 1 25  ? 7.261   1.194   -3.023  1.00 25.70 ? 1832 LEU B C   1 
ATOM   725  O O   . LEU B 1 25  ? 7.813   0.129   -3.366  1.00 20.04 ? 1832 LEU B O   1 
ATOM   726  C CB  . LEU B 1 25  ? 4.886   0.744   -3.759  1.00 19.19 ? 1832 LEU B CB  1 
ATOM   727  C CG  . LEU B 1 25  ? 4.373   0.367   -2.369  1.00 24.64 ? 1832 LEU B CG  1 
ATOM   728  C CD1 . LEU B 1 25  ? 3.373   1.433   -1.845  1.00 18.72 ? 1832 LEU B CD1 1 
ATOM   729  C CD2 . LEU B 1 25  ? 3.779   -0.996  -2.317  1.00 30.19 ? 1832 LEU B CD2 1 
ATOM   730  N N   . ARG B 1 26  ? 7.689   1.929   -2.012  1.00 17.44 ? 1833 ARG B N   1 
ATOM   731  C CA  . ARG B 1 26  ? 8.797   1.497   -1.187  1.00 16.78 ? 1833 ARG B CA  1 
ATOM   732  C C   . ARG B 1 26  ? 8.422   0.779   0.093   1.00 22.68 ? 1833 ARG B C   1 
ATOM   733  O O   . ARG B 1 26  ? 7.574   1.233   0.823   1.00 20.14 ? 1833 ARG B O   1 
ATOM   734  C CB  . ARG B 1 26  ? 9.754   2.672   -0.904  1.00 21.19 ? 1833 ARG B CB  1 
ATOM   735  C CG  . ARG B 1 26  ? 10.486  3.157   -2.139  1.00 30.48 ? 1833 ARG B CG  1 
ATOM   736  C CD  . ARG B 1 26  ? 11.159  4.486   -1.923  1.00 35.08 ? 1833 ARG B CD  1 
ATOM   737  N NE  . ARG B 1 26  ? 10.202  5.578   -2.091  1.00 34.05 ? 1833 ARG B NE  1 
ATOM   738  C CZ  . ARG B 1 26  ? 9.944   6.520   -1.177  1.00 33.33 ? 1833 ARG B CZ  1 
ATOM   739  N NH1 . ARG B 1 26  ? 10.581  6.528   -0.017  1.00 30.44 ? 1833 ARG B NH1 1 
ATOM   740  N NH2 . ARG B 1 26  ? 9.051   7.468   -1.445  1.00 28.91 ? 1833 ARG B NH2 1 
ATOM   741  N N   . THR B 1 27  ? 9.134   -0.314  0.390   1.00 21.38 ? 1834 THR B N   1 
ATOM   742  C CA  . THR B 1 27  ? 8.895   -1.132  1.572   1.00 22.43 ? 1834 THR B CA  1 
ATOM   743  C C   . THR B 1 27  ? 10.131  -1.075  2.474   1.00 31.85 ? 1834 THR B C   1 
ATOM   744  O O   . THR B 1 27  ? 11.239  -1.385  2.047   1.00 30.96 ? 1834 THR B O   1 
ATOM   745  C CB  . THR B 1 27  ? 8.544   -2.603  1.222   1.00 30.16 ? 1834 THR B CB  1 
ATOM   746  O OG1 . THR B 1 27  ? 7.381   -2.630  0.359   1.00 25.57 ? 1834 THR B OG1 1 
ATOM   747  C CG2 . THR B 1 27  ? 8.226   -3.403  2.533   1.00 27.70 ? 1834 THR B CG2 1 
ATOM   748  N N   . VAL B 1 28  ? 9.939   -0.654  3.726   1.00 28.21 ? 1835 VAL B N   1 
ATOM   749  C CA  . VAL B 1 28  ? 11.021  -0.573  4.690   1.00 30.30 ? 1835 VAL B CA  1 
ATOM   750  C C   . VAL B 1 28  ? 10.713  -1.440  5.885   1.00 28.73 ? 1835 VAL B C   1 
ATOM   751  O O   . VAL B 1 28  ? 9.563   -1.647  6.251   1.00 31.90 ? 1835 VAL B O   1 
ATOM   752  C CB  . VAL B 1 28  ? 11.294  0.879   5.173   1.00 34.49 ? 1835 VAL B CB  1 
ATOM   753  C CG1 . VAL B 1 28  ? 11.765  1.733   4.022   1.00 37.14 ? 1835 VAL B CG1 1 
ATOM   754  C CG2 . VAL B 1 28  ? 10.067  1.495   5.833   1.00 36.46 ? 1835 VAL B CG2 1 
ATOM   755  N N   . GLU B 1 29  ? 11.760  -1.983  6.488   1.00 31.73 ? 1836 GLU B N   1 
ATOM   756  C CA  . GLU B 1 29  ? 11.656  -2.705  7.749   1.00 33.14 ? 1836 GLU B CA  1 
ATOM   757  C C   . GLU B 1 29  ? 12.464  -1.851  8.697   1.00 41.24 ? 1836 GLU B C   1 
ATOM   758  O O   . GLU B 1 29  ? 13.624  -1.573  8.416   1.00 45.85 ? 1836 GLU B O   1 
ATOM   759  C CB  . GLU B 1 29  ? 12.290  -4.090  7.642   1.00 40.10 ? 1836 GLU B CB  1 
ATOM   760  C CG  . GLU B 1 29  ? 11.510  -5.090  6.810   1.00 46.38 ? 1836 GLU B CG  1 
ATOM   761  C CD  . GLU B 1 29  ? 10.389  -5.756  7.585   1.00 71.20 ? 1836 GLU B CD  1 
ATOM   762  O OE1 . GLU B 1 29  ? 10.472  -5.812  8.833   1.00 76.54 ? 1836 GLU B OE1 1 
ATOM   763  O OE2 . GLU B 1 29  ? 9.430   -6.236  6.939   1.00 80.35 ? 1836 GLU B OE2 1 
ATOM   764  N N   . MET B 1 30  ? 11.849  -1.397  9.784   1.00 34.72 ? 1837 MET B N   1 
ATOM   765  C CA  . MET B 1 30  ? 12.496  -0.444  10.684  1.00 34.97 ? 1837 MET B CA  1 
ATOM   766  C C   . MET B 1 30  ? 12.557  -0.978  12.106  1.00 31.18 ? 1837 MET B C   1 
ATOM   767  O O   . MET B 1 30  ? 11.727  -1.794  12.520  1.00 33.86 ? 1837 MET B O   1 
ATOM   768  C CB  . MET B 1 30  ? 11.710  0.847   10.709  1.00 37.85 ? 1837 MET B CB  1 
ATOM   769  C CG  . MET B 1 30  ? 11.689  1.562   9.390   1.00 43.27 ? 1837 MET B CG  1 
ATOM   770  S SD  . MET B 1 30  ? 10.871  3.160   9.538   1.00 56.27 ? 1837 MET B SD  1 
ATOM   771  C CE  . MET B 1 30  ? 9.352   2.675   10.207  1.00 21.74 ? 1837 MET B CE  1 
ATOM   772  N N   . LYS B 1 31  ? 13.555  -0.507  12.842  1.00 33.20 ? 1838 LYS B N   1 
ATOM   773  C CA  . LYS B 1 31  ? 13.741  -0.870  14.248  1.00 28.35 ? 1838 LYS B CA  1 
ATOM   774  C C   . LYS B 1 31  ? 13.892  0.425   15.017  1.00 32.53 ? 1838 LYS B C   1 
ATOM   775  O O   . LYS B 1 31  ? 14.298  1.454   14.463  1.00 27.98 ? 1838 LYS B O   1 
ATOM   776  C CB  . LYS B 1 31  ? 14.982  -1.751  14.415  1.00 38.11 ? 1838 LYS B CB  1 
ATOM   777  C CG  . LYS B 1 31  ? 14.910  -3.093  13.703  1.00 43.00 ? 1838 LYS B CG  1 
ATOM   778  N N   . LYS B 1 32  ? 13.496  0.402   16.284  1.00 31.93 ? 1839 LYS B N   1 
ATOM   779  C CA  . LYS B 1 32  ? 13.655  1.555   17.143  1.00 32.64 ? 1839 LYS B CA  1 
ATOM   780  C C   . LYS B 1 32  ? 15.113  1.707   17.597  1.00 29.77 ? 1839 LYS B C   1 
ATOM   781  O O   . LYS B 1 32  ? 15.831  0.727   17.773  1.00 32.90 ? 1839 LYS B O   1 
ATOM   782  C CB  . LYS B 1 32  ? 12.675  1.465   18.320  1.00 31.89 ? 1839 LYS B CB  1 
ATOM   783  C CG  . LYS B 1 32  ? 11.206  1.461   17.803  1.00 33.17 ? 1839 LYS B CG  1 
ATOM   784  C CD  . LYS B 1 32  ? 10.168  1.204   18.860  1.00 38.08 ? 1839 LYS B CD  1 
ATOM   785  C CE  . LYS B 1 32  ? 8.747   1.351   18.269  1.00 28.70 ? 1839 LYS B CE  1 
ATOM   786  N NZ  . LYS B 1 32  ? 7.693   1.371   19.346  1.00 30.15 ? 1839 LYS B NZ  1 
ATOM   787  N N   . GLY B 1 33  ? 15.554  2.953   17.743  1.00 29.86 ? 1840 GLY B N   1 
ATOM   788  C CA  . GLY B 1 33  ? 16.932  3.250   18.098  1.00 27.12 ? 1840 GLY B CA  1 
ATOM   789  C C   . GLY B 1 33  ? 16.950  3.688   19.540  1.00 24.24 ? 1840 GLY B C   1 
ATOM   790  O O   . GLY B 1 33  ? 16.001  3.410   20.305  1.00 29.76 ? 1840 GLY B O   1 
ATOM   791  N N   . PRO B 1 34  ? 18.044  4.326   19.955  1.00 31.73 ? 1841 PRO B N   1 
ATOM   792  C CA  . PRO B 1 34  ? 18.135  4.837   21.306  1.00 36.95 ? 1841 PRO B CA  1 
ATOM   793  C C   . PRO B 1 34  ? 16.984  5.809   21.604  1.00 46.93 ? 1841 PRO B C   1 
ATOM   794  O O   . PRO B 1 34  ? 16.486  6.507   20.702  1.00 48.60 ? 1841 PRO B O   1 
ATOM   795  C CB  . PRO B 1 34  ? 19.498  5.550   21.337  1.00 40.34 ? 1841 PRO B CB  1 
ATOM   796  C CG  . PRO B 1 34  ? 20.243  5.012   20.228  1.00 38.81 ? 1841 PRO B CG  1 
ATOM   797  C CD  . PRO B 1 34  ? 19.266  4.590   19.182  1.00 33.83 ? 1841 PRO B CD  1 
ATOM   798  N N   . THR B 1 35  ? 16.569  5.815   22.866  1.00 43.09 ? 1842 THR B N   1 
ATOM   799  C CA  . THR B 1 35  ? 15.367  6.518   23.321  1.00 45.05 ? 1842 THR B CA  1 
ATOM   800  C C   . THR B 1 35  ? 14.093  5.794   22.896  1.00 41.40 ? 1842 THR B C   1 
ATOM   801  O O   . THR B 1 35  ? 12.996  6.308   23.088  1.00 46.41 ? 1842 THR B O   1 
ATOM   802  C CB  . THR B 1 35  ? 15.332  8.023   22.907  1.00 48.98 ? 1842 THR B CB  1 
ATOM   803  O OG1 . THR B 1 35  ? 15.038  8.157   21.511  1.00 46.73 ? 1842 THR B OG1 1 
ATOM   804  C CG2 . THR B 1 35  ? 16.664  8.722   23.230  1.00 43.99 ? 1842 THR B CG2 1 
ATOM   805  N N   . ASP B 1 36  ? 14.232  4.576   22.371  1.00 34.59 ? 1843 ASP B N   1 
ATOM   806  C CA  . ASP B 1 36  ? 13.081  3.749   22.032  1.00 41.99 ? 1843 ASP B CA  1 
ATOM   807  C C   . ASP B 1 36  ? 12.177  4.470   20.999  1.00 37.97 ? 1843 ASP B C   1 
ATOM   808  O O   . ASP B 1 36  ? 10.949  4.523   21.139  1.00 43.44 ? 1843 ASP B O   1 
ATOM   809  C CB  . ASP B 1 36  ? 12.314  3.383   23.321  1.00 48.49 ? 1843 ASP B CB  1 
ATOM   810  C CG  . ASP B 1 36  ? 11.662  2.004   23.245  1.00 66.70 ? 1843 ASP B CG  1 
ATOM   811  O OD1 . ASP B 1 36  ? 10.527  1.840   23.750  1.00 82.62 ? 1843 ASP B OD1 1 
ATOM   812  O OD2 . ASP B 1 36  ? 12.293  1.084   22.683  1.00 53.10 ? 1843 ASP B OD2 1 
ATOM   813  N N   . SER B 1 37  ? 12.826  5.012   19.966  1.00 31.39 ? 1844 SER B N   1 
ATOM   814  C CA  . SER B 1 37  ? 12.187  5.852   18.957  1.00 29.32 ? 1844 SER B CA  1 
ATOM   815  C C   . SER B 1 37  ? 12.536  5.374   17.563  1.00 24.17 ? 1844 SER B C   1 
ATOM   816  O O   . SER B 1 37  ? 13.658  4.956   17.314  1.00 27.01 ? 1844 SER B O   1 
ATOM   817  C CB  . SER B 1 37  ? 12.689  7.284   19.106  1.00 35.51 ? 1844 SER B CB  1 
ATOM   818  O OG  . SER B 1 37  ? 12.214  8.110   18.052  1.00 46.04 ? 1844 SER B OG  1 
ATOM   819  N N   . LEU B 1 38  ? 11.569  5.453   16.652  1.00 25.20 ? 1845 LEU B N   1 
ATOM   820  C CA  . LEU B 1 38  ? 11.818  5.190   15.241  1.00 20.37 ? 1845 LEU B CA  1 
ATOM   821  C C   . LEU B 1 38  ? 12.546  6.341   14.544  1.00 20.08 ? 1845 LEU B C   1 
ATOM   822  O O   . LEU B 1 38  ? 13.100  6.141   13.476  1.00 22.89 ? 1845 LEU B O   1 
ATOM   823  C CB  . LEU B 1 38  ? 10.484  4.986   14.519  1.00 22.99 ? 1845 LEU B CB  1 
ATOM   824  C CG  . LEU B 1 38  ? 9.802   3.649   14.813  1.00 28.05 ? 1845 LEU B CG  1 
ATOM   825  C CD1 . LEU B 1 38  ? 8.413   3.713   14.256  1.00 27.96 ? 1845 LEU B CD1 1 
ATOM   826  C CD2 . LEU B 1 38  ? 10.535  2.515   14.156  1.00 27.74 ? 1845 LEU B CD2 1 
ATOM   827  N N   . GLY B 1 39  ? 12.516  7.525   15.148  1.00 19.00 ? 1846 GLY B N   1 
ATOM   828  C CA  . GLY B 1 39  ? 13.213  8.674   14.607  1.00 25.50 ? 1846 GLY B CA  1 
ATOM   829  C C   . GLY B 1 39  ? 12.445  9.361   13.489  1.00 21.11 ? 1846 GLY B C   1 
ATOM   830  O O   . GLY B 1 39  ? 13.049  10.024  12.614  1.00 21.35 ? 1846 GLY B O   1 
ATOM   831  N N   . ILE B 1 40  ? 11.128  9.187   13.498  1.00 21.28 ? 1847 ILE B N   1 
ATOM   832  C CA  . ILE B 1 40  ? 10.261  9.840   12.516  1.00 16.19 ? 1847 ILE B CA  1 
ATOM   833  C C   . ILE B 1 40  ? 9.111   10.520  13.243  1.00 19.63 ? 1847 ILE B C   1 
ATOM   834  O O   . ILE B 1 40  ? 8.725   10.075  14.315  1.00 18.98 ? 1847 ILE B O   1 
ATOM   835  C CB  . ILE B 1 40  ? 9.752   8.862   11.409  1.00 19.50 ? 1847 ILE B CB  1 
ATOM   836  C CG1 . ILE B 1 40  ? 8.906   7.747   11.998  1.00 22.72 ? 1847 ILE B CG1 1 
ATOM   837  C CG2 . ILE B 1 40  ? 10.935  8.313   10.630  1.00 25.30 ? 1847 ILE B CG2 1 
ATOM   838  C CD1 . ILE B 1 40  ? 8.139   6.902   10.955  1.00 26.65 ? 1847 ILE B CD1 1 
ATOM   839  N N   . SER B 1 41  ? 8.614   11.627  12.688  1.00 15.82 ? 1848 SER B N   1 
ATOM   840  C CA  . SER B 1 41  ? 7.362   12.210  13.129  1.00 12.99 ? 1848 SER B CA  1 
ATOM   841  C C   . SER B 1 41  ? 6.310   12.068  12.046  1.00 17.04 ? 1848 SER B C   1 
ATOM   842  O O   . SER B 1 41  ? 6.553   12.449  10.929  1.00 18.08 ? 1848 SER B O   1 
ATOM   843  C CB  . SER B 1 41  ? 7.535   13.688  13.439  1.00 20.88 ? 1848 SER B CB  1 
ATOM   844  O OG  . SER B 1 41  ? 8.446   13.858  14.525  1.00 23.45 ? 1848 SER B OG  1 
ATOM   845  N N   . ILE B 1 42  ? 5.127   11.568  12.415  1.00 17.47 ? 1849 ILE B N   1 
ATOM   846  C CA  . ILE B 1 42  ? 4.059   11.400  11.458  1.00 14.48 ? 1849 ILE B CA  1 
ATOM   847  C C   . ILE B 1 42  ? 2.940   12.406  11.649  1.00 14.32 ? 1849 ILE B C   1 
ATOM   848  O O   . ILE B 1 42  ? 2.645   12.890  12.767  1.00 15.72 ? 1849 ILE B O   1 
ATOM   849  C CB  . ILE B 1 42  ? 3.527   9.936   11.481  1.00 17.92 ? 1849 ILE B CB  1 
ATOM   850  C CG1 . ILE B 1 42  ? 2.885   9.612   12.834  1.00 19.81 ? 1849 ILE B CG1 1 
ATOM   851  C CG2 . ILE B 1 42  ? 4.688   8.923   11.136  1.00 21.47 ? 1849 ILE B CG2 1 
ATOM   852  C CD1 . ILE B 1 42  ? 1.932   8.336   12.735  1.00 25.22 ? 1849 ILE B CD1 1 
ATOM   853  N N   . ALA B 1 43  ? 2.310   12.753  10.545  1.00 13.13 ? 1850 ALA B N   1 
ATOM   854  C CA  . ALA B 1 43  ? 1.300   13.782  10.538  1.00 13.58 ? 1850 ALA B CA  1 
ATOM   855  C C   . ALA B 1 43  ? 0.120   13.256  9.727   1.00 17.66 ? 1850 ALA B C   1 
ATOM   856  O O   . ALA B 1 43  ? 0.311   12.361  8.853   1.00 16.55 ? 1850 ALA B O   1 
ATOM   857  C CB  . ALA B 1 43  ? 1.827   15.089  9.960   1.00 17.54 ? 1850 ALA B CB  1 
ATOM   858  N N   . GLY B 1 44  ? -1.063  13.787  10.008  1.00 15.31 ? 1851 GLY B N   1 
ATOM   859  C CA  . GLY B 1 44  ? -2.237  13.424  9.213   1.00 12.91 ? 1851 GLY B CA  1 
ATOM   860  C C   . GLY B 1 44  ? -2.909  12.163  9.738   1.00 11.90 ? 1851 GLY B C   1 
ATOM   861  O O   . GLY B 1 44  ? -2.625  11.668  10.814  1.00 15.88 ? 1851 GLY B O   1 
ATOM   862  N N   . GLY B 1 45  ? -3.839  11.660  8.929   1.00 13.74 ? 1852 GLY B N   1 
ATOM   863  C CA  . GLY B 1 45  ? -4.748  10.590  9.292   1.00 14.95 ? 1852 GLY B CA  1 
ATOM   864  C C   . GLY B 1 45  ? -6.073  11.203  9.712   1.00 17.14 ? 1852 GLY B C   1 
ATOM   865  O O   . GLY B 1 45  ? -6.201  12.434  9.925   1.00 18.42 ? 1852 GLY B O   1 
ATOM   866  N N   . VAL B 1 46  ? -7.098  10.358  9.777   1.00 14.93 ? 1853 VAL B N   1 
ATOM   867  C CA  . VAL B 1 46  ? -8.415  10.794  10.163  1.00 16.80 ? 1853 VAL B CA  1 
ATOM   868  C C   . VAL B 1 46  ? -8.288  11.340  11.609  1.00 14.25 ? 1853 VAL B C   1 
ATOM   869  O O   . VAL B 1 46  ? -7.610  10.788  12.441  1.00 14.38 ? 1853 VAL B O   1 
ATOM   870  C CB  . VAL B 1 46  ? -9.469  9.641   10.111  1.00 19.06 ? 1853 VAL B CB  1 
ATOM   871  C CG1 . VAL B 1 46  ? -10.834 10.125  10.616  1.00 20.00 ? 1853 VAL B CG1 1 
ATOM   872  C CG2 . VAL B 1 46  ? -9.596  9.091   8.668   1.00 18.94 ? 1853 VAL B CG2 1 
ATOM   873  N N   . GLY B 1 47  ? -8.915  12.486  11.840  1.00 14.38 ? 1854 GLY B N   1 
ATOM   874  C CA  . GLY B 1 47  ? -8.950  13.098  13.132  1.00 17.43 ? 1854 GLY B CA  1 
ATOM   875  C C   . GLY B 1 47  ? -7.700  13.888  13.453  1.00 21.60 ? 1854 GLY B C   1 
ATOM   876  O O   . GLY B 1 47  ? -7.546  14.362  14.567  1.00 18.55 ? 1854 GLY B O   1 
ATOM   877  N N   . SER B 1 48  ? -6.775  14.046  12.511  1.00 14.86 ? 1855 SER B N   1 
ATOM   878  C CA  . SER B 1 48  ? -5.542  14.736  12.863  1.00 16.12 ? 1855 SER B CA  1 
ATOM   879  C C   . SER B 1 48  ? -5.790  16.233  12.991  1.00 15.46 ? 1855 SER B C   1 
ATOM   880  O O   . SER B 1 48  ? -6.743  16.755  12.533  1.00 19.07 ? 1855 SER B O   1 
ATOM   881  C CB  . SER B 1 48  ? -4.484  14.505  11.776  1.00 16.12 ? 1855 SER B CB  1 
ATOM   882  O OG  . SER B 1 48  ? -4.614  15.419  10.735  1.00 20.58 ? 1855 SER B OG  1 
ATOM   883  N N   . PRO B 1 49  ? -4.868  16.937  13.635  1.00 16.36 ? 1856 PRO B N   1 
ATOM   884  C CA  . PRO B 1 49  ? -4.981  18.398  13.670  1.00 22.05 ? 1856 PRO B CA  1 
ATOM   885  C C   . PRO B 1 49  ? -4.921  19.077  12.317  1.00 26.47 ? 1856 PRO B C   1 
ATOM   886  O O   . PRO B 1 49  ? -5.341  20.234  12.192  1.00 26.16 ? 1856 PRO B O   1 
ATOM   887  C CB  . PRO B 1 49  ? -3.795  18.825  14.551  1.00 23.58 ? 1856 PRO B CB  1 
ATOM   888  C CG  . PRO B 1 49  ? -2.953  17.764  14.633  1.00 26.13 ? 1856 PRO B CG  1 
ATOM   889  C CD  . PRO B 1 49  ? -3.721  16.466  14.371  1.00 15.88 ? 1856 PRO B CD  1 
ATOM   890  N N   . LEU B 1 50  ? -4.488  18.349  11.288  1.00 20.73 ? 1857 LEU B N   1 
ATOM   891  C CA  . LEU B 1 50  ? -4.474  18.870  9.942   1.00 25.20 ? 1857 LEU B CA  1 
ATOM   892  C C   . LEU B 1 50  ? -5.792  18.613  9.185   1.00 32.68 ? 1857 LEU B C   1 
ATOM   893  O O   . LEU B 1 50  ? -5.993  19.090  8.062   1.00 40.14 ? 1857 LEU B O   1 
ATOM   894  C CB  . LEU B 1 50  ? -3.303  18.263  9.180   1.00 18.13 ? 1857 LEU B CB  1 
ATOM   895  C CG  . LEU B 1 50  ? -1.898  18.560  9.709   1.00 25.04 ? 1857 LEU B CG  1 
ATOM   896  C CD1 . LEU B 1 50  ? -0.822  17.959  8.805   1.00 30.13 ? 1857 LEU B CD1 1 
ATOM   897  C CD2 . LEU B 1 50  ? -1.684  20.101  9.846   1.00 26.36 ? 1857 LEU B CD2 1 
ATOM   898  N N   . GLY B 1 51  ? -6.692  17.873  9.804   1.00 20.77 ? 1858 GLY B N   1 
ATOM   899  C CA  . GLY B 1 51  ? -7.928  17.400  9.154   1.00 18.92 ? 1858 GLY B CA  1 
ATOM   900  C C   . GLY B 1 51  ? -7.762  15.948  8.737   1.00 20.21 ? 1858 GLY B C   1 
ATOM   901  O O   . GLY B 1 51  ? -6.826  15.295  9.154   1.00 22.72 ? 1858 GLY B O   1 
ATOM   902  N N   . ASP B 1 52  ? -8.685  15.436  7.935   1.00 22.04 ? 1859 ASP B N   1 
ATOM   903  C CA  . ASP B 1 52  ? -8.616  14.042  7.477   1.00 20.30 ? 1859 ASP B CA  1 
ATOM   904  C C   . ASP B 1 52  ? -7.835  14.003  6.183   1.00 29.22 ? 1859 ASP B C   1 
ATOM   905  O O   . ASP B 1 52  ? -8.428  14.015  5.085   1.00 34.85 ? 1859 ASP B O   1 
ATOM   906  C CB  . ASP B 1 52  ? -10.005 13.496  7.206   1.00 18.49 ? 1859 ASP B CB  1 
ATOM   907  C CG  . ASP B 1 52  ? -10.926 13.592  8.387   1.00 29.77 ? 1859 ASP B CG  1 
ATOM   908  O OD1 . ASP B 1 52  ? -10.450 13.656  9.532   1.00 23.32 ? 1859 ASP B OD1 1 
ATOM   909  O OD2 . ASP B 1 52  ? -12.154 13.603  8.160   1.00 29.10 ? 1859 ASP B OD2 1 
ATOM   910  N N   . VAL B 1 53  ? -6.513  14.042  6.319   1.00 19.21 ? 1860 VAL B N   1 
ATOM   911  C CA  . VAL B 1 53  ? -5.565  14.040  5.185   1.00 17.15 ? 1860 VAL B CA  1 
ATOM   912  C C   . VAL B 1 53  ? -4.761  12.729  5.291   1.00 17.18 ? 1860 VAL B C   1 
ATOM   913  O O   . VAL B 1 53  ? -4.742  12.113  6.338   1.00 18.58 ? 1860 VAL B O   1 
ATOM   914  C CB  . VAL B 1 53  ? -4.624  15.276  5.204   1.00 23.70 ? 1860 VAL B CB  1 
ATOM   915  C CG1 . VAL B 1 53  ? -5.461  16.614  5.027   1.00 23.85 ? 1860 VAL B CG1 1 
ATOM   916  C CG2 . VAL B 1 53  ? -3.724  15.287  6.511   1.00 21.61 ? 1860 VAL B CG2 1 
ATOM   917  N N   . PRO B 1 54  ? -4.162  12.241  4.178   1.00 18.92 ? 1861 PRO B N   1 
ATOM   918  C CA  . PRO B 1 54  ? -3.294  11.091  4.245   1.00 15.69 ? 1861 PRO B CA  1 
ATOM   919  C C   . PRO B 1 54  ? -2.127  11.194  5.262   1.00 17.54 ? 1861 PRO B C   1 
ATOM   920  O O   . PRO B 1 54  ? -1.579  12.271  5.489   1.00 21.48 ? 1861 PRO B O   1 
ATOM   921  C CB  . PRO B 1 54  ? -2.739  10.980  2.814   1.00 23.70 ? 1861 PRO B CB  1 
ATOM   922  C CG  . PRO B 1 54  ? -3.715  11.642  1.948   1.00 22.39 ? 1861 PRO B CG  1 
ATOM   923  C CD  . PRO B 1 54  ? -4.331  12.739  2.797   1.00 27.34 ? 1861 PRO B CD  1 
ATOM   924  N N   . ILE B 1 55  ? -1.780  10.088  5.865   1.00 16.27 ? 1862 ILE B N   1 
ATOM   925  C CA  . ILE B 1 55  ? -0.683  10.059  6.830   1.00 12.47 ? 1862 ILE B CA  1 
ATOM   926  C C   . ILE B 1 55  ? 0.639   10.181  6.101   1.00 20.84 ? 1862 ILE B C   1 
ATOM   927  O O   . ILE B 1 55  ? 0.814   9.525   5.080   1.00 18.50 ? 1862 ILE B O   1 
ATOM   928  C CB  . ILE B 1 55  ? -0.721  8.726   7.615   1.00 14.01 ? 1862 ILE B CB  1 
ATOM   929  C CG1 . ILE B 1 55  ? -2.056  8.639   8.381   1.00 18.66 ? 1862 ILE B CG1 1 
ATOM   930  C CG2 . ILE B 1 55  ? 0.469   8.628   8.536   1.00 16.29 ? 1862 ILE B CG2 1 
ATOM   931  C CD1 . ILE B 1 55  ? -2.214  7.366   9.178   1.00 18.00 ? 1862 ILE B CD1 1 
ATOM   932  N N   . PHE B 1 56  ? 1.561   11.023  6.598   1.00 13.59 ? 1863 PHE B N   1 
ATOM   933  C CA  . PHE B 1 56  ? 2.847   11.248  5.915   1.00 11.38 ? 1863 PHE B CA  1 
ATOM   934  C C   . PHE B 1 56  ? 3.939   11.500  6.974   1.00 14.31 ? 1863 PHE B C   1 
ATOM   935  O O   . PHE B 1 56  ? 3.653   11.732  8.148   1.00 13.44 ? 1863 PHE B O   1 
ATOM   936  C CB  . PHE B 1 56  ? 2.762   12.412  4.935   1.00 13.13 ? 1863 PHE B CB  1 
ATOM   937  C CG  . PHE B 1 56  ? 2.436   13.789  5.577   1.00 14.79 ? 1863 PHE B CG  1 
ATOM   938  C CD1 . PHE B 1 56  ? 3.440   14.718  5.832   1.00 17.48 ? 1863 PHE B CD1 1 
ATOM   939  C CD2 . PHE B 1 56  ? 1.151   14.150  5.882   1.00 17.10 ? 1863 PHE B CD2 1 
ATOM   940  C CE1 . PHE B 1 56  ? 3.128   15.980  6.384   1.00 13.17 ? 1863 PHE B CE1 1 
ATOM   941  C CE2 . PHE B 1 56  ? 0.852   15.412  6.440   1.00 20.95 ? 1863 PHE B CE2 1 
ATOM   942  C CZ  . PHE B 1 56  ? 1.856   16.306  6.692   1.00 18.74 ? 1863 PHE B CZ  1 
ATOM   943  N N   . ILE B 1 57  ? 5.180   11.447  6.519   1.00 12.66 ? 1864 ILE B N   1 
ATOM   944  C CA  . ILE B 1 57  ? 6.358   11.655  7.372   1.00 12.58 ? 1864 ILE B CA  1 
ATOM   945  C C   . ILE B 1 57  ? 6.667   13.134  7.314   1.00 14.59 ? 1864 ILE B C   1 
ATOM   946  O O   . ILE B 1 57  ? 7.009   13.663  6.264   1.00 15.17 ? 1864 ILE B O   1 
ATOM   947  C CB  . ILE B 1 57  ? 7.548   10.899  6.837   1.00 15.93 ? 1864 ILE B CB  1 
ATOM   948  C CG1 . ILE B 1 57  ? 7.229   9.382   6.891   1.00 19.76 ? 1864 ILE B CG1 1 
ATOM   949  C CG2 . ILE B 1 57  ? 8.768   11.157  7.652   1.00 15.45 ? 1864 ILE B CG2 1 
ATOM   950  C CD1 . ILE B 1 57  ? 8.352   8.519   6.407   1.00 20.91 ? 1864 ILE B CD1 1 
ATOM   951  N N   . ALA B 1 58  ? 6.477   13.806  8.440   1.00 14.94 ? 1865 ALA B N   1 
ATOM   952  C CA  . ALA B 1 58  ? 6.695   15.204  8.521   1.00 13.95 ? 1865 ALA B CA  1 
ATOM   953  C C   . ALA B 1 58  ? 8.151   15.631  8.716   1.00 18.28 ? 1865 ALA B C   1 
ATOM   954  O O   . ALA B 1 58  ? 8.567   16.697  8.239   1.00 19.09 ? 1865 ALA B O   1 
ATOM   955  C CB  . ALA B 1 58  ? 5.764   15.811  9.690   1.00 15.84 ? 1865 ALA B CB  1 
ATOM   956  N N   . MET B 1 59  ? 8.890   14.849  9.485   1.00 13.96 ? 1866 MET B N   1 
ATOM   957  C CA  . MET B 1 59  ? 10.253  15.131  9.890   1.00 15.08 ? 1866 MET B CA  1 
ATOM   958  C C   . MET B 1 59  ? 10.947  13.808  10.201  1.00 18.58 ? 1866 MET B C   1 
ATOM   959  O O   . MET B 1 59  ? 10.290  12.791  10.516  1.00 18.02 ? 1866 MET B O   1 
ATOM   960  C CB  . MET B 1 59  ? 10.279  15.926  11.178  1.00 19.51 ? 1866 MET B CB  1 
ATOM   961  C CG  . MET B 1 59  ? 9.791   17.281  11.102  1.00 30.46 ? 1866 MET B CG  1 
ATOM   962  S SD  . MET B 1 59  ? 8.594   17.444  12.421  1.00 34.52 ? 1866 MET B SD  1 
ATOM   963  C CE  . MET B 1 59  ? 7.660   18.717  11.642  1.00 26.07 ? 1866 MET B CE  1 
ATOM   964  N N   . MET B 1 60  ? 12.265  13.807  10.114  1.00 17.04 ? 1867 MET B N   1 
ATOM   965  C CA  . MET B 1 60  ? 13.048  12.642  10.466  1.00 17.74 ? 1867 MET B CA  1 
ATOM   966  C C   . MET B 1 60  ? 14.327  12.977  11.207  1.00 24.09 ? 1867 MET B C   1 
ATOM   967  O O   . MET B 1 60  ? 15.001  13.932  10.871  1.00 19.29 ? 1867 MET B O   1 
ATOM   968  C CB  . MET B 1 60  ? 13.461  11.939  9.170   1.00 23.07 ? 1867 MET B CB  1 
ATOM   969  C CG  . MET B 1 60  ? 12.344  11.322  8.448   1.00 33.65 ? 1867 MET B CG  1 
ATOM   970  S SD  . MET B 1 60  ? 13.001  10.494  6.978   1.00 34.02 ? 1867 MET B SD  1 
ATOM   971  C CE  . MET B 1 60  ? 14.032  9.228   7.705   1.00 32.95 ? 1867 MET B CE  1 
ATOM   972  N N   . HIS B 1 61  ? 14.691  12.157  12.186  1.00 21.72 ? 1868 HIS B N   1 
ATOM   973  C CA  . HIS B 1 61  ? 16.074  12.195  12.741  1.00 24.54 ? 1868 HIS B CA  1 
ATOM   974  C C   . HIS B 1 61  ? 16.438  10.867  13.397  1.00 31.90 ? 1868 HIS B C   1 
ATOM   975  O O   . HIS B 1 61  ? 16.500  10.782  14.615  1.00 33.78 ? 1868 HIS B O   1 
ATOM   976  C CB  . HIS B 1 61  ? 16.249  13.290  13.765  1.00 34.52 ? 1868 HIS B CB  1 
ATOM   977  C CG  . HIS B 1 61  ? 17.695  13.605  14.032  1.00 40.83 ? 1868 HIS B CG  1 
ATOM   978  N ND1 . HIS B 1 61  ? 18.629  13.694  13.019  1.00 56.52 ? 1868 HIS B ND1 1 
ATOM   979  C CD2 . HIS B 1 61  ? 18.366  13.841  15.182  1.00 60.66 ? 1868 HIS B CD2 1 
ATOM   980  C CE1 . HIS B 1 61  ? 19.813  13.977  13.533  1.00 44.25 ? 1868 HIS B CE1 1 
ATOM   981  N NE2 . HIS B 1 61  ? 19.679  14.074  14.844  1.00 65.36 ? 1868 HIS B NE2 1 
ATOM   982  N N   . PRO B 1 62  ? 16.616  9.818   12.604  1.00 34.37 ? 1869 PRO B N   1 
ATOM   983  C CA  . PRO B 1 62  ? 16.917  8.498   13.215  1.00 36.07 ? 1869 PRO B CA  1 
ATOM   984  C C   . PRO B 1 62  ? 18.336  8.378   13.767  1.00 31.16 ? 1869 PRO B C   1 
ATOM   985  O O   . PRO B 1 62  ? 19.246  9.005   13.234  1.00 37.92 ? 1869 PRO B O   1 
ATOM   986  C CB  . PRO B 1 62  ? 16.712  7.511   12.050  1.00 42.75 ? 1869 PRO B CB  1 
ATOM   987  C CG  . PRO B 1 62  ? 16.006  8.316   10.954  1.00 47.64 ? 1869 PRO B CG  1 
ATOM   988  C CD  . PRO B 1 62  ? 16.470  9.728   11.141  1.00 41.22 ? 1869 PRO B CD  1 
ATOM   989  N N   . THR B 1 63  ? 18.504  7.565   14.820  1.00 37.54 ? 1870 THR B N   1 
ATOM   990  C CA  . THR B 1 63  ? 19.836  7.323   15.429  1.00 34.83 ? 1870 THR B CA  1 
ATOM   991  C C   . THR B 1 63  ? 20.041  5.858   15.826  1.00 41.12 ? 1870 THR B C   1 
ATOM   992  O O   . THR B 1 63  ? 19.104  5.040   15.741  1.00 43.58 ? 1870 THR B O   1 
ATOM   993  C CB  . THR B 1 63  ? 20.083  8.232   16.657  1.00 34.87 ? 1870 THR B CB  1 
ATOM   994  O OG1 . THR B 1 63  ? 19.212  7.882   17.733  1.00 42.62 ? 1870 THR B OG1 1 
ATOM   995  C CG2 . THR B 1 63  ? 19.876  9.711   16.296  1.00 34.57 ? 1870 THR B CG2 1 
ATOM   996  N N   . LYS B 1 71  ? 16.186  5.130   2.915   1.00 56.12 ? 1878 LYS B N   1 
ATOM   997  C CA  . LYS B 1 71  ? 15.002  4.436   2.401   1.00 57.62 ? 1878 LYS B CA  1 
ATOM   998  C C   . LYS B 1 71  ? 13.739  5.317   2.496   1.00 50.49 ? 1878 LYS B C   1 
ATOM   999  O O   . LYS B 1 71  ? 13.020  5.489   1.501   1.00 51.65 ? 1878 LYS B O   1 
ATOM   1000 C CB  . LYS B 1 71  ? 14.799  3.118   3.150   1.00 56.54 ? 1878 LYS B CB  1 
ATOM   1001 N N   . LEU B 1 72  ? 13.487  5.873   3.685   1.00 32.55 ? 1879 LEU B N   1 
ATOM   1002 C CA  . LEU B 1 72  ? 12.351  6.791   3.906   1.00 24.26 ? 1879 LEU B CA  1 
ATOM   1003 C C   . LEU B 1 72  ? 12.777  8.234   3.736   1.00 21.78 ? 1879 LEU B C   1 
ATOM   1004 O O   . LEU B 1 72  ? 13.921  8.576   4.056   1.00 28.02 ? 1879 LEU B O   1 
ATOM   1005 C CB  . LEU B 1 72  ? 11.815  6.666   5.335   1.00 27.04 ? 1879 LEU B CB  1 
ATOM   1006 C CG  . LEU B 1 72  ? 11.048  5.429   5.748   1.00 32.93 ? 1879 LEU B CG  1 
ATOM   1007 C CD1 . LEU B 1 72  ? 10.907  5.430   7.251   1.00 28.78 ? 1879 LEU B CD1 1 
ATOM   1008 C CD2 . LEU B 1 72  ? 9.691   5.401   5.036   1.00 31.69 ? 1879 LEU B CD2 1 
ATOM   1009 N N   . ARG B 1 73  ? 11.874  9.047   3.196   1.00 21.62 ? 1880 ARG B N   1 
ATOM   1010 C CA  . ARG B 1 73  ? 12.064  10.479  2.966   1.00 24.20 ? 1880 ARG B CA  1 
ATOM   1011 C C   . ARG B 1 73  ? 10.939  11.284  3.629   1.00 23.41 ? 1880 ARG B C   1 
ATOM   1012 O O   . ARG B 1 73  ? 9.786   10.855  3.704   1.00 19.14 ? 1880 ARG B O   1 
ATOM   1013 C CB  . ARG B 1 73  ? 12.024  10.785  1.473   1.00 24.35 ? 1880 ARG B CB  1 
ATOM   1014 C CG  . ARG B 1 73  ? 13.115  10.058  0.669   1.00 29.65 ? 1880 ARG B CG  1 
ATOM   1015 C CD  . ARG B 1 73  ? 13.196  10.554  -0.770  1.00 46.85 ? 1880 ARG B CD  1 
ATOM   1016 N NE  . ARG B 1 73  ? 12.544  9.661   -1.731  1.00 64.38 ? 1880 ARG B NE  1 
ATOM   1017 C CZ  . ARG B 1 73  ? 12.993  8.453   -2.094  1.00 66.63 ? 1880 ARG B CZ  1 
ATOM   1018 N NH1 . ARG B 1 73  ? 14.092  7.928   -1.554  1.00 69.60 ? 1880 ARG B NH1 1 
ATOM   1019 N NH2 . ARG B 1 73  ? 12.321  7.749   -2.997  1.00 70.26 ? 1880 ARG B NH2 1 
ATOM   1020 N N   . VAL B 1 74  ? 11.269  12.507  4.033   1.00 19.07 ? 1881 VAL B N   1 
ATOM   1021 C CA  . VAL B 1 74  ? 10.266  13.452  4.473   1.00 15.41 ? 1881 VAL B CA  1 
ATOM   1022 C C   . VAL B 1 74  ? 9.306   13.681  3.328   1.00 19.01 ? 1881 VAL B C   1 
ATOM   1023 O O   . VAL B 1 74  ? 9.709   13.800  2.134   1.00 22.51 ? 1881 VAL B O   1 
ATOM   1024 C CB  . VAL B 1 74  ? 10.928  14.771  4.980   1.00 22.49 ? 1881 VAL B CB  1 
ATOM   1025 C CG1 . VAL B 1 74  ? 9.939   15.756  5.248   1.00 24.68 ? 1881 VAL B CG1 1 
ATOM   1026 C CG2 . VAL B 1 74  ? 11.714  14.522  6.253   1.00 20.63 ? 1881 VAL B CG2 1 
ATOM   1027 N N   . GLY B 1 75  ? 8.019   13.707  3.666   1.00 19.79 ? 1882 GLY B N   1 
ATOM   1028 C CA  . GLY B 1 75  ? 6.975   13.942  2.723   1.00 20.03 ? 1882 GLY B CA  1 
ATOM   1029 C C   . GLY B 1 75  ? 6.383   12.636  2.177   1.00 16.76 ? 1882 GLY B C   1 
ATOM   1030 O O   . GLY B 1 75  ? 5.397   12.683  1.447   1.00 24.01 ? 1882 GLY B O   1 
ATOM   1031 N N   . ASP B 1 76  ? 7.007   11.517  2.525   1.00 17.02 ? 1883 ASP B N   1 
ATOM   1032 C CA  . ASP B 1 76  ? 6.509   10.201  2.060   1.00 19.70 ? 1883 ASP B CA  1 
ATOM   1033 C C   . ASP B 1 76  ? 5.128   9.967   2.688   1.00 19.55 ? 1883 ASP B C   1 
ATOM   1034 O O   . ASP B 1 76  ? 4.924   10.263  3.865   1.00 16.53 ? 1883 ASP B O   1 
ATOM   1035 C CB  . ASP B 1 76  ? 7.410   9.075   2.463   1.00 19.23 ? 1883 ASP B CB  1 
ATOM   1036 C CG  . ASP B 1 76  ? 8.601   8.872   1.508   1.00 22.23 ? 1883 ASP B CG  1 
ATOM   1037 O OD1 . ASP B 1 76  ? 8.622   9.437   0.373   1.00 27.63 ? 1883 ASP B OD1 1 
ATOM   1038 O OD2 . ASP B 1 76  ? 9.469   8.098   1.962   1.00 25.57 ? 1883 ASP B OD2 1 
ATOM   1039 N N   . ARG B 1 77  ? 4.209   9.425   1.873   1.00 14.78 ? 1884 ARG B N   1 
ATOM   1040 C CA  . ARG B 1 77  ? 2.864   9.097   2.301   1.00 15.43 ? 1884 ARG B CA  1 
ATOM   1041 C C   . ARG B 1 77  ? 2.901   7.636   2.747   1.00 17.46 ? 1884 ARG B C   1 
ATOM   1042 O O   . ARG B 1 77  ? 3.420   6.771   2.013   1.00 18.29 ? 1884 ARG B O   1 
ATOM   1043 C CB  . ARG B 1 77  ? 1.848   9.359   1.206   1.00 17.60 ? 1884 ARG B CB  1 
ATOM   1044 C CG  . ARG B 1 77  ? 1.356   10.774  1.274   1.00 28.31 ? 1884 ARG B CG  1 
ATOM   1045 C CD  . ARG B 1 77  ? 0.373   11.097  0.233   1.00 33.20 ? 1884 ARG B CD  1 
ATOM   1046 N NE  . ARG B 1 77  ? 0.042   12.512  0.299   1.00 31.86 ? 1884 ARG B NE  1 
ATOM   1047 C CZ  . ARG B 1 77  ? -0.477  13.195  -0.712  1.00 32.91 ? 1884 ARG B CZ  1 
ATOM   1048 N NH1 . ARG B 1 77  ? -0.781  12.580  -1.849  1.00 35.03 ? 1884 ARG B NH1 1 
ATOM   1049 N NH2 . ARG B 1 77  ? -0.712  14.496  -0.582  1.00 34.30 ? 1884 ARG B NH2 1 
ATOM   1050 N N   . ILE B 1 78  ? 2.364   7.338   3.935   1.00 16.01 ? 1885 ILE B N   1 
ATOM   1051 C CA  . ILE B 1 78  ? 2.456   5.995   4.477   1.00 17.00 ? 1885 ILE B CA  1 
ATOM   1052 C C   . ILE B 1 78  ? 1.208   5.239   4.039   1.00 17.55 ? 1885 ILE B C   1 
ATOM   1053 O O   . ILE B 1 78  ? 0.093   5.665   4.294   1.00 17.50 ? 1885 ILE B O   1 
ATOM   1054 C CB  . ILE B 1 78  ? 2.574   5.983   6.004   1.00 17.52 ? 1885 ILE B CB  1 
ATOM   1055 C CG1 . ILE B 1 78  ? 3.802   6.816   6.476   1.00 17.92 ? 1885 ILE B CG1 1 
ATOM   1056 C CG2 . ILE B 1 78  ? 2.681   4.518   6.530   1.00 15.91 ? 1885 ILE B CG2 1 
ATOM   1057 C CD1 . ILE B 1 78  ? 3.864   6.992   7.982   1.00 22.54 ? 1885 ILE B CD1 1 
ATOM   1058 N N   . VAL B 1 79  ? 1.403   4.169   3.292   1.00 14.73 ? 1886 VAL B N   1 
ATOM   1059 C CA  . VAL B 1 79  ? 0.312   3.379   2.733   1.00 13.34 ? 1886 VAL B CA  1 
ATOM   1060 C C   . VAL B 1 79  ? -0.070  2.208   3.614   1.00 12.63 ? 1886 VAL B C   1 
ATOM   1061 O O   . VAL B 1 79  ? -1.263  1.879   3.754   1.00 14.77 ? 1886 VAL B O   1 
ATOM   1062 C CB  . VAL B 1 79  ? 0.700   2.861   1.294   1.00 14.28 ? 1886 VAL B CB  1 
ATOM   1063 C CG1 . VAL B 1 79  ? -0.498  2.087   0.697   1.00 20.38 ? 1886 VAL B CG1 1 
ATOM   1064 C CG2 . VAL B 1 79  ? 1.091   4.001   0.395   1.00 18.89 ? 1886 VAL B CG2 1 
ATOM   1065 N N   . THR B 1 80  ? 0.920   1.527   4.190   1.00 13.83 ? 1887 THR B N   1 
ATOM   1066 C CA  . THR B 1 80  ? 0.684   0.507   5.190   1.00 14.67 ? 1887 THR B CA  1 
ATOM   1067 C C   . THR B 1 80  ? 1.686   0.552   6.329   1.00 14.56 ? 1887 THR B C   1 
ATOM   1068 O O   . THR B 1 80  ? 2.829   0.923   6.148   1.00 17.25 ? 1887 THR B O   1 
ATOM   1069 C CB  . THR B 1 80  ? 0.767   -0.930  4.579   1.00 16.20 ? 1887 THR B CB  1 
ATOM   1070 O OG1 . THR B 1 80  ? 2.094   -1.213  4.151   1.00 18.59 ? 1887 THR B OG1 1 
ATOM   1071 C CG2 . THR B 1 80  ? -0.189  -1.094  3.391   1.00 16.48 ? 1887 THR B CG2 1 
ATOM   1072 N N   . ILE B 1 81  ? 1.234   0.116   7.489   1.00 15.97 ? 1888 ILE B N   1 
ATOM   1073 C CA  . ILE B 1 81  ? 2.060   0.017   8.688   1.00 14.36 ? 1888 ILE B CA  1 
ATOM   1074 C C   . ILE B 1 81  ? 1.811   -1.355  9.255   1.00 16.68 ? 1888 ILE B C   1 
ATOM   1075 O O   . ILE B 1 81  ? 0.670   -1.682  9.522   1.00 16.73 ? 1888 ILE B O   1 
ATOM   1076 C CB  . ILE B 1 81  ? 1.610   1.025   9.765   1.00 18.08 ? 1888 ILE B CB  1 
ATOM   1077 C CG1 . ILE B 1 81  ? 1.811   2.460   9.293   1.00 19.94 ? 1888 ILE B CG1 1 
ATOM   1078 C CG2 . ILE B 1 81  ? 2.387   0.705   11.052  1.00 20.37 ? 1888 ILE B CG2 1 
ATOM   1079 C CD1 . ILE B 1 81  ? 1.028   3.556   10.147  1.00 21.39 ? 1888 ILE B CD1 1 
ATOM   1080 N N   . CYS B 1 82  ? 2.853   -2.157  9.462   1.00 22.76 ? 1889 CYS B N   1 
ATOM   1081 C CA  . CYS B 1 82  ? 2.710   -3.482  10.030  1.00 21.60 ? 1889 CYS B CA  1 
ATOM   1082 C C   . CYS B 1 82  ? 1.687   -4.316  9.225   1.00 19.75 ? 1889 CYS B C   1 
ATOM   1083 O O   . CYS B 1 82  ? 0.921   -5.082  9.805   1.00 23.70 ? 1889 CYS B O   1 
ATOM   1084 C CB  . CYS B 1 82  ? 2.256   -3.378  11.489  1.00 24.74 ? 1889 CYS B CB  1 
ATOM   1085 S SG  . CYS B 1 82  ? 3.569   -2.551  12.551  1.00 34.70 ? 1889 CYS B SG  1 
ATOM   1086 N N   . GLY B 1 83  ? 1.612   -4.097  7.923   1.00 17.94 ? 1890 GLY B N   1 
ATOM   1087 C CA  . GLY B 1 83  ? 0.696   -4.890  7.099   1.00 21.61 ? 1890 GLY B CA  1 
ATOM   1088 C C   . GLY B 1 83  ? -0.747  -4.396  7.030   1.00 21.70 ? 1890 GLY B C   1 
ATOM   1089 O O   . GLY B 1 83  ? -1.592  -4.982  6.342   1.00 21.45 ? 1890 GLY B O   1 
ATOM   1090 N N   . THR B 1 84  ? -1.046  -3.312  7.743   1.00 16.07 ? 1891 THR B N   1 
ATOM   1091 C CA  . THR B 1 84  ? -2.366  -2.700  7.772   1.00 14.77 ? 1891 THR B CA  1 
ATOM   1092 C C   . THR B 1 84  ? -2.450  -1.438  6.936   1.00 16.78 ? 1891 THR B C   1 
ATOM   1093 O O   . THR B 1 84  ? -1.638  -0.528  7.083   1.00 17.10 ? 1891 THR B O   1 
ATOM   1094 C CB  . THR B 1 84  ? -2.776  -2.312  9.253   1.00 18.07 ? 1891 THR B CB  1 
ATOM   1095 O OG1 . THR B 1 84  ? -2.709  -3.485  10.059  1.00 26.31 ? 1891 THR B OG1 1 
ATOM   1096 C CG2 . THR B 1 84  ? -4.189  -1.791  9.279   1.00 21.02 ? 1891 THR B CG2 1 
ATOM   1097 N N   . SER B 1 85  ? -3.466  -1.328  6.070   1.00 16.21 ? 1892 SER B N   1 
ATOM   1098 C CA  . SER B 1 85  ? -3.657  -0.119  5.270   1.00 16.59 ? 1892 SER B CA  1 
ATOM   1099 C C   . SER B 1 85  ? -3.935  1.075   6.167   1.00 14.34 ? 1892 SER B C   1 
ATOM   1100 O O   . SER B 1 85  ? -4.676  0.935   7.123   1.00 15.14 ? 1892 SER B O   1 
ATOM   1101 C CB  . SER B 1 85  ? -4.845  -0.245  4.322   1.00 16.92 ? 1892 SER B CB  1 
ATOM   1102 O OG  . SER B 1 85  ? -5.011  0.948   3.583   1.00 19.71 ? 1892 SER B OG  1 
ATOM   1103 N N   . THR B 1 86  ? -3.412  2.233   5.794   1.00 15.04 ? 1893 THR B N   1 
ATOM   1104 C CA  . THR B 1 86  ? -3.699  3.474   6.500   1.00 15.08 ? 1893 THR B CA  1 
ATOM   1105 C C   . THR B 1 86  ? -4.956  4.172   5.985   1.00 18.17 ? 1893 THR B C   1 
ATOM   1106 O O   . THR B 1 86  ? -5.381  5.202   6.505   1.00 18.25 ? 1893 THR B O   1 
ATOM   1107 C CB  . THR B 1 86  ? -2.508  4.421   6.376   1.00 14.82 ? 1893 THR B CB  1 
ATOM   1108 O OG1 . THR B 1 86  ? -2.313  4.728   5.003   1.00 19.31 ? 1893 THR B OG1 1 
ATOM   1109 C CG2 . THR B 1 86  ? -1.263  3.837   7.038   1.00 15.87 ? 1893 THR B CG2 1 
ATOM   1110 N N   . GLU B 1 87  ? -5.572  3.645   4.949   1.00 16.88 ? 1894 GLU B N   1 
ATOM   1111 C CA  . GLU B 1 87  ? -6.851  4.195   4.485   1.00 20.99 ? 1894 GLU B CA  1 
ATOM   1112 C C   . GLU B 1 87  ? -7.933  4.121   5.582   1.00 18.97 ? 1894 GLU B C   1 
ATOM   1113 O O   . GLU B 1 87  ? -8.276  3.042   6.071   1.00 21.01 ? 1894 GLU B O   1 
ATOM   1114 C CB  . GLU B 1 87  ? -7.326  3.496   3.204   1.00 27.38 ? 1894 GLU B CB  1 
ATOM   1115 C CG  . GLU B 1 87  ? -8.453  4.242   2.434   1.00 35.75 ? 1894 GLU B CG  1 
ATOM   1116 C CD  . GLU B 1 87  ? -7.989  5.581   1.789   1.00 34.62 ? 1894 GLU B CD  1 
ATOM   1117 O OE1 . GLU B 1 87  ? -6.765  5.819   1.693   1.00 57.89 ? 1894 GLU B OE1 1 
ATOM   1118 O OE2 . GLU B 1 87  ? -8.843  6.399   1.384   1.00 58.44 ? 1894 GLU B OE2 1 
ATOM   1119 N N   . GLY B 1 88  ? -8.396  5.301   5.998   1.00 21.26 ? 1895 GLY B N   1 
ATOM   1120 C CA  . GLY B 1 88  ? -9.412  5.445   7.016   1.00 20.08 ? 1895 GLY B CA  1 
ATOM   1121 C C   . GLY B 1 88  ? -8.850  5.285   8.427   1.00 21.08 ? 1895 GLY B C   1 
ATOM   1122 O O   . GLY B 1 88  ? -9.643  5.398   9.396   1.00 21.63 ? 1895 GLY B O   1 
ATOM   1123 N N   . MET B 1 89  ? -7.530  5.119   8.558   1.00 17.51 ? 1896 MET B N   1 
ATOM   1124 C CA  . MET B 1 89  ? -6.889  4.988   9.842   1.00 14.49 ? 1896 MET B CA  1 
ATOM   1125 C C   . MET B 1 89  ? -6.814  6.354   10.497  1.00 13.12 ? 1896 MET B C   1 
ATOM   1126 O O   . MET B 1 89  ? -6.531  7.348   9.822   1.00 14.79 ? 1896 MET B O   1 
ATOM   1127 C CB  . MET B 1 89  ? -5.476  4.399   9.726   1.00 18.31 ? 1896 MET B CB  1 
ATOM   1128 C CG  . MET B 1 89  ? -4.806  4.069   11.011  1.00 18.11 ? 1896 MET B CG  1 
ATOM   1129 S SD  . MET B 1 89  ? -3.159  3.371   10.764  1.00 20.76 ? 1896 MET B SD  1 
ATOM   1130 C CE  . MET B 1 89  ? -3.417  1.609   10.348  1.00 22.13 ? 1896 MET B CE  1 
ATOM   1131 N N   . THR B 1 90  ? -7.014  6.382   11.818  1.00 14.37 ? 1897 THR B N   1 
ATOM   1132 C CA  . THR B 1 90  ? -6.922  7.665   12.477  1.00 12.83 ? 1897 THR B CA  1 
ATOM   1133 C C   . THR B 1 90  ? -5.455  7.946   12.777  1.00 12.41 ? 1897 THR B C   1 
ATOM   1134 O O   . THR B 1 90  ? -4.611  7.059   12.863  1.00 12.85 ? 1897 THR B O   1 
ATOM   1135 C CB  . THR B 1 90  ? -7.785  7.755   13.793  1.00 14.02 ? 1897 THR B CB  1 
ATOM   1136 O OG1 . THR B 1 90  ? -7.222  6.897   14.788  1.00 14.48 ? 1897 THR B OG1 1 
ATOM   1137 C CG2 . THR B 1 90  ? -9.244  7.385   13.485  1.00 14.61 ? 1897 THR B CG2 1 
ATOM   1138 N N   . HIS B 1 91  ? -5.183  9.224   13.008  1.00 15.05 ? 1898 HIS B N   1 
ATOM   1139 C CA  . HIS B 1 91  ? -3.889  9.623   13.471  1.00 17.54 ? 1898 HIS B CA  1 
ATOM   1140 C C   . HIS B 1 91  ? -3.478  8.897   14.740  1.00 15.39 ? 1898 HIS B C   1 
ATOM   1141 O O   . HIS B 1 91  ? -2.380  8.354   14.819  1.00 14.97 ? 1898 HIS B O   1 
ATOM   1142 C CB  . HIS B 1 91  ? -3.856  11.132  13.680  1.00 15.92 ? 1898 HIS B CB  1 
ATOM   1143 C CG  . HIS B 1 91  ? -2.544  11.608  14.139  1.00 16.35 ? 1898 HIS B CG  1 
ATOM   1144 N ND1 . HIS B 1 91  ? -1.521  11.916  13.260  1.00 20.02 ? 1898 HIS B ND1 1 
ATOM   1145 C CD2 . HIS B 1 91  ? -2.046  11.791  15.383  1.00 23.70 ? 1898 HIS B CD2 1 
ATOM   1146 C CE1 . HIS B 1 91  ? -0.437  12.229  13.957  1.00 23.35 ? 1898 HIS B CE1 1 
ATOM   1147 N NE2 . HIS B 1 91  ? -0.737  12.193  15.246  1.00 19.51 ? 1898 HIS B NE2 1 
ATOM   1148 N N   . THR B 1 92  ? -4.381  8.823   15.730  1.00 11.88 ? 1899 THR B N   1 
ATOM   1149 C CA  . THR B 1 92  ? -4.115  8.125   16.955  1.00 15.66 ? 1899 THR B CA  1 
ATOM   1150 C C   . THR B 1 92  ? -3.890  6.650   16.784  1.00 15.33 ? 1899 THR B C   1 
ATOM   1151 O O   . THR B 1 92  ? -3.044  6.074   17.412  1.00 14.86 ? 1899 THR B O   1 
ATOM   1152 C CB  . THR B 1 92  ? -5.269  8.418   17.949  1.00 20.73 ? 1899 THR B CB  1 
ATOM   1153 O OG1 . THR B 1 92  ? -5.429  9.850   17.984  1.00 26.83 ? 1899 THR B OG1 1 
ATOM   1154 C CG2 . THR B 1 92  ? -4.907  7.949   19.327  1.00 25.79 ? 1899 THR B CG2 1 
ATOM   1155 N N   . GLN B 1 93  ? -4.659  6.021   15.919  1.00 13.43 ? 1900 GLN B N   1 
ATOM   1156 C CA  . GLN B 1 93  ? -4.404  4.600   15.646  1.00 12.93 ? 1900 GLN B CA  1 
ATOM   1157 C C   . GLN B 1 93  ? -3.026  4.336   15.055  1.00 14.45 ? 1900 GLN B C   1 
ATOM   1158 O O   . GLN B 1 93  ? -2.367  3.365   15.453  1.00 15.34 ? 1900 GLN B O   1 
ATOM   1159 C CB  . GLN B 1 93  ? -5.454  4.062   14.689  1.00 14.36 ? 1900 GLN B CB  1 
ATOM   1160 C CG  . GLN B 1 93  ? -6.822  3.807   15.338  1.00 18.23 ? 1900 GLN B CG  1 
ATOM   1161 C CD  . GLN B 1 93  ? -7.917  3.533   14.333  1.00 16.43 ? 1900 GLN B CD  1 
ATOM   1162 O OE1 . GLN B 1 93  ? -7.826  3.897   13.139  1.00 15.92 ? 1900 GLN B OE1 1 
ATOM   1163 N NE2 . GLN B 1 93  ? -8.993  2.908   14.805  1.00 15.82 ? 1900 GLN B NE2 1 
ATOM   1164 N N   . ALA B 1 94  ? -2.573  5.197   14.156  1.00 15.67 ? 1901 ALA B N   1 
ATOM   1165 C CA  . ALA B 1 94  ? -1.249  5.064   13.513  1.00 15.56 ? 1901 ALA B CA  1 
ATOM   1166 C C   . ALA B 1 94  ? -0.119  5.222   14.528  1.00 16.05 ? 1901 ALA B C   1 
ATOM   1167 O O   . ALA B 1 94  ? 0.815   4.489   14.547  1.00 18.05 ? 1901 ALA B O   1 
ATOM   1168 C CB  . ALA B 1 94  ? -1.106  6.098   12.360  1.00 16.69 ? 1901 ALA B CB  1 
ATOM   1169 N N   . VAL B 1 95  ? -0.228  6.247   15.365  1.00 14.75 ? 1902 VAL B N   1 
ATOM   1170 C CA  . VAL B 1 95  ? 0.704   6.516   16.390  1.00 17.80 ? 1902 VAL B CA  1 
ATOM   1171 C C   . VAL B 1 95  ? 0.790   5.350   17.333  1.00 19.40 ? 1902 VAL B C   1 
ATOM   1172 O O   . VAL B 1 95  ? 1.864   4.886   17.603  1.00 18.86 ? 1902 VAL B O   1 
ATOM   1173 C CB  . VAL B 1 95  ? 0.309   7.790   17.130  1.00 19.26 ? 1902 VAL B CB  1 
ATOM   1174 C CG1 . VAL B 1 95  ? 1.106   7.948   18.441  1.00 25.61 ? 1902 VAL B CG1 1 
ATOM   1175 C CG2 . VAL B 1 95  ? 0.508   8.994   16.204  1.00 17.45 ? 1902 VAL B CG2 1 
ATOM   1176 N N   . ASN B 1 96  ? -0.345  4.831   17.779  1.00 20.58 ? 1903 ASN B N   1 
ATOM   1177 C CA  . ASN B 1 96  ? -0.328  3.740   18.729  1.00 22.14 ? 1903 ASN B CA  1 
ATOM   1178 C C   . ASN B 1 96  ? 0.247   2.461   18.142  1.00 21.54 ? 1903 ASN B C   1 
ATOM   1179 O O   . ASN B 1 96  ? 0.963   1.706   18.822  1.00 24.55 ? 1903 ASN B O   1 
ATOM   1180 C CB  . ASN B 1 96  ? -1.732  3.495   19.269  1.00 23.06 ? 1903 ASN B CB  1 
ATOM   1181 C CG  . ASN B 1 96  ? -2.168  4.550   20.236  1.00 26.04 ? 1903 ASN B CG  1 
ATOM   1182 O OD1 . ASN B 1 96  ? -1.400  5.444   20.610  1.00 31.47 ? 1903 ASN B OD1 1 
ATOM   1183 N ND2 . ASN B 1 96  ? -3.409  4.450   20.668  1.00 23.84 ? 1903 ASN B ND2 1 
ATOM   1184 N N   . LEU B 1 97  ? -0.031  2.238   16.872  1.00 21.15 ? 1904 LEU B N   1 
ATOM   1185 C CA  . LEU B 1 97  ? 0.528   1.088   16.175  1.00 19.61 ? 1904 LEU B CA  1 
ATOM   1186 C C   . LEU B 1 97  ? 2.053   1.158   16.182  1.00 20.12 ? 1904 LEU B C   1 
ATOM   1187 O O   . LEU B 1 97  ? 2.723   0.165   16.428  1.00 25.78 ? 1904 LEU B O   1 
ATOM   1188 C CB  . LEU B 1 97  ? -0.017  0.988   14.745  1.00 23.09 ? 1904 LEU B CB  1 
ATOM   1189 C CG  . LEU B 1 97  ? -0.023  -0.337  14.019  1.00 31.70 ? 1904 LEU B CG  1 
ATOM   1190 C CD1 . LEU B 1 97  ? -0.853  -1.417  14.760  1.00 27.72 ? 1904 LEU B CD1 1 
ATOM   1191 C CD2 . LEU B 1 97  ? -0.607  -0.086  12.651  1.00 32.35 ? 1904 LEU B CD2 1 
ATOM   1192 N N   . LEU B 1 98  ? 2.616   2.331   15.887  1.00 18.83 ? 1905 LEU B N   1 
ATOM   1193 C CA  . LEU B 1 98  ? 4.067   2.462   15.809  1.00 18.90 ? 1905 LEU B CA  1 
ATOM   1194 C C   . LEU B 1 98  ? 4.687   2.487   17.201  1.00 23.79 ? 1905 LEU B C   1 
ATOM   1195 O O   . LEU B 1 98  ? 5.793   1.972   17.407  1.00 29.95 ? 1905 LEU B O   1 
ATOM   1196 C CB  . LEU B 1 98  ? 4.420   3.699   15.040  1.00 19.28 ? 1905 LEU B CB  1 
ATOM   1197 C CG  . LEU B 1 98  ? 4.060   3.696   13.565  1.00 17.69 ? 1905 LEU B CG  1 
ATOM   1198 C CD1 . LEU B 1 98  ? 4.168   5.043   12.957  1.00 21.94 ? 1905 LEU B CD1 1 
ATOM   1199 C CD2 . LEU B 1 98  ? 4.944   2.667   12.827  1.00 24.47 ? 1905 LEU B CD2 1 
ATOM   1200 N N   . LYS B 1 99  ? 3.978   3.042   18.171  1.00 22.57 ? 1906 LYS B N   1 
ATOM   1201 C CA  . LYS B 1 99  ? 4.494   3.086   19.556  1.00 24.12 ? 1906 LYS B CA  1 
ATOM   1202 C C   . LYS B 1 99  ? 4.564   1.734   20.234  1.00 23.98 ? 1906 LYS B C   1 
ATOM   1203 O O   . LYS B 1 99  ? 5.526   1.455   20.948  1.00 28.93 ? 1906 LYS B O   1 
ATOM   1204 C CB  . LYS B 1 99  ? 3.698   4.055   20.434  1.00 23.59 ? 1906 LYS B CB  1 
ATOM   1205 C CG  . LYS B 1 99  ? 4.002   5.513   20.168  1.00 30.14 ? 1906 LYS B CG  1 
ATOM   1206 C CD  . LYS B 1 99  ? 3.368   6.400   21.245  1.00 34.62 ? 1906 LYS B CD  1 
ATOM   1207 N N   . ASN B 1 100 ? 3.556   0.904   19.999  1.00 24.08 ? 1907 ASN B N   1 
ATOM   1208 C CA  . ASN B 1 100 ? 3.420   -0.410  20.596  1.00 24.31 ? 1907 ASN B CA  1 
ATOM   1209 C C   . ASN B 1 100 ? 4.147   -1.516  19.877  1.00 34.03 ? 1907 ASN B C   1 
ATOM   1210 O O   . ASN B 1 100 ? 4.267   -2.617  20.408  1.00 30.79 ? 1907 ASN B O   1 
ATOM   1211 C CB  . ASN B 1 100 ? 1.948   -0.795  20.649  1.00 27.84 ? 1907 ASN B CB  1 
ATOM   1212 C CG  . ASN B 1 100 ? 1.154   0.074   21.575  1.00 43.86 ? 1907 ASN B CG  1 
ATOM   1213 O OD1 . ASN B 1 100 ? 1.681   0.594   22.552  1.00 44.89 ? 1907 ASN B OD1 1 
ATOM   1214 N ND2 . ASN B 1 100 ? -0.135  0.234   21.280  1.00 48.45 ? 1907 ASN B ND2 1 
ATOM   1215 N N   . ALA B 1 101 ? 4.592   -1.254  18.659  1.00 30.54 ? 1908 ALA B N   1 
ATOM   1216 C CA  . ALA B 1 101 ? 5.243   -2.290  17.872  1.00 30.17 ? 1908 ALA B CA  1 
ATOM   1217 C C   . ALA B 1 101 ? 6.651   -2.516  18.382  1.00 33.17 ? 1908 ALA B C   1 
ATOM   1218 O O   . ALA B 1 101 ? 7.297   -1.626  18.969  1.00 38.85 ? 1908 ALA B O   1 
ATOM   1219 C CB  . ALA B 1 101 ? 5.255   -1.884  16.378  1.00 31.39 ? 1908 ALA B CB  1 
ATOM   1220 N N   . SER B 1 102 ? 7.142   -3.719  18.133  1.00 36.89 ? 1909 SER B N   1 
ATOM   1221 C CA  . SER B 1 102 ? 8.485   -4.114  18.549  1.00 29.76 ? 1909 SER B CA  1 
ATOM   1222 C C   . SER B 1 102 ? 9.174   -4.836  17.402  1.00 37.12 ? 1909 SER B C   1 
ATOM   1223 O O   . SER B 1 102 ? 8.573   -5.056  16.338  1.00 40.98 ? 1909 SER B O   1 
ATOM   1224 C CB  . SER B 1 102 ? 8.391   -5.050  19.740  1.00 36.40 ? 1909 SER B CB  1 
ATOM   1225 O OG  . SER B 1 102 ? 7.428   -6.048  19.468  1.00 49.79 ? 1909 SER B OG  1 
ATOM   1226 N N   . GLY B 1 103 ? 10.445  -5.172  17.609  1.00 36.53 ? 1910 GLY B N   1 
ATOM   1227 C CA  . GLY B 1 103 ? 11.207  -5.869  16.583  1.00 37.00 ? 1910 GLY B CA  1 
ATOM   1228 C C   . GLY B 1 103 ? 11.240  -5.039  15.310  1.00 38.36 ? 1910 GLY B C   1 
ATOM   1229 O O   . GLY B 1 103 ? 11.485  -3.820  15.351  1.00 34.48 ? 1910 GLY B O   1 
ATOM   1230 N N   . SER B 1 104 ? 10.994  -5.685  14.174  1.00 36.70 ? 1911 SER B N   1 
ATOM   1231 C CA  . SER B 1 104 ? 11.078  -4.989  12.893  1.00 32.26 ? 1911 SER B CA  1 
ATOM   1232 C C   . SER B 1 104 ? 9.667   -4.566  12.513  1.00 29.32 ? 1911 SER B C   1 
ATOM   1233 O O   . SER B 1 104 ? 8.750   -5.381  12.559  1.00 35.35 ? 1911 SER B O   1 
ATOM   1234 C CB  . SER B 1 104 ? 11.656  -5.918  11.844  1.00 37.32 ? 1911 SER B CB  1 
ATOM   1235 O OG  . SER B 1 104 ? 10.733  -6.969  11.601  1.00 46.80 ? 1911 SER B OG  1 
ATOM   1236 N N   . ILE B 1 105 ? 9.489   -3.283  12.180  1.00 28.42 ? 1912 ILE B N   1 
ATOM   1237 C CA  . ILE B 1 105 ? 8.174   -2.686  11.886  1.00 24.30 ? 1912 ILE B CA  1 
ATOM   1238 C C   . ILE B 1 105 ? 8.176   -2.446  10.396  1.00 25.77 ? 1912 ILE B C   1 
ATOM   1239 O O   . ILE B 1 105 ? 9.040   -1.724  9.886   1.00 31.01 ? 1912 ILE B O   1 
ATOM   1240 C CB  . ILE B 1 105 ? 8.023   -1.307  12.568  1.00 25.05 ? 1912 ILE B CB  1 
ATOM   1241 C CG1 . ILE B 1 105 ? 7.933   -1.472  14.092  1.00 38.70 ? 1912 ILE B CG1 1 
ATOM   1242 C CG2 . ILE B 1 105 ? 6.806   -0.565  12.073  1.00 35.12 ? 1912 ILE B CG2 1 
ATOM   1243 C CD1 . ILE B 1 105 ? 7.968   -0.136  14.869  1.00 40.76 ? 1912 ILE B CD1 1 
ATOM   1244 N N   . GLU B 1 106 ? 7.266   -3.106  9.688   1.00 23.53 ? 1913 GLU B N   1 
ATOM   1245 C CA  . GLU B 1 106 ? 7.209   -2.934  8.233   1.00 28.29 ? 1913 GLU B CA  1 
ATOM   1246 C C   . GLU B 1 106 ? 6.376   -1.699  7.937   1.00 22.72 ? 1913 GLU B C   1 
ATOM   1247 O O   . GLU B 1 106 ? 5.387   -1.424  8.618   1.00 25.38 ? 1913 GLU B O   1 
ATOM   1248 C CB  . GLU B 1 106 ? 6.631   -4.165  7.534   1.00 32.27 ? 1913 GLU B CB  1 
ATOM   1249 C CG  . GLU B 1 106 ? 7.080   -4.307  6.084   1.00 45.47 ? 1913 GLU B CG  1 
ATOM   1250 N N   . MET B 1 107 ? 6.797   -0.925  6.944   1.00 20.81 ? 1914 MET B N   1 
ATOM   1251 C CA  . MET B 1 107 ? 6.012   0.196   6.454   1.00 19.95 ? 1914 MET B CA  1 
ATOM   1252 C C   . MET B 1 107 ? 6.141   0.231   4.920   1.00 20.66 ? 1914 MET B C   1 
ATOM   1253 O O   . MET B 1 107 ? 7.182   -0.124  4.413   1.00 23.65 ? 1914 MET B O   1 
ATOM   1254 C CB  . MET B 1 107 ? 6.559   1.464   7.143   1.00 25.31 ? 1914 MET B CB  1 
ATOM   1255 C CG  . MET B 1 107 ? 6.228   2.791   6.567   1.00 35.91 ? 1914 MET B CG  1 
ATOM   1256 S SD  . MET B 1 107 ? 6.723   4.085   7.794   1.00 41.07 ? 1914 MET B SD  1 
ATOM   1257 C CE  . MET B 1 107 ? 5.642   3.599   8.968   1.00 16.42 ? 1914 MET B CE  1 
ATOM   1258 N N   . GLN B 1 108 ? 5.068   0.558   4.200   1.00 17.78 ? 1915 GLN B N   1 
ATOM   1259 C CA  . GLN B 1 108 ? 5.145   0.810   2.754   1.00 13.31 ? 1915 GLN B CA  1 
ATOM   1260 C C   . GLN B 1 108 ? 4.738   2.240   2.520   1.00 17.34 ? 1915 GLN B C   1 
ATOM   1261 O O   . GLN B 1 108 ? 3.726   2.730   3.047   1.00 16.62 ? 1915 GLN B O   1 
ATOM   1262 C CB  . GLN B 1 108 ? 4.290   -0.142  1.922   1.00 16.39 ? 1915 GLN B CB  1 
ATOM   1263 C CG  . GLN B 1 108 ? 4.597   -1.587  2.154   1.00 16.16 ? 1915 GLN B CG  1 
ATOM   1264 C CD  . GLN B 1 108 ? 3.578   -2.501  1.478   1.00 23.06 ? 1915 GLN B CD  1 
ATOM   1265 O OE1 . GLN B 1 108 ? 2.398   -2.619  1.931   1.00 22.57 ? 1915 GLN B OE1 1 
ATOM   1266 N NE2 . GLN B 1 108 ? 4.023   -3.183  0.418   1.00 22.86 ? 1915 GLN B NE2 1 
ATOM   1267 N N   . VAL B 1 109 ? 5.515   2.906   1.690   1.00 16.43 ? 1916 VAL B N   1 
ATOM   1268 C CA  . VAL B 1 109 ? 5.313   4.298   1.372   1.00 14.47 ? 1916 VAL B CA  1 
ATOM   1269 C C   . VAL B 1 109 ? 5.386   4.610   -0.096  1.00 19.24 ? 1916 VAL B C   1 
ATOM   1270 O O   . VAL B 1 109 ? 5.913   3.840   -0.876  1.00 18.42 ? 1916 VAL B O   1 
ATOM   1271 C CB  . VAL B 1 109 ? 6.399   5.190   2.100   1.00 17.69 ? 1916 VAL B CB  1 
ATOM   1272 C CG1 . VAL B 1 109 ? 6.369   4.909   3.561   1.00 16.13 ? 1916 VAL B CG1 1 
ATOM   1273 C CG2 . VAL B 1 109 ? 7.825   4.944   1.532   1.00 22.12 ? 1916 VAL B CG2 1 
ATOM   1274 N N   . VAL B 1 110 ? 4.827   5.753   -0.429  1.00 17.86 ? 1917 VAL B N   1 
ATOM   1275 C CA  . VAL B 1 110 ? 4.930   6.370   -1.758  1.00 16.65 ? 1917 VAL B CA  1 
ATOM   1276 C C   . VAL B 1 110 ? 5.373   7.827   -1.598  1.00 23.02 ? 1917 VAL B C   1 
ATOM   1277 O O   . VAL B 1 110 ? 5.185   8.410   -0.549  1.00 19.84 ? 1917 VAL B O   1 
ATOM   1278 C CB  . VAL B 1 110 ? 3.578   6.293   -2.551  1.00 20.26 ? 1917 VAL B CB  1 
ATOM   1279 C CG1 . VAL B 1 110 ? 3.204   4.837   -2.793  1.00 17.18 ? 1917 VAL B CG1 1 
ATOM   1280 C CG2 . VAL B 1 110 ? 2.393   7.115   -1.883  1.00 20.04 ? 1917 VAL B CG2 1 
ATOM   1281 N N   . ALA B 1 111 ? 5.937   8.423   -2.647  1.00 25.05 ? 1918 ALA B N   1 
ATOM   1282 C CA  . ALA B 1 111 ? 6.252   9.870   -2.603  1.00 24.33 ? 1918 ALA B CA  1 
ATOM   1283 C C   . ALA B 1 111 ? 4.974   10.657  -2.468  1.00 26.74 ? 1918 ALA B C   1 
ATOM   1284 O O   . ALA B 1 111 ? 3.986   10.366  -3.129  1.00 25.87 ? 1918 ALA B O   1 
ATOM   1285 C CB  . ALA B 1 111 ? 7.001   10.270  -3.846  1.00 30.66 ? 1918 ALA B CB  1 
ATOM   1286 N N   . GLY B 1 112 ? 4.947   11.659  -1.593  1.00 23.54 ? 1919 GLY B N   1 
ATOM   1287 C CA  . GLY B 1 112 ? 3.685   12.312  -1.238  1.00 28.34 ? 1919 GLY B CA  1 
ATOM   1288 C C   . GLY B 1 112 ? 3.616   13.766  -1.649  1.00 28.21 ? 1919 GLY B C   1 
ATOM   1289 O O   . GLY B 1 112 ? 2.538   14.279  -2.001  1.00 41.96 ? 1919 GLY B O   1 
ATOM   1290 N N   . GLY B 1 113 ? 4.759   14.429  -1.610  1.00 28.84 ? 1920 GLY B N   1 
ATOM   1291 C CA  . GLY B 1 113 ? 4.820   15.862  -1.922  1.00 28.31 ? 1920 GLY B CA  1 
ATOM   1292 C C   . GLY B 1 113 ? 4.343   16.798  -0.812  1.00 29.23 ? 1920 GLY B C   1 
ATOM   1293 O O   . GLY B 1 113 ? 4.332   18.004  -0.995  1.00 29.24 ? 1920 GLY B O   1 
ATOM   1294 N N   . ASP B 1 114 ? 4.000   16.253  0.348   1.00 24.57 ? 1921 ASP B N   1 
ATOM   1295 C CA  . ASP B 1 114 ? 3.459   17.047  1.464   1.00 20.15 ? 1921 ASP B CA  1 
ATOM   1296 C C   . ASP B 1 114 ? 4.472   17.951  2.178   1.00 29.02 ? 1921 ASP B C   1 
ATOM   1297 O O   . ASP B 1 114 ? 4.067   18.880  2.880   1.00 28.95 ? 1921 ASP B O   1 
ATOM   1298 C CB  . ASP B 1 114 ? 2.835   16.125  2.502   1.00 25.54 ? 1921 ASP B CB  1 
ATOM   1299 C CG  . ASP B 1 114 ? 1.505   15.519  2.033   1.00 37.14 ? 1921 ASP B CG  1 
ATOM   1300 O OD1 . ASP B 1 114 ? 0.735   16.231  1.336   1.00 51.50 ? 1921 ASP B OD1 1 
ATOM   1301 O OD2 . ASP B 1 114 ? 1.235   14.339  2.368   1.00 40.68 ? 1921 ASP B OD2 1 
ATOM   1302 N N   . VAL B 1 115 ? 5.751   17.634  2.024   1.00 23.59 ? 1922 VAL B N   1 
ATOM   1303 C CA  . VAL B 1 115 ? 6.861   18.381  2.650   1.00 19.73 ? 1922 VAL B CA  1 
ATOM   1304 C C   . VAL B 1 115 ? 7.891   18.649  1.589   1.00 31.51 ? 1922 VAL B C   1 
ATOM   1305 O O   . VAL B 1 115 ? 8.377   17.718  0.945   1.00 30.22 ? 1922 VAL B O   1 
ATOM   1306 C CB  . VAL B 1 115 ? 7.507   17.616  3.824   1.00 21.20 ? 1922 VAL B CB  1 
ATOM   1307 C CG1 . VAL B 1 115 ? 8.659   18.438  4.400   1.00 23.04 ? 1922 VAL B CG1 1 
ATOM   1308 C CG2 . VAL B 1 115 ? 6.493   17.324  4.863   1.00 23.49 ? 1922 VAL B CG2 1 
ATOM   1309 N N   . SER B 1 116 ? 8.198   19.931  1.379   1.00 22.98 ? 1923 SER B N   1 
ATOM   1310 C CA  . SER B 1 116 ? 9.221   20.330  0.414   1.00 24.65 ? 1923 SER B CA  1 
ATOM   1311 C C   . SER B 1 116 ? 10.377  20.903  1.233   1.00 27.82 ? 1923 SER B C   1 
ATOM   1312 O O   . SER B 1 116 ? 10.250  22.008  1.777   1.00 24.88 ? 1923 SER B O   1 
ATOM   1313 C CB  . SER B 1 116 ? 8.687   21.379  -0.552  1.00 32.28 ? 1923 SER B CB  1 
ATOM   1314 O OG  . SER B 1 116 ? 9.735   21.852  -1.382  1.00 39.35 ? 1923 SER B OG  1 
ATOM   1315 N N   . GLU B 1 117 ? 11.472  20.134  1.333   1.00 21.85 ? 1924 GLU B N   1 
ATOM   1316 C CA  . GLU B 1 117 ? 12.635  20.510  2.142   1.00 20.73 ? 1924 GLU B CA  1 
ATOM   1317 C C   . GLU B 1 117 ? 13.830  20.822  1.277   1.00 21.59 ? 1924 GLU B C   1 
ATOM   1318 O O   . GLU B 1 117 ? 13.998  20.292  0.165   1.00 22.23 ? 1924 GLU B O   1 
ATOM   1319 C CB  . GLU B 1 117 ? 12.991  19.444  3.177   1.00 20.38 ? 1924 GLU B CB  1 
ATOM   1320 C CG  . GLU B 1 117 ? 13.663  18.222  2.597   1.00 27.27 ? 1924 GLU B CG  1 
ATOM   1321 C CD  . GLU B 1 117 ? 14.003  17.170  3.618   1.00 53.58 ? 1924 GLU B CD  1 
ATOM   1322 O OE1 . GLU B 1 117 ? 13.830  17.414  4.831   1.00 51.19 ? 1924 GLU B OE1 1 
ATOM   1323 O OE2 . GLU B 1 117 ? 14.455  16.081  3.197   1.00 64.75 ? 1924 GLU B OE2 1 
ATOM   1324 N N   . THR B 1 118 ? 14.680  21.705  1.785   1.00 18.33 ? 1925 THR B N   1 
ATOM   1325 C CA  . THR B 1 118 ? 15.929  22.070  1.140   1.00 18.34 ? 1925 THR B CA  1 
ATOM   1326 C C   . THR B 1 118 ? 17.048  22.141  2.175   1.00 20.26 ? 1925 THR B C   1 
ATOM   1327 O O   . THR B 1 118 ? 16.850  22.704  3.256   1.00 18.43 ? 1925 THR B O   1 
ATOM   1328 C CB  . THR B 1 118 ? 15.809  23.410  0.444   1.00 20.87 ? 1925 THR B CB  1 
ATOM   1329 O OG1 . THR B 1 118 ? 14.839  23.308  -0.590  1.00 25.79 ? 1925 THR B OG1 1 
ATOM   1330 C CG2 . THR B 1 118 ? 17.116  23.840  -0.164  1.00 25.11 ? 1925 THR B CG2 1 
ATOM   1331 N N   . SER B 1 119 ? 18.204  21.548  1.875   1.00 20.04 ? 1926 SER B N   1 
ATOM   1332 C CA  . SER B 1 119 ? 19.344  21.637  2.764   1.00 21.77 ? 1926 SER B CA  1 
ATOM   1333 C C   . SER B 1 119 ? 19.993  22.994  2.681   1.00 23.44 ? 1926 SER B C   1 
ATOM   1334 O O   . SER B 1 119 ? 20.315  23.477  1.582   1.00 27.68 ? 1926 SER B O   1 
ATOM   1335 C CB  . SER B 1 119 ? 20.395  20.573  2.388   1.00 32.66 ? 1926 SER B CB  1 
ATOM   1336 O OG  . SER B 1 119 ? 19.821  19.300  2.599   1.00 40.40 ? 1926 SER B OG  1 
ATOM   1337 N N   . VAL B 1 120 ? 20.284  23.553  3.863   1.00 22.15 ? 1927 VAL B N   1 
ATOM   1338 C CA  . VAL B 1 120 ? 21.097  24.780  4.006   1.00 29.77 ? 1927 VAL B CA  1 
ATOM   1339 C C   . VAL B 1 120 ? 22.270  24.617  5.053   1.00 38.87 ? 1927 VAL B C   1 
ATOM   1340 O O   . VAL B 1 120 ? 22.447  23.553  5.740   1.00 33.12 ? 1927 VAL B O   1 
ATOM   1341 C CB  . VAL B 1 120 ? 20.172  25.980  4.346   1.00 26.58 ? 1927 VAL B CB  1 
ATOM   1342 C CG1 . VAL B 1 120 ? 18.999  26.055  3.374   1.00 29.20 ? 1927 VAL B CG1 1 
ATOM   1343 C CG2 . VAL B 1 120 ? 19.636  25.851  5.736   1.00 24.39 ? 1927 VAL B CG2 1 
ATOM   1344 O OXT . VAL B 1 120 ? 23.136  25.544  5.211   1.00 35.34 ? 1927 VAL B OXT 1 
HETATM 1345 O O   . HOH C 2 .   ? -18.384 1.790   -8.808  1.00 43.28 ? 2001 HOH A O   1 
HETATM 1346 O O   . HOH C 2 .   ? -18.210 -9.640  -13.552 1.00 28.81 ? 2002 HOH A O   1 
HETATM 1347 O O   . HOH C 2 .   ? -12.544 -11.454 -18.201 1.00 56.29 ? 2003 HOH A O   1 
HETATM 1348 O O   . HOH C 2 .   ? 0.794   -18.599 -8.580  1.00 28.90 ? 2004 HOH A O   1 
HETATM 1349 O O   . HOH C 2 .   ? 4.070   -9.787  -15.489 1.00 37.96 ? 2005 HOH A O   1 
HETATM 1350 O O   . HOH C 2 .   ? 2.704   5.223   -13.969 1.00 45.39 ? 2006 HOH A O   1 
HETATM 1351 O O   . HOH C 2 .   ? -5.574  6.610   -2.631  1.00 43.37 ? 2007 HOH A O   1 
HETATM 1352 O O   . HOH C 2 .   ? -7.811  7.308   -4.817  1.00 38.58 ? 2008 HOH A O   1 
HETATM 1353 O O   . HOH C 2 .   ? -12.462 -1.139  3.785   1.00 38.30 ? 2009 HOH A O   1 
HETATM 1354 O O   . HOH C 2 .   ? -21.925 -2.992  -7.407  1.00 43.01 ? 2010 HOH A O   1 
HETATM 1355 O O   . HOH C 2 .   ? -19.121 -0.963  -6.567  1.00 30.81 ? 2011 HOH A O   1 
HETATM 1356 O O   . HOH C 2 .   ? -18.764 -8.054  -11.671 1.00 22.82 ? 2012 HOH A O   1 
HETATM 1357 O O   . HOH C 2 .   ? -12.101 -10.919 -15.253 1.00 34.40 ? 2013 HOH A O   1 
HETATM 1358 O O   . HOH C 2 .   ? 0.293   -16.463 -9.795  1.00 24.37 ? 2014 HOH A O   1 
HETATM 1359 O O   . HOH C 2 .   ? 1.362   -17.915 -5.784  1.00 20.26 ? 2015 HOH A O   1 
HETATM 1360 O O   . HOH C 2 .   ? 7.999   -19.561 -8.210  1.00 47.90 ? 2016 HOH A O   1 
HETATM 1361 O O   . HOH C 2 .   ? 3.498   -14.439 -12.725 1.00 39.44 ? 2017 HOH A O   1 
HETATM 1362 O O   . HOH C 2 .   ? 8.726   -17.927 -3.854  1.00 23.47 ? 2018 HOH A O   1 
HETATM 1363 O O   . HOH C 2 .   ? -15.057 -5.667  -14.335 1.00 16.35 ? 2019 HOH A O   1 
HETATM 1364 O O   . HOH C 2 .   ? -14.635 -11.731 -19.303 1.00 44.56 ? 2020 HOH A O   1 
HETATM 1365 O O   . HOH C 2 .   ? -22.984 -8.233  -19.136 1.00 46.95 ? 2021 HOH A O   1 
HETATM 1366 O O   . HOH C 2 .   ? -18.449 -0.698  -9.207  1.00 29.52 ? 2022 HOH A O   1 
HETATM 1367 O O   . HOH C 2 .   ? -18.245 4.886   -11.568 1.00 50.12 ? 2023 HOH A O   1 
HETATM 1368 O O   . HOH C 2 .   ? -23.065 -5.142  -11.943 1.00 33.33 ? 2024 HOH A O   1 
HETATM 1369 O O   . HOH C 2 .   ? -12.314 0.454   -13.886 1.00 22.03 ? 2025 HOH A O   1 
HETATM 1370 O O   . HOH C 2 .   ? -4.085  -0.799  -18.880 1.00 37.06 ? 2026 HOH A O   1 
HETATM 1371 O O   . HOH C 2 .   ? -7.988  -1.672  -18.309 1.00 30.01 ? 2027 HOH A O   1 
HETATM 1372 O O   . HOH C 2 .   ? -1.963  -0.155  -14.580 1.00 27.04 ? 2028 HOH A O   1 
HETATM 1373 O O   . HOH C 2 .   ? 3.363   -7.754  -10.717 1.00 18.49 ? 2029 HOH A O   1 
HETATM 1374 O O   . HOH C 2 .   ? 4.483   -9.080  -13.008 1.00 35.94 ? 2030 HOH A O   1 
HETATM 1375 O O   . HOH C 2 .   ? 1.649   -4.565  -0.828  1.00 29.84 ? 2031 HOH A O   1 
HETATM 1376 O O   . HOH C 2 .   ? -1.247  -8.979  4.850   1.00 38.14 ? 2032 HOH A O   1 
HETATM 1377 O O   . HOH C 2 .   ? 3.804   -4.934  4.751   1.00 42.34 ? 2033 HOH A O   1 
HETATM 1378 O O   . HOH C 2 .   ? 1.506   -8.389  -4.004  1.00 19.71 ? 2034 HOH A O   1 
HETATM 1379 O O   . HOH C 2 .   ? -0.921  -20.259 -0.498  1.00 31.18 ? 2035 HOH A O   1 
HETATM 1380 O O   . HOH C 2 .   ? -1.643  -20.824 -7.704  1.00 46.61 ? 2036 HOH A O   1 
HETATM 1381 O O   . HOH C 2 .   ? -3.679  -20.087 -7.189  1.00 41.17 ? 2037 HOH A O   1 
HETATM 1382 O O   . HOH C 2 .   ? -0.613  -22.008 -2.773  1.00 31.43 ? 2038 HOH A O   1 
HETATM 1383 O O   . HOH C 2 .   ? -5.961  -20.370 -6.498  1.00 43.60 ? 2039 HOH A O   1 
HETATM 1384 O O   . HOH C 2 .   ? -0.646  -19.717 -4.693  1.00 20.97 ? 2040 HOH A O   1 
HETATM 1385 O O   . HOH C 2 .   ? 0.900   -14.476 3.601   1.00 30.96 ? 2041 HOH A O   1 
HETATM 1386 O O   . HOH C 2 .   ? -6.720  -15.965 1.955   1.00 36.50 ? 2042 HOH A O   1 
HETATM 1387 O O   . HOH C 2 .   ? -6.264  -18.769 1.878   1.00 41.14 ? 2043 HOH A O   1 
HETATM 1388 O O   . HOH C 2 .   ? -12.385 -12.546 2.824   1.00 31.73 ? 2044 HOH A O   1 
HETATM 1389 O O   . HOH C 2 .   ? -17.331 -15.803 -4.852  1.00 54.57 ? 2045 HOH A O   1 
HETATM 1390 O O   . HOH C 2 .   ? -18.963 -14.114 0.355   1.00 40.57 ? 2046 HOH A O   1 
HETATM 1391 O O   . HOH C 2 .   ? -12.904 -3.904  2.526   1.00 28.26 ? 2047 HOH A O   1 
HETATM 1392 O O   . HOH C 2 .   ? 3.176   3.014   -10.882 1.00 40.24 ? 2048 HOH A O   1 
HETATM 1393 O O   . HOH C 2 .   ? 4.929   -3.060  -14.887 1.00 28.56 ? 2049 HOH A O   1 
HETATM 1394 O O   . HOH C 2 .   ? 9.144   -7.331  -20.099 1.00 18.22 ? 2050 HOH A O   1 
HETATM 1395 O O   . HOH C 2 .   ? 6.060   -7.312  -12.367 1.00 48.91 ? 2051 HOH A O   1 
HETATM 1396 O O   . HOH C 2 .   ? 1.802   -1.854  -17.205 1.00 27.35 ? 2052 HOH A O   1 
HETATM 1397 O O   . HOH C 2 .   ? 5.015   -8.620  -16.845 1.00 34.13 ? 2053 HOH A O   1 
HETATM 1398 O O   . HOH C 2 .   ? 7.671   -0.723  -21.797 1.00 32.48 ? 2054 HOH A O   1 
HETATM 1399 O O   . HOH C 2 .   ? -0.057  -1.043  -31.035 1.00 41.85 ? 2055 HOH A O   1 
HETATM 1400 O O   . HOH C 2 .   ? -2.901  -2.610  -25.006 1.00 40.31 ? 2056 HOH A O   1 
HETATM 1401 O O   . HOH D 2 .   ? -1.934  7.864   0.781   1.00 42.33 ? 2001 HOH B O   1 
HETATM 1402 O O   . HOH D 2 .   ? 2.303   -10.837 -2.813  1.00 20.05 ? 2002 HOH B O   1 
HETATM 1403 O O   . HOH D 2 .   ? 12.420  -8.272  0.572   1.00 44.49 ? 2003 HOH B O   1 
HETATM 1404 O O   . HOH D 2 .   ? 11.438  -1.194  -1.214  1.00 43.26 ? 2004 HOH B O   1 
HETATM 1405 O O   . HOH D 2 .   ? 6.721   6.841   -4.772  1.00 37.82 ? 2005 HOH B O   1 
HETATM 1406 O O   . HOH D 2 .   ? 8.527   -2.060  -2.123  1.00 24.68 ? 2006 HOH B O   1 
HETATM 1407 O O   . HOH D 2 .   ? 15.984  0.519   11.225  1.00 47.94 ? 2007 HOH B O   1 
HETATM 1408 O O   . HOH D 2 .   ? 18.475  -0.142  16.362  1.00 42.71 ? 2008 HOH B O   1 
HETATM 1409 O O   . HOH D 2 .   ? 8.431   3.498   21.161  1.00 50.13 ? 2009 HOH B O   1 
HETATM 1410 O O   . HOH D 2 .   ? 10.766  -0.732  21.560  1.00 43.77 ? 2010 HOH B O   1 
HETATM 1411 O O   . HOH D 2 .   ? 11.376  12.738  14.568  1.00 39.66 ? 2011 HOH B O   1 
HETATM 1412 O O   . HOH D 2 .   ? -5.782  13.184  16.400  1.00 30.98 ? 2012 HOH B O   1 
HETATM 1413 O O   . HOH D 2 .   ? -6.439  22.119  13.906  1.00 41.88 ? 2013 HOH B O   1 
HETATM 1414 O O   . HOH D 2 .   ? -11.674 13.242  3.904   1.00 44.50 ? 2014 HOH B O   1 
HETATM 1415 O O   . HOH D 2 .   ? -8.112  13.663  2.454   1.00 38.84 ? 2015 HOH B O   1 
HETATM 1416 O O   . HOH D 2 .   ? -3.538  7.714   5.230   1.00 31.27 ? 2016 HOH B O   1 
HETATM 1417 O O   . HOH D 2 .   ? 17.549  14.483  10.498  1.00 23.46 ? 2017 HOH B O   1 
HETATM 1418 O O   . HOH D 2 .   ? 22.309  12.518  15.766  1.00 35.24 ? 2018 HOH B O   1 
HETATM 1419 O O   . HOH D 2 .   ? 20.014  10.933  11.940  1.00 54.79 ? 2019 HOH B O   1 
HETATM 1420 O O   . HOH D 2 .   ? 16.185  6.763   16.549  1.00 59.00 ? 2020 HOH B O   1 
HETATM 1421 O O   . HOH D 2 .   ? 15.922  10.541  4.219   1.00 45.00 ? 2021 HOH B O   1 
HETATM 1422 O O   . HOH D 2 .   ? 10.183  6.886   -5.557  1.00 42.69 ? 2022 HOH B O   1 
HETATM 1423 O O   . HOH D 2 .   ? 11.780  14.759  0.522   1.00 39.51 ? 2023 HOH B O   1 
HETATM 1424 O O   . HOH D 2 .   ? 14.217  13.080  3.722   1.00 29.17 ? 2024 HOH B O   1 
HETATM 1425 O O   . HOH D 2 .   ? 8.808   12.020  -0.308  1.00 33.35 ? 2025 HOH B O   1 
HETATM 1426 O O   . HOH D 2 .   ? 0.751   10.237  -3.188  1.00 50.24 ? 2026 HOH B O   1 
HETATM 1427 O O   . HOH D 2 .   ? -1.056  8.045   3.466   1.00 31.29 ? 2027 HOH B O   1 
HETATM 1428 O O   . HOH D 2 .   ? 3.328   -2.758  6.155   1.00 22.67 ? 2028 HOH B O   1 
HETATM 1429 O O   . HOH D 2 .   ? -4.055  -5.884  8.605   1.00 42.74 ? 2029 HOH B O   1 
HETATM 1430 O O   . HOH D 2 .   ? -7.172  0.943   7.811   1.00 38.68 ? 2030 HOH B O   1 
HETATM 1431 O O   . HOH D 2 .   ? -3.462  4.178   2.508   1.00 27.17 ? 2031 HOH B O   1 
HETATM 1432 O O   . HOH D 2 .   ? -5.554  8.257   3.262   1.00 48.46 ? 2032 HOH B O   1 
HETATM 1433 O O   . HOH D 2 .   ? -10.353 4.181   11.639  1.00 31.44 ? 2033 HOH B O   1 
HETATM 1434 O O   . HOH D 2 .   ? -12.043 6.281   10.350  1.00 41.20 ? 2034 HOH B O   1 
HETATM 1435 O O   . HOH D 2 .   ? -7.714  7.850   5.231   1.00 38.25 ? 2035 HOH B O   1 
HETATM 1436 O O   . HOH D 2 .   ? -5.838  8.087   7.168   1.00 24.57 ? 2036 HOH B O   1 
HETATM 1437 O O   . HOH D 2 .   ? -0.582  15.243  15.036  1.00 30.42 ? 2037 HOH B O   1 
HETATM 1438 O O   . HOH D 2 .   ? -6.732  10.712  15.618  1.00 20.83 ? 2038 HOH B O   1 
HETATM 1439 O O   . HOH D 2 .   ? -7.859  1.697   10.559  1.00 41.16 ? 2039 HOH B O   1 
HETATM 1440 O O   . HOH D 2 .   ? -3.738  1.357   16.787  1.00 35.73 ? 2040 HOH B O   1 
HETATM 1441 O O   . HOH D 2 .   ? 1.838   -2.455  17.263  1.00 36.59 ? 2041 HOH B O   1 
HETATM 1442 O O   . HOH D 2 .   ? -1.817  -0.483  18.750  1.00 45.20 ? 2042 HOH B O   1 
HETATM 1443 O O   . HOH D 2 .   ? 4.837   -5.723  16.840  1.00 56.27 ? 2043 HOH B O   1 
HETATM 1444 O O   . HOH D 2 .   ? 11.978  -8.852  13.878  1.00 59.57 ? 2044 HOH B O   1 
HETATM 1445 O O   . HOH D 2 .   ? 6.593   -5.663  14.371  1.00 47.42 ? 2045 HOH B O   1 
HETATM 1446 O O   . HOH D 2 .   ? 5.606   -5.374  10.900  1.00 46.57 ? 2046 HOH B O   1 
HETATM 1447 O O   . HOH D 2 .   ? 6.579   19.030  -2.909  1.00 51.17 ? 2047 HOH B O   1 
HETATM 1448 O O   . HOH D 2 .   ? 7.173   13.727  -1.618  1.00 31.39 ? 2048 HOH B O   1 
HETATM 1449 O O   . HOH D 2 .   ? -2.203  16.813  2.483   1.00 43.69 ? 2049 HOH B O   1 
HETATM 1450 O O   . HOH D 2 .   ? -1.384  14.287  3.301   1.00 31.60 ? 2050 HOH B O   1 
HETATM 1451 O O   . HOH D 2 .   ? 7.098   22.379  -3.368  1.00 61.84 ? 2051 HOH B O   1 
HETATM 1452 O O   . HOH D 2 .   ? 7.164   22.070  3.072   1.00 19.69 ? 2052 HOH B O   1 
HETATM 1453 O O   . HOH D 2 .   ? 11.355  17.422  0.157   1.00 39.83 ? 2053 HOH B O   1 
HETATM 1454 O O   . HOH D 2 .   ? 15.814  21.979  -2.974  1.00 46.16 ? 2054 HOH B O   1 
HETATM 1455 O O   . HOH D 2 .   ? 20.462  22.828  -1.027  1.00 39.41 ? 2055 HOH B O   1 
HETATM 1456 O O   . HOH D 2 .   ? 18.365  20.074  -0.768  1.00 31.65 ? 2056 HOH B O   1 
HETATM 1457 O O   . HOH D 2 .   ? 24.134  27.175  3.567   1.00 40.58 ? 2057 HOH B O   1 
HETATM 1458 O O   . HOH D 2 .   ? 22.693  21.202  5.176   1.00 45.00 ? 2058 HOH B O   1 
# 
loop_
_pdbx_poly_seq_scheme.asym_id 
_pdbx_poly_seq_scheme.entity_id 
_pdbx_poly_seq_scheme.seq_id 
_pdbx_poly_seq_scheme.mon_id 
_pdbx_poly_seq_scheme.ndb_seq_num 
_pdbx_poly_seq_scheme.pdb_seq_num 
_pdbx_poly_seq_scheme.auth_seq_num 
_pdbx_poly_seq_scheme.pdb_mon_id 
_pdbx_poly_seq_scheme.auth_mon_id 
_pdbx_poly_seq_scheme.pdb_strand_id 
_pdbx_poly_seq_scheme.pdb_ins_code 
_pdbx_poly_seq_scheme.hetero 
A 1 1   MET 1   1808 ?    ?   ?   A . n 
A 1 2   HIS 2   1809 ?    ?   ?   A . n 
A 1 3   HIS 3   1810 ?    ?   ?   A . n 
A 1 4   HIS 4   1811 ?    ?   ?   A . n 
A 1 5   HIS 5   1812 ?    ?   ?   A . n 
A 1 6   HIS 6   1813 ?    ?   ?   A . n 
A 1 7   HIS 7   1814 ?    ?   ?   A . n 
A 1 8   SER 8   1815 ?    ?   ?   A . n 
A 1 9   SER 9   1816 ?    ?   ?   A . n 
A 1 10  GLY 10  1817 ?    ?   ?   A . n 
A 1 11  VAL 11  1818 ?    ?   ?   A . n 
A 1 12  ASP 12  1819 ?    ?   ?   A . n 
A 1 13  LEU 13  1820 ?    ?   ?   A . n 
A 1 14  GLY 14  1821 ?    ?   ?   A . n 
A 1 15  THR 15  1822 ?    ?   ?   A . n 
A 1 16  GLU 16  1823 ?    ?   ?   A . n 
A 1 17  ASN 17  1824 ?    ?   ?   A . n 
A 1 18  LEU 18  1825 ?    ?   ?   A . n 
A 1 19  TYR 19  1826 ?    ?   ?   A . n 
A 1 20  PHE 20  1827 ?    ?   ?   A . n 
A 1 21  GLN 21  1828 ?    ?   ?   A . n 
A 1 22  SER 22  1829 ?    ?   ?   A . n 
A 1 23  MET 23  1830 ?    ?   ?   A . n 
A 1 24  GLY 24  1831 ?    ?   ?   A . n 
A 1 25  LEU 25  1832 1832 LEU LEU A . n 
A 1 26  ARG 26  1833 1833 ARG ARG A . n 
A 1 27  THR 27  1834 1834 THR THR A . n 
A 1 28  VAL 28  1835 1835 VAL VAL A . n 
A 1 29  GLU 29  1836 1836 GLU GLU A . n 
A 1 30  MET 30  1837 1837 MET MET A . n 
A 1 31  LYS 31  1838 1838 LYS LYS A . n 
A 1 32  LYS 32  1839 1839 LYS LYS A . n 
A 1 33  GLY 33  1840 ?    ?   ?   A . n 
A 1 34  PRO 34  1841 ?    ?   ?   A . n 
A 1 35  THR 35  1842 ?    ?   ?   A . n 
A 1 36  ASP 36  1843 ?    ?   ?   A . n 
A 1 37  SER 37  1844 1844 SER SER A . n 
A 1 38  LEU 38  1845 1845 LEU LEU A . n 
A 1 39  GLY 39  1846 1846 GLY GLY A . n 
A 1 40  ILE 40  1847 1847 ILE ILE A . n 
A 1 41  SER 41  1848 1848 SER SER A . n 
A 1 42  ILE 42  1849 1849 ILE ILE A . n 
A 1 43  ALA 43  1850 1850 ALA ALA A . n 
A 1 44  GLY 44  1851 1851 GLY GLY A . n 
A 1 45  GLY 45  1852 1852 GLY GLY A . n 
A 1 46  VAL 46  1853 1853 VAL VAL A . n 
A 1 47  GLY 47  1854 1854 GLY GLY A . n 
A 1 48  SER 48  1855 1855 SER SER A . n 
A 1 49  PRO 49  1856 1856 PRO PRO A . n 
A 1 50  LEU 50  1857 1857 LEU LEU A . n 
A 1 51  GLY 51  1858 1858 GLY GLY A . n 
A 1 52  ASP 52  1859 1859 ASP ASP A . n 
A 1 53  VAL 53  1860 1860 VAL VAL A . n 
A 1 54  PRO 54  1861 1861 PRO PRO A . n 
A 1 55  ILE 55  1862 1862 ILE ILE A . n 
A 1 56  PHE 56  1863 1863 PHE PHE A . n 
A 1 57  ILE 57  1864 1864 ILE ILE A . n 
A 1 58  ALA 58  1865 1865 ALA ALA A . n 
A 1 59  MET 59  1866 1866 MET MET A . n 
A 1 60  MET 60  1867 1867 MET MET A . n 
A 1 61  HIS 61  1868 1868 HIS HIS A . n 
A 1 62  PRO 62  1869 1869 PRO PRO A . n 
A 1 63  THR 63  1870 1870 THR THR A . n 
A 1 64  GLY 64  1871 1871 GLY GLY A . n 
A 1 65  VAL 65  1872 1872 VAL VAL A . n 
A 1 66  ALA 66  1873 1873 ALA ALA A . n 
A 1 67  ALA 67  1874 1874 ALA ALA A . n 
A 1 68  GLN 68  1875 1875 GLN GLN A . n 
A 1 69  THR 69  1876 1876 THR THR A . n 
A 1 70  GLN 70  1877 1877 GLN GLN A . n 
A 1 71  LYS 71  1878 1878 LYS LYS A . n 
A 1 72  LEU 72  1879 1879 LEU LEU A . n 
A 1 73  ARG 73  1880 1880 ARG ARG A . n 
A 1 74  VAL 74  1881 1881 VAL VAL A . n 
A 1 75  GLY 75  1882 1882 GLY GLY A . n 
A 1 76  ASP 76  1883 1883 ASP ASP A . n 
A 1 77  ARG 77  1884 1884 ARG ARG A . n 
A 1 78  ILE 78  1885 1885 ILE ILE A . n 
A 1 79  VAL 79  1886 1886 VAL VAL A . n 
A 1 80  THR 80  1887 1887 THR THR A . n 
A 1 81  ILE 81  1888 1888 ILE ILE A . n 
A 1 82  CYS 82  1889 1889 CYS CYS A . n 
A 1 83  GLY 83  1890 1890 GLY GLY A . n 
A 1 84  THR 84  1891 1891 THR THR A . n 
A 1 85  SER 85  1892 1892 SER SER A . n 
A 1 86  THR 86  1893 1893 THR THR A . n 
A 1 87  GLU 87  1894 1894 GLU GLU A . n 
A 1 88  GLY 88  1895 1895 GLY GLY A . n 
A 1 89  MET 89  1896 1896 MET MET A . n 
A 1 90  THR 90  1897 1897 THR THR A . n 
A 1 91  HIS 91  1898 1898 HIS HIS A . n 
A 1 92  THR 92  1899 1899 THR THR A . n 
A 1 93  GLN 93  1900 1900 GLN GLN A . n 
A 1 94  ALA 94  1901 1901 ALA ALA A . n 
A 1 95  VAL 95  1902 1902 VAL VAL A . n 
A 1 96  ASN 96  1903 1903 ASN ASN A . n 
A 1 97  LEU 97  1904 1904 LEU LEU A . n 
A 1 98  LEU 98  1905 1905 LEU LEU A . n 
A 1 99  LYS 99  1906 1906 LYS LYS A . n 
A 1 100 ASN 100 1907 1907 ASN ASN A . n 
A 1 101 ALA 101 1908 1908 ALA ALA A . n 
A 1 102 SER 102 1909 1909 SER SER A . n 
A 1 103 GLY 103 1910 1910 GLY GLY A . n 
A 1 104 SER 104 1911 1911 SER SER A . n 
A 1 105 ILE 105 1912 1912 ILE ILE A . n 
A 1 106 GLU 106 1913 1913 GLU GLU A . n 
A 1 107 MET 107 1914 1914 MET MET A . n 
A 1 108 GLN 108 1915 1915 GLN GLN A . n 
A 1 109 VAL 109 1916 1916 VAL VAL A . n 
A 1 110 VAL 110 1917 1917 VAL VAL A . n 
A 1 111 ALA 111 1918 1918 ALA ALA A . n 
A 1 112 GLY 112 1919 1919 GLY GLY A . n 
A 1 113 GLY 113 1920 1920 GLY GLY A . n 
A 1 114 ASP 114 1921 1921 ASP ASP A . n 
A 1 115 VAL 115 1922 1922 VAL VAL A . n 
A 1 116 SER 116 1923 1923 SER SER A . n 
A 1 117 GLU 117 1924 1924 GLU GLU A . n 
A 1 118 THR 118 1925 1925 THR THR A . n 
A 1 119 SER 119 1926 1926 SER SER A . n 
A 1 120 VAL 120 1927 1927 VAL VAL A . n 
B 1 1   MET 1   1808 ?    ?   ?   B . n 
B 1 2   HIS 2   1809 ?    ?   ?   B . n 
B 1 3   HIS 3   1810 ?    ?   ?   B . n 
B 1 4   HIS 4   1811 ?    ?   ?   B . n 
B 1 5   HIS 5   1812 ?    ?   ?   B . n 
B 1 6   HIS 6   1813 ?    ?   ?   B . n 
B 1 7   HIS 7   1814 ?    ?   ?   B . n 
B 1 8   SER 8   1815 ?    ?   ?   B . n 
B 1 9   SER 9   1816 ?    ?   ?   B . n 
B 1 10  GLY 10  1817 ?    ?   ?   B . n 
B 1 11  VAL 11  1818 ?    ?   ?   B . n 
B 1 12  ASP 12  1819 ?    ?   ?   B . n 
B 1 13  LEU 13  1820 ?    ?   ?   B . n 
B 1 14  GLY 14  1821 ?    ?   ?   B . n 
B 1 15  THR 15  1822 1822 THR THR B . n 
B 1 16  GLU 16  1823 1823 GLU GLU B . n 
B 1 17  ASN 17  1824 1824 ASN ASN B . n 
B 1 18  LEU 18  1825 1825 LEU LEU B . n 
B 1 19  TYR 19  1826 1826 TYR TYR B . n 
B 1 20  PHE 20  1827 1827 PHE PHE B . n 
B 1 21  GLN 21  1828 1828 GLN GLN B . n 
B 1 22  SER 22  1829 1829 SER SER B . n 
B 1 23  MET 23  1830 1830 MET MET B . n 
B 1 24  GLY 24  1831 1831 GLY GLY B . n 
B 1 25  LEU 25  1832 1832 LEU LEU B . n 
B 1 26  ARG 26  1833 1833 ARG ARG B . n 
B 1 27  THR 27  1834 1834 THR THR B . n 
B 1 28  VAL 28  1835 1835 VAL VAL B . n 
B 1 29  GLU 29  1836 1836 GLU GLU B . n 
B 1 30  MET 30  1837 1837 MET MET B . n 
B 1 31  LYS 31  1838 1838 LYS LYS B . n 
B 1 32  LYS 32  1839 1839 LYS LYS B . n 
B 1 33  GLY 33  1840 1840 GLY GLY B . n 
B 1 34  PRO 34  1841 1841 PRO PRO B . n 
B 1 35  THR 35  1842 1842 THR THR B . n 
B 1 36  ASP 36  1843 1843 ASP ASP B . n 
B 1 37  SER 37  1844 1844 SER SER B . n 
B 1 38  LEU 38  1845 1845 LEU LEU B . n 
B 1 39  GLY 39  1846 1846 GLY GLY B . n 
B 1 40  ILE 40  1847 1847 ILE ILE B . n 
B 1 41  SER 41  1848 1848 SER SER B . n 
B 1 42  ILE 42  1849 1849 ILE ILE B . n 
B 1 43  ALA 43  1850 1850 ALA ALA B . n 
B 1 44  GLY 44  1851 1851 GLY GLY B . n 
B 1 45  GLY 45  1852 1852 GLY GLY B . n 
B 1 46  VAL 46  1853 1853 VAL VAL B . n 
B 1 47  GLY 47  1854 1854 GLY GLY B . n 
B 1 48  SER 48  1855 1855 SER SER B . n 
B 1 49  PRO 49  1856 1856 PRO PRO B . n 
B 1 50  LEU 50  1857 1857 LEU LEU B . n 
B 1 51  GLY 51  1858 1858 GLY GLY B . n 
B 1 52  ASP 52  1859 1859 ASP ASP B . n 
B 1 53  VAL 53  1860 1860 VAL VAL B . n 
B 1 54  PRO 54  1861 1861 PRO PRO B . n 
B 1 55  ILE 55  1862 1862 ILE ILE B . n 
B 1 56  PHE 56  1863 1863 PHE PHE B . n 
B 1 57  ILE 57  1864 1864 ILE ILE B . n 
B 1 58  ALA 58  1865 1865 ALA ALA B . n 
B 1 59  MET 59  1866 1866 MET MET B . n 
B 1 60  MET 60  1867 1867 MET MET B . n 
B 1 61  HIS 61  1868 1868 HIS HIS B . n 
B 1 62  PRO 62  1869 1869 PRO PRO B . n 
B 1 63  THR 63  1870 1870 THR THR B . n 
B 1 64  GLY 64  1871 ?    ?   ?   B . n 
B 1 65  VAL 65  1872 ?    ?   ?   B . n 
B 1 66  ALA 66  1873 ?    ?   ?   B . n 
B 1 67  ALA 67  1874 ?    ?   ?   B . n 
B 1 68  GLN 68  1875 ?    ?   ?   B . n 
B 1 69  THR 69  1876 ?    ?   ?   B . n 
B 1 70  GLN 70  1877 ?    ?   ?   B . n 
B 1 71  LYS 71  1878 1878 LYS LYS B . n 
B 1 72  LEU 72  1879 1879 LEU LEU B . n 
B 1 73  ARG 73  1880 1880 ARG ARG B . n 
B 1 74  VAL 74  1881 1881 VAL VAL B . n 
B 1 75  GLY 75  1882 1882 GLY GLY B . n 
B 1 76  ASP 76  1883 1883 ASP ASP B . n 
B 1 77  ARG 77  1884 1884 ARG ARG B . n 
B 1 78  ILE 78  1885 1885 ILE ILE B . n 
B 1 79  VAL 79  1886 1886 VAL VAL B . n 
B 1 80  THR 80  1887 1887 THR THR B . n 
B 1 81  ILE 81  1888 1888 ILE ILE B . n 
B 1 82  CYS 82  1889 1889 CYS CYS B . n 
B 1 83  GLY 83  1890 1890 GLY GLY B . n 
B 1 84  THR 84  1891 1891 THR THR B . n 
B 1 85  SER 85  1892 1892 SER SER B . n 
B 1 86  THR 86  1893 1893 THR THR B . n 
B 1 87  GLU 87  1894 1894 GLU GLU B . n 
B 1 88  GLY 88  1895 1895 GLY GLY B . n 
B 1 89  MET 89  1896 1896 MET MET B . n 
B 1 90  THR 90  1897 1897 THR THR B . n 
B 1 91  HIS 91  1898 1898 HIS HIS B . n 
B 1 92  THR 92  1899 1899 THR THR B . n 
B 1 93  GLN 93  1900 1900 GLN GLN B . n 
B 1 94  ALA 94  1901 1901 ALA ALA B . n 
B 1 95  VAL 95  1902 1902 VAL VAL B . n 
B 1 96  ASN 96  1903 1903 ASN ASN B . n 
B 1 97  LEU 97  1904 1904 LEU LEU B . n 
B 1 98  LEU 98  1905 1905 LEU LEU B . n 
B 1 99  LYS 99  1906 1906 LYS LYS B . n 
B 1 100 ASN 100 1907 1907 ASN ASN B . n 
B 1 101 ALA 101 1908 1908 ALA ALA B . n 
B 1 102 SER 102 1909 1909 SER SER B . n 
B 1 103 GLY 103 1910 1910 GLY GLY B . n 
B 1 104 SER 104 1911 1911 SER SER B . n 
B 1 105 ILE 105 1912 1912 ILE ILE B . n 
B 1 106 GLU 106 1913 1913 GLU GLU B . n 
B 1 107 MET 107 1914 1914 MET MET B . n 
B 1 108 GLN 108 1915 1915 GLN GLN B . n 
B 1 109 VAL 109 1916 1916 VAL VAL B . n 
B 1 110 VAL 110 1917 1917 VAL VAL B . n 
B 1 111 ALA 111 1918 1918 ALA ALA B . n 
B 1 112 GLY 112 1919 1919 GLY GLY B . n 
B 1 113 GLY 113 1920 1920 GLY GLY B . n 
B 1 114 ASP 114 1921 1921 ASP ASP B . n 
B 1 115 VAL 115 1922 1922 VAL VAL B . n 
B 1 116 SER 116 1923 1923 SER SER B . n 
B 1 117 GLU 117 1924 1924 GLU GLU B . n 
B 1 118 THR 118 1925 1925 THR THR B . n 
B 1 119 SER 119 1926 1926 SER SER B . n 
B 1 120 VAL 120 1927 1927 VAL VAL B . n 
# 
loop_
_pdbx_nonpoly_scheme.asym_id 
_pdbx_nonpoly_scheme.entity_id 
_pdbx_nonpoly_scheme.mon_id 
_pdbx_nonpoly_scheme.ndb_seq_num 
_pdbx_nonpoly_scheme.pdb_seq_num 
_pdbx_nonpoly_scheme.auth_seq_num 
_pdbx_nonpoly_scheme.pdb_mon_id 
_pdbx_nonpoly_scheme.auth_mon_id 
_pdbx_nonpoly_scheme.pdb_strand_id 
_pdbx_nonpoly_scheme.pdb_ins_code 
C 2 HOH 1  2001 2001 HOH HOH A . 
C 2 HOH 2  2002 2002 HOH HOH A . 
C 2 HOH 3  2003 2003 HOH HOH A . 
C 2 HOH 4  2004 2004 HOH HOH A . 
C 2 HOH 5  2005 2005 HOH HOH A . 
C 2 HOH 6  2006 2006 HOH HOH A . 
C 2 HOH 7  2007 2007 HOH HOH A . 
C 2 HOH 8  2008 2008 HOH HOH A . 
C 2 HOH 9  2009 2009 HOH HOH A . 
C 2 HOH 10 2010 2010 HOH HOH A . 
C 2 HOH 11 2011 2011 HOH HOH A . 
C 2 HOH 12 2012 2012 HOH HOH A . 
C 2 HOH 13 2013 2013 HOH HOH A . 
C 2 HOH 14 2014 2014 HOH HOH A . 
C 2 HOH 15 2015 2015 HOH HOH A . 
C 2 HOH 16 2016 2016 HOH HOH A . 
C 2 HOH 17 2017 2017 HOH HOH A . 
C 2 HOH 18 2018 2018 HOH HOH A . 
C 2 HOH 19 2019 2019 HOH HOH A . 
C 2 HOH 20 2020 2020 HOH HOH A . 
C 2 HOH 21 2021 2021 HOH HOH A . 
C 2 HOH 22 2022 2022 HOH HOH A . 
C 2 HOH 23 2023 2023 HOH HOH A . 
C 2 HOH 24 2024 2024 HOH HOH A . 
C 2 HOH 25 2025 2025 HOH HOH A . 
C 2 HOH 26 2026 2026 HOH HOH A . 
C 2 HOH 27 2027 2027 HOH HOH A . 
C 2 HOH 28 2028 2028 HOH HOH A . 
C 2 HOH 29 2029 2029 HOH HOH A . 
C 2 HOH 30 2030 2030 HOH HOH A . 
C 2 HOH 31 2031 2031 HOH HOH A . 
C 2 HOH 32 2032 2032 HOH HOH A . 
C 2 HOH 33 2033 2033 HOH HOH A . 
C 2 HOH 34 2034 2034 HOH HOH A . 
C 2 HOH 35 2035 2035 HOH HOH A . 
C 2 HOH 36 2036 2036 HOH HOH A . 
C 2 HOH 37 2037 2037 HOH HOH A . 
C 2 HOH 38 2038 2038 HOH HOH A . 
C 2 HOH 39 2039 2039 HOH HOH A . 
C 2 HOH 40 2040 2040 HOH HOH A . 
C 2 HOH 41 2041 2041 HOH HOH A . 
C 2 HOH 42 2042 2042 HOH HOH A . 
C 2 HOH 43 2043 2043 HOH HOH A . 
C 2 HOH 44 2044 2044 HOH HOH A . 
C 2 HOH 45 2045 2045 HOH HOH A . 
C 2 HOH 46 2046 2046 HOH HOH A . 
C 2 HOH 47 2047 2047 HOH HOH A . 
C 2 HOH 48 2048 2048 HOH HOH A . 
C 2 HOH 49 2049 2049 HOH HOH A . 
C 2 HOH 50 2050 2050 HOH HOH A . 
C 2 HOH 51 2051 2051 HOH HOH A . 
C 2 HOH 52 2052 2052 HOH HOH A . 
C 2 HOH 53 2053 2053 HOH HOH A . 
C 2 HOH 54 2054 2054 HOH HOH A . 
C 2 HOH 55 2055 2055 HOH HOH A . 
C 2 HOH 56 2056 2056 HOH HOH A . 
D 2 HOH 1  2001 2001 HOH HOH B . 
D 2 HOH 2  2002 2002 HOH HOH B . 
D 2 HOH 3  2003 2003 HOH HOH B . 
D 2 HOH 4  2004 2004 HOH HOH B . 
D 2 HOH 5  2005 2005 HOH HOH B . 
D 2 HOH 6  2006 2006 HOH HOH B . 
D 2 HOH 7  2007 2007 HOH HOH B . 
D 2 HOH 8  2008 2008 HOH HOH B . 
D 2 HOH 9  2009 2009 HOH HOH B . 
D 2 HOH 10 2010 2010 HOH HOH B . 
D 2 HOH 11 2011 2011 HOH HOH B . 
D 2 HOH 12 2012 2012 HOH HOH B . 
D 2 HOH 13 2013 2013 HOH HOH B . 
D 2 HOH 14 2014 2014 HOH HOH B . 
D 2 HOH 15 2015 2015 HOH HOH B . 
D 2 HOH 16 2016 2016 HOH HOH B . 
D 2 HOH 17 2017 2017 HOH HOH B . 
D 2 HOH 18 2018 2018 HOH HOH B . 
D 2 HOH 19 2019 2019 HOH HOH B . 
D 2 HOH 20 2020 2020 HOH HOH B . 
D 2 HOH 21 2021 2021 HOH HOH B . 
D 2 HOH 22 2022 2022 HOH HOH B . 
D 2 HOH 23 2023 2023 HOH HOH B . 
D 2 HOH 24 2024 2024 HOH HOH B . 
D 2 HOH 25 2025 2025 HOH HOH B . 
D 2 HOH 26 2026 2026 HOH HOH B . 
D 2 HOH 27 2027 2027 HOH HOH B . 
D 2 HOH 28 2028 2028 HOH HOH B . 
D 2 HOH 29 2029 2029 HOH HOH B . 
D 2 HOH 30 2030 2030 HOH HOH B . 
D 2 HOH 31 2031 2031 HOH HOH B . 
D 2 HOH 32 2032 2032 HOH HOH B . 
D 2 HOH 33 2033 2033 HOH HOH B . 
D 2 HOH 34 2034 2034 HOH HOH B . 
D 2 HOH 35 2035 2035 HOH HOH B . 
D 2 HOH 36 2036 2036 HOH HOH B . 
D 2 HOH 37 2037 2037 HOH HOH B . 
D 2 HOH 38 2038 2038 HOH HOH B . 
D 2 HOH 39 2039 2039 HOH HOH B . 
D 2 HOH 40 2040 2040 HOH HOH B . 
D 2 HOH 41 2041 2041 HOH HOH B . 
D 2 HOH 42 2042 2042 HOH HOH B . 
D 2 HOH 43 2043 2043 HOH HOH B . 
D 2 HOH 44 2044 2044 HOH HOH B . 
D 2 HOH 45 2045 2045 HOH HOH B . 
D 2 HOH 46 2046 2046 HOH HOH B . 
D 2 HOH 47 2047 2047 HOH HOH B . 
D 2 HOH 48 2048 2048 HOH HOH B . 
D 2 HOH 49 2049 2049 HOH HOH B . 
D 2 HOH 50 2050 2050 HOH HOH B . 
D 2 HOH 51 2051 2051 HOH HOH B . 
D 2 HOH 52 2052 2052 HOH HOH B . 
D 2 HOH 53 2053 2053 HOH HOH B . 
D 2 HOH 54 2054 2054 HOH HOH B . 
D 2 HOH 55 2055 2055 HOH HOH B . 
D 2 HOH 56 2056 2056 HOH HOH B . 
D 2 HOH 57 2057 2057 HOH HOH B . 
D 2 HOH 58 2058 2058 HOH HOH B . 
# 
loop_
_pdbx_struct_assembly.id 
_pdbx_struct_assembly.details 
_pdbx_struct_assembly.method_details 
_pdbx_struct_assembly.oligomeric_details 
_pdbx_struct_assembly.oligomeric_count 
1 author_defined_assembly   ?    monomeric 1 
2 author_defined_assembly   ?    monomeric 1 
3 software_defined_assembly PISA dimeric   2 
# 
loop_
_pdbx_struct_assembly_gen.assembly_id 
_pdbx_struct_assembly_gen.oper_expression 
_pdbx_struct_assembly_gen.asym_id_list 
1 1 A,C     
2 1 B,D     
3 1 A,B,C,D 
# 
loop_
_pdbx_struct_assembly_prop.biol_id 
_pdbx_struct_assembly_prop.type 
_pdbx_struct_assembly_prop.value 
_pdbx_struct_assembly_prop.details 
3 'ABSA (A^2)' 1550  ? 
3 MORE         -12.2 ? 
3 'SSA (A^2)'  10020 ? 
# 
_pdbx_struct_oper_list.id                   1 
_pdbx_struct_oper_list.type                 'identity operation' 
_pdbx_struct_oper_list.name                 1_555 
_pdbx_struct_oper_list.symmetry_operation   x,y,z 
_pdbx_struct_oper_list.matrix[1][1]         1.0000000000 
_pdbx_struct_oper_list.matrix[1][2]         0.0000000000 
_pdbx_struct_oper_list.matrix[1][3]         0.0000000000 
_pdbx_struct_oper_list.vector[1]            0.0000000000 
_pdbx_struct_oper_list.matrix[2][1]         0.0000000000 
_pdbx_struct_oper_list.matrix[2][2]         1.0000000000 
_pdbx_struct_oper_list.matrix[2][3]         0.0000000000 
_pdbx_struct_oper_list.vector[2]            0.0000000000 
_pdbx_struct_oper_list.matrix[3][1]         0.0000000000 
_pdbx_struct_oper_list.matrix[3][2]         0.0000000000 
_pdbx_struct_oper_list.matrix[3][3]         1.0000000000 
_pdbx_struct_oper_list.vector[3]            0.0000000000 
# 
loop_
_pdbx_audit_revision_history.ordinal 
_pdbx_audit_revision_history.data_content_type 
_pdbx_audit_revision_history.major_revision 
_pdbx_audit_revision_history.minor_revision 
_pdbx_audit_revision_history.revision_date 
1 'Structure model' 1 0 2006-07-26 
2 'Structure model' 1 1 2012-10-10 
3 'Structure model' 1 2 2023-12-13 
# 
_pdbx_audit_revision_details.ordinal             1 
_pdbx_audit_revision_details.revision_ordinal    1 
_pdbx_audit_revision_details.data_content_type   'Structure model' 
_pdbx_audit_revision_details.provider            repository 
_pdbx_audit_revision_details.type                'Initial release' 
_pdbx_audit_revision_details.description         ? 
_pdbx_audit_revision_details.details             ? 
# 
loop_
_pdbx_audit_revision_group.ordinal 
_pdbx_audit_revision_group.revision_ordinal 
_pdbx_audit_revision_group.data_content_type 
_pdbx_audit_revision_group.group 
1  2 'Structure model' 'Database references'       
2  2 'Structure model' 'Derived calculations'      
3  2 'Structure model' 'Non-polymer description'   
4  2 'Structure model' Other                       
5  2 'Structure model' 'Source and taxonomy'       
6  2 'Structure model' 'Structure summary'         
7  2 'Structure model' 'Version format compliance' 
8  3 'Structure model' 'Data collection'           
9  3 'Structure model' 'Database references'       
10 3 'Structure model' Other                       
11 3 'Structure model' 'Refinement description'    
12 3 'Structure model' 'Structure summary'         
# 
loop_
_pdbx_audit_revision_category.ordinal 
_pdbx_audit_revision_category.revision_ordinal 
_pdbx_audit_revision_category.data_content_type 
_pdbx_audit_revision_category.category 
1 3 'Structure model' chem_comp_atom                
2 3 'Structure model' chem_comp_bond                
3 3 'Structure model' database_2                    
4 3 'Structure model' pdbx_database_status          
5 3 'Structure model' pdbx_initial_refinement_model 
6 3 'Structure model' struct                        
# 
loop_
_pdbx_audit_revision_item.ordinal 
_pdbx_audit_revision_item.revision_ordinal 
_pdbx_audit_revision_item.data_content_type 
_pdbx_audit_revision_item.item 
1 3 'Structure model' '_database_2.pdbx_DOI'                 
2 3 'Structure model' '_database_2.pdbx_database_accession'  
3 3 'Structure model' '_pdbx_database_status.status_code_sf' 
4 3 'Structure model' '_struct.title'                        
# 
loop_
_software.name 
_software.classification 
_software.version 
_software.citation_id 
_software.pdbx_ordinal 
REFMAC refinement       5.2.0019 ? 1 
MOSFLM 'data reduction' .        ? 2 
SCALA  'data scaling'   .        ? 3 
PHASER phasing          .        ? 4 
# 
_pdbx_validate_close_contact.id               1 
_pdbx_validate_close_contact.PDB_model_num    1 
_pdbx_validate_close_contact.auth_atom_id_1   O 
_pdbx_validate_close_contact.auth_asym_id_1   A 
_pdbx_validate_close_contact.auth_comp_id_1   HOH 
_pdbx_validate_close_contact.auth_seq_id_1    2005 
_pdbx_validate_close_contact.PDB_ins_code_1   ? 
_pdbx_validate_close_contact.label_alt_id_1   ? 
_pdbx_validate_close_contact.auth_atom_id_2   O 
_pdbx_validate_close_contact.auth_asym_id_2   A 
_pdbx_validate_close_contact.auth_comp_id_2   HOH 
_pdbx_validate_close_contact.auth_seq_id_2    2053 
_pdbx_validate_close_contact.PDB_ins_code_2   ? 
_pdbx_validate_close_contact.label_alt_id_2   ? 
_pdbx_validate_close_contact.dist             2.02 
# 
_pdbx_validate_rmsd_bond.id                        1 
_pdbx_validate_rmsd_bond.PDB_model_num             1 
_pdbx_validate_rmsd_bond.auth_atom_id_1            CD 
_pdbx_validate_rmsd_bond.auth_asym_id_1            A 
_pdbx_validate_rmsd_bond.auth_comp_id_1            GLU 
_pdbx_validate_rmsd_bond.auth_seq_id_1             1913 
_pdbx_validate_rmsd_bond.PDB_ins_code_1            ? 
_pdbx_validate_rmsd_bond.label_alt_id_1            ? 
_pdbx_validate_rmsd_bond.auth_atom_id_2            OE1 
_pdbx_validate_rmsd_bond.auth_asym_id_2            A 
_pdbx_validate_rmsd_bond.auth_comp_id_2            GLU 
_pdbx_validate_rmsd_bond.auth_seq_id_2             1913 
_pdbx_validate_rmsd_bond.PDB_ins_code_2            ? 
_pdbx_validate_rmsd_bond.label_alt_id_2            ? 
_pdbx_validate_rmsd_bond.bond_value                1.324 
_pdbx_validate_rmsd_bond.bond_target_value         1.252 
_pdbx_validate_rmsd_bond.bond_deviation            0.072 
_pdbx_validate_rmsd_bond.bond_standard_deviation   0.011 
_pdbx_validate_rmsd_bond.linker_flag               N 
# 
_pdbx_validate_torsion.id              1 
_pdbx_validate_torsion.PDB_model_num   1 
_pdbx_validate_torsion.auth_comp_id    HIS 
_pdbx_validate_torsion.auth_asym_id    B 
_pdbx_validate_torsion.auth_seq_id     1868 
_pdbx_validate_torsion.PDB_ins_code    ? 
_pdbx_validate_torsion.label_alt_id    ? 
_pdbx_validate_torsion.phi             -156.74 
_pdbx_validate_torsion.psi             69.91 
# 
loop_
_pdbx_unobs_or_zero_occ_atoms.id 
_pdbx_unobs_or_zero_occ_atoms.PDB_model_num 
_pdbx_unobs_or_zero_occ_atoms.polymer_flag 
_pdbx_unobs_or_zero_occ_atoms.occupancy_flag 
_pdbx_unobs_or_zero_occ_atoms.auth_asym_id 
_pdbx_unobs_or_zero_occ_atoms.auth_comp_id 
_pdbx_unobs_or_zero_occ_atoms.auth_seq_id 
_pdbx_unobs_or_zero_occ_atoms.PDB_ins_code 
_pdbx_unobs_or_zero_occ_atoms.auth_atom_id 
_pdbx_unobs_or_zero_occ_atoms.label_alt_id 
_pdbx_unobs_or_zero_occ_atoms.label_asym_id 
_pdbx_unobs_or_zero_occ_atoms.label_comp_id 
_pdbx_unobs_or_zero_occ_atoms.label_seq_id 
_pdbx_unobs_or_zero_occ_atoms.label_atom_id 
1  1 Y 1 A LYS 1838 ? CD  ? A LYS 31  CD  
2  1 Y 1 A LYS 1838 ? CE  ? A LYS 31  CE  
3  1 Y 1 A LYS 1838 ? NZ  ? A LYS 31  NZ  
4  1 Y 1 A LYS 1878 ? CD  ? A LYS 71  CD  
5  1 Y 1 A LYS 1878 ? CE  ? A LYS 71  CE  
6  1 Y 1 A LYS 1878 ? NZ  ? A LYS 71  NZ  
7  1 Y 1 A ARG 1880 ? CD  ? A ARG 73  CD  
8  1 Y 1 A ARG 1880 ? NE  ? A ARG 73  NE  
9  1 Y 1 A ARG 1880 ? CZ  ? A ARG 73  CZ  
10 1 Y 1 A ARG 1880 ? NH1 ? A ARG 73  NH1 
11 1 Y 1 A ARG 1880 ? NH2 ? A ARG 73  NH2 
12 1 Y 1 B THR 1822 ? OG1 ? B THR 15  OG1 
13 1 Y 1 B THR 1822 ? CG2 ? B THR 15  CG2 
14 1 Y 1 B LEU 1825 ? CG  ? B LEU 18  CG  
15 1 Y 1 B LEU 1825 ? CD1 ? B LEU 18  CD1 
16 1 Y 1 B LEU 1825 ? CD2 ? B LEU 18  CD2 
17 1 Y 1 B LYS 1838 ? CD  ? B LYS 31  CD  
18 1 Y 1 B LYS 1838 ? CE  ? B LYS 31  CE  
19 1 Y 1 B LYS 1838 ? NZ  ? B LYS 31  NZ  
20 1 Y 1 B LYS 1878 ? CG  ? B LYS 71  CG  
21 1 Y 1 B LYS 1878 ? CD  ? B LYS 71  CD  
22 1 Y 1 B LYS 1878 ? CE  ? B LYS 71  CE  
23 1 Y 1 B LYS 1878 ? NZ  ? B LYS 71  NZ  
24 1 Y 1 B LYS 1906 ? CE  ? B LYS 99  CE  
25 1 Y 1 B LYS 1906 ? NZ  ? B LYS 99  NZ  
26 1 Y 1 B GLU 1913 ? CD  ? B GLU 106 CD  
27 1 Y 1 B GLU 1913 ? OE1 ? B GLU 106 OE1 
28 1 Y 1 B GLU 1913 ? OE2 ? B GLU 106 OE2 
# 
loop_
_pdbx_unobs_or_zero_occ_residues.id 
_pdbx_unobs_or_zero_occ_residues.PDB_model_num 
_pdbx_unobs_or_zero_occ_residues.polymer_flag 
_pdbx_unobs_or_zero_occ_residues.occupancy_flag 
_pdbx_unobs_or_zero_occ_residues.auth_asym_id 
_pdbx_unobs_or_zero_occ_residues.auth_comp_id 
_pdbx_unobs_or_zero_occ_residues.auth_seq_id 
_pdbx_unobs_or_zero_occ_residues.PDB_ins_code 
_pdbx_unobs_or_zero_occ_residues.label_asym_id 
_pdbx_unobs_or_zero_occ_residues.label_comp_id 
_pdbx_unobs_or_zero_occ_residues.label_seq_id 
1  1 Y 1 A MET 1808 ? A MET 1  
2  1 Y 1 A HIS 1809 ? A HIS 2  
3  1 Y 1 A HIS 1810 ? A HIS 3  
4  1 Y 1 A HIS 1811 ? A HIS 4  
5  1 Y 1 A HIS 1812 ? A HIS 5  
6  1 Y 1 A HIS 1813 ? A HIS 6  
7  1 Y 1 A HIS 1814 ? A HIS 7  
8  1 Y 1 A SER 1815 ? A SER 8  
9  1 Y 1 A SER 1816 ? A SER 9  
10 1 Y 1 A GLY 1817 ? A GLY 10 
11 1 Y 1 A VAL 1818 ? A VAL 11 
12 1 Y 1 A ASP 1819 ? A ASP 12 
13 1 Y 1 A LEU 1820 ? A LEU 13 
14 1 Y 1 A GLY 1821 ? A GLY 14 
15 1 Y 1 A THR 1822 ? A THR 15 
16 1 Y 1 A GLU 1823 ? A GLU 16 
17 1 Y 1 A ASN 1824 ? A ASN 17 
18 1 Y 1 A LEU 1825 ? A LEU 18 
19 1 Y 1 A TYR 1826 ? A TYR 19 
20 1 Y 1 A PHE 1827 ? A PHE 20 
21 1 Y 1 A GLN 1828 ? A GLN 21 
22 1 Y 1 A SER 1829 ? A SER 22 
23 1 Y 1 A MET 1830 ? A MET 23 
24 1 Y 1 A GLY 1831 ? A GLY 24 
25 1 Y 1 A GLY 1840 ? A GLY 33 
26 1 Y 1 A PRO 1841 ? A PRO 34 
27 1 Y 1 A THR 1842 ? A THR 35 
28 1 Y 1 A ASP 1843 ? A ASP 36 
29 1 Y 1 B MET 1808 ? B MET 1  
30 1 Y 1 B HIS 1809 ? B HIS 2  
31 1 Y 1 B HIS 1810 ? B HIS 3  
32 1 Y 1 B HIS 1811 ? B HIS 4  
33 1 Y 1 B HIS 1812 ? B HIS 5  
34 1 Y 1 B HIS 1813 ? B HIS 6  
35 1 Y 1 B HIS 1814 ? B HIS 7  
36 1 Y 1 B SER 1815 ? B SER 8  
37 1 Y 1 B SER 1816 ? B SER 9  
38 1 Y 1 B GLY 1817 ? B GLY 10 
39 1 Y 1 B VAL 1818 ? B VAL 11 
40 1 Y 1 B ASP 1819 ? B ASP 12 
41 1 Y 1 B LEU 1820 ? B LEU 13 
42 1 Y 1 B GLY 1821 ? B GLY 14 
43 1 Y 1 B GLY 1871 ? B GLY 64 
44 1 Y 1 B VAL 1872 ? B VAL 65 
45 1 Y 1 B ALA 1873 ? B ALA 66 
46 1 Y 1 B ALA 1874 ? B ALA 67 
47 1 Y 1 B GLN 1875 ? B GLN 68 
48 1 Y 1 B THR 1876 ? B THR 69 
49 1 Y 1 B GLN 1877 ? B GLN 70 
# 
loop_
_chem_comp_atom.comp_id 
_chem_comp_atom.atom_id 
_chem_comp_atom.type_symbol 
_chem_comp_atom.pdbx_aromatic_flag 
_chem_comp_atom.pdbx_stereo_config 
_chem_comp_atom.pdbx_ordinal 
ALA N    N N N 1   
ALA CA   C N S 2   
ALA C    C N N 3   
ALA O    O N N 4   
ALA CB   C N N 5   
ALA OXT  O N N 6   
ALA H    H N N 7   
ALA H2   H N N 8   
ALA HA   H N N 9   
ALA HB1  H N N 10  
ALA HB2  H N N 11  
ALA HB3  H N N 12  
ALA HXT  H N N 13  
ARG N    N N N 14  
ARG CA   C N S 15  
ARG C    C N N 16  
ARG O    O N N 17  
ARG CB   C N N 18  
ARG CG   C N N 19  
ARG CD   C N N 20  
ARG NE   N N N 21  
ARG CZ   C N N 22  
ARG NH1  N N N 23  
ARG NH2  N N N 24  
ARG OXT  O N N 25  
ARG H    H N N 26  
ARG H2   H N N 27  
ARG HA   H N N 28  
ARG HB2  H N N 29  
ARG HB3  H N N 30  
ARG HG2  H N N 31  
ARG HG3  H N N 32  
ARG HD2  H N N 33  
ARG HD3  H N N 34  
ARG HE   H N N 35  
ARG HH11 H N N 36  
ARG HH12 H N N 37  
ARG HH21 H N N 38  
ARG HH22 H N N 39  
ARG HXT  H N N 40  
ASN N    N N N 41  
ASN CA   C N S 42  
ASN C    C N N 43  
ASN O    O N N 44  
ASN CB   C N N 45  
ASN CG   C N N 46  
ASN OD1  O N N 47  
ASN ND2  N N N 48  
ASN OXT  O N N 49  
ASN H    H N N 50  
ASN H2   H N N 51  
ASN HA   H N N 52  
ASN HB2  H N N 53  
ASN HB3  H N N 54  
ASN HD21 H N N 55  
ASN HD22 H N N 56  
ASN HXT  H N N 57  
ASP N    N N N 58  
ASP CA   C N S 59  
ASP C    C N N 60  
ASP O    O N N 61  
ASP CB   C N N 62  
ASP CG   C N N 63  
ASP OD1  O N N 64  
ASP OD2  O N N 65  
ASP OXT  O N N 66  
ASP H    H N N 67  
ASP H2   H N N 68  
ASP HA   H N N 69  
ASP HB2  H N N 70  
ASP HB3  H N N 71  
ASP HD2  H N N 72  
ASP HXT  H N N 73  
CYS N    N N N 74  
CYS CA   C N R 75  
CYS C    C N N 76  
CYS O    O N N 77  
CYS CB   C N N 78  
CYS SG   S N N 79  
CYS OXT  O N N 80  
CYS H    H N N 81  
CYS H2   H N N 82  
CYS HA   H N N 83  
CYS HB2  H N N 84  
CYS HB3  H N N 85  
CYS HG   H N N 86  
CYS HXT  H N N 87  
GLN N    N N N 88  
GLN CA   C N S 89  
GLN C    C N N 90  
GLN O    O N N 91  
GLN CB   C N N 92  
GLN CG   C N N 93  
GLN CD   C N N 94  
GLN OE1  O N N 95  
GLN NE2  N N N 96  
GLN OXT  O N N 97  
GLN H    H N N 98  
GLN H2   H N N 99  
GLN HA   H N N 100 
GLN HB2  H N N 101 
GLN HB3  H N N 102 
GLN HG2  H N N 103 
GLN HG3  H N N 104 
GLN HE21 H N N 105 
GLN HE22 H N N 106 
GLN HXT  H N N 107 
GLU N    N N N 108 
GLU CA   C N S 109 
GLU C    C N N 110 
GLU O    O N N 111 
GLU CB   C N N 112 
GLU CG   C N N 113 
GLU CD   C N N 114 
GLU OE1  O N N 115 
GLU OE2  O N N 116 
GLU OXT  O N N 117 
GLU H    H N N 118 
GLU H2   H N N 119 
GLU HA   H N N 120 
GLU HB2  H N N 121 
GLU HB3  H N N 122 
GLU HG2  H N N 123 
GLU HG3  H N N 124 
GLU HE2  H N N 125 
GLU HXT  H N N 126 
GLY N    N N N 127 
GLY CA   C N N 128 
GLY C    C N N 129 
GLY O    O N N 130 
GLY OXT  O N N 131 
GLY H    H N N 132 
GLY H2   H N N 133 
GLY HA2  H N N 134 
GLY HA3  H N N 135 
GLY HXT  H N N 136 
HIS N    N N N 137 
HIS CA   C N S 138 
HIS C    C N N 139 
HIS O    O N N 140 
HIS CB   C N N 141 
HIS CG   C Y N 142 
HIS ND1  N Y N 143 
HIS CD2  C Y N 144 
HIS CE1  C Y N 145 
HIS NE2  N Y N 146 
HIS OXT  O N N 147 
HIS H    H N N 148 
HIS H2   H N N 149 
HIS HA   H N N 150 
HIS HB2  H N N 151 
HIS HB3  H N N 152 
HIS HD1  H N N 153 
HIS HD2  H N N 154 
HIS HE1  H N N 155 
HIS HE2  H N N 156 
HIS HXT  H N N 157 
HOH O    O N N 158 
HOH H1   H N N 159 
HOH H2   H N N 160 
ILE N    N N N 161 
ILE CA   C N S 162 
ILE C    C N N 163 
ILE O    O N N 164 
ILE CB   C N S 165 
ILE CG1  C N N 166 
ILE CG2  C N N 167 
ILE CD1  C N N 168 
ILE OXT  O N N 169 
ILE H    H N N 170 
ILE H2   H N N 171 
ILE HA   H N N 172 
ILE HB   H N N 173 
ILE HG12 H N N 174 
ILE HG13 H N N 175 
ILE HG21 H N N 176 
ILE HG22 H N N 177 
ILE HG23 H N N 178 
ILE HD11 H N N 179 
ILE HD12 H N N 180 
ILE HD13 H N N 181 
ILE HXT  H N N 182 
LEU N    N N N 183 
LEU CA   C N S 184 
LEU C    C N N 185 
LEU O    O N N 186 
LEU CB   C N N 187 
LEU CG   C N N 188 
LEU CD1  C N N 189 
LEU CD2  C N N 190 
LEU OXT  O N N 191 
LEU H    H N N 192 
LEU H2   H N N 193 
LEU HA   H N N 194 
LEU HB2  H N N 195 
LEU HB3  H N N 196 
LEU HG   H N N 197 
LEU HD11 H N N 198 
LEU HD12 H N N 199 
LEU HD13 H N N 200 
LEU HD21 H N N 201 
LEU HD22 H N N 202 
LEU HD23 H N N 203 
LEU HXT  H N N 204 
LYS N    N N N 205 
LYS CA   C N S 206 
LYS C    C N N 207 
LYS O    O N N 208 
LYS CB   C N N 209 
LYS CG   C N N 210 
LYS CD   C N N 211 
LYS CE   C N N 212 
LYS NZ   N N N 213 
LYS OXT  O N N 214 
LYS H    H N N 215 
LYS H2   H N N 216 
LYS HA   H N N 217 
LYS HB2  H N N 218 
LYS HB3  H N N 219 
LYS HG2  H N N 220 
LYS HG3  H N N 221 
LYS HD2  H N N 222 
LYS HD3  H N N 223 
LYS HE2  H N N 224 
LYS HE3  H N N 225 
LYS HZ1  H N N 226 
LYS HZ2  H N N 227 
LYS HZ3  H N N 228 
LYS HXT  H N N 229 
MET N    N N N 230 
MET CA   C N S 231 
MET C    C N N 232 
MET O    O N N 233 
MET CB   C N N 234 
MET CG   C N N 235 
MET SD   S N N 236 
MET CE   C N N 237 
MET OXT  O N N 238 
MET H    H N N 239 
MET H2   H N N 240 
MET HA   H N N 241 
MET HB2  H N N 242 
MET HB3  H N N 243 
MET HG2  H N N 244 
MET HG3  H N N 245 
MET HE1  H N N 246 
MET HE2  H N N 247 
MET HE3  H N N 248 
MET HXT  H N N 249 
PHE N    N N N 250 
PHE CA   C N S 251 
PHE C    C N N 252 
PHE O    O N N 253 
PHE CB   C N N 254 
PHE CG   C Y N 255 
PHE CD1  C Y N 256 
PHE CD2  C Y N 257 
PHE CE1  C Y N 258 
PHE CE2  C Y N 259 
PHE CZ   C Y N 260 
PHE OXT  O N N 261 
PHE H    H N N 262 
PHE H2   H N N 263 
PHE HA   H N N 264 
PHE HB2  H N N 265 
PHE HB3  H N N 266 
PHE HD1  H N N 267 
PHE HD2  H N N 268 
PHE HE1  H N N 269 
PHE HE2  H N N 270 
PHE HZ   H N N 271 
PHE HXT  H N N 272 
PRO N    N N N 273 
PRO CA   C N S 274 
PRO C    C N N 275 
PRO O    O N N 276 
PRO CB   C N N 277 
PRO CG   C N N 278 
PRO CD   C N N 279 
PRO OXT  O N N 280 
PRO H    H N N 281 
PRO HA   H N N 282 
PRO HB2  H N N 283 
PRO HB3  H N N 284 
PRO HG2  H N N 285 
PRO HG3  H N N 286 
PRO HD2  H N N 287 
PRO HD3  H N N 288 
PRO HXT  H N N 289 
SER N    N N N 290 
SER CA   C N S 291 
SER C    C N N 292 
SER O    O N N 293 
SER CB   C N N 294 
SER OG   O N N 295 
SER OXT  O N N 296 
SER H    H N N 297 
SER H2   H N N 298 
SER HA   H N N 299 
SER HB2  H N N 300 
SER HB3  H N N 301 
SER HG   H N N 302 
SER HXT  H N N 303 
THR N    N N N 304 
THR CA   C N S 305 
THR C    C N N 306 
THR O    O N N 307 
THR CB   C N R 308 
THR OG1  O N N 309 
THR CG2  C N N 310 
THR OXT  O N N 311 
THR H    H N N 312 
THR H2   H N N 313 
THR HA   H N N 314 
THR HB   H N N 315 
THR HG1  H N N 316 
THR HG21 H N N 317 
THR HG22 H N N 318 
THR HG23 H N N 319 
THR HXT  H N N 320 
TYR N    N N N 321 
TYR CA   C N S 322 
TYR C    C N N 323 
TYR O    O N N 324 
TYR CB   C N N 325 
TYR CG   C Y N 326 
TYR CD1  C Y N 327 
TYR CD2  C Y N 328 
TYR CE1  C Y N 329 
TYR CE2  C Y N 330 
TYR CZ   C Y N 331 
TYR OH   O N N 332 
TYR OXT  O N N 333 
TYR H    H N N 334 
TYR H2   H N N 335 
TYR HA   H N N 336 
TYR HB2  H N N 337 
TYR HB3  H N N 338 
TYR HD1  H N N 339 
TYR HD2  H N N 340 
TYR HE1  H N N 341 
TYR HE2  H N N 342 
TYR HH   H N N 343 
TYR HXT  H N N 344 
VAL N    N N N 345 
VAL CA   C N S 346 
VAL C    C N N 347 
VAL O    O N N 348 
VAL CB   C N N 349 
VAL CG1  C N N 350 
VAL CG2  C N N 351 
VAL OXT  O N N 352 
VAL H    H N N 353 
VAL H2   H N N 354 
VAL HA   H N N 355 
VAL HB   H N N 356 
VAL HG11 H N N 357 
VAL HG12 H N N 358 
VAL HG13 H N N 359 
VAL HG21 H N N 360 
VAL HG22 H N N 361 
VAL HG23 H N N 362 
VAL HXT  H N N 363 
# 
loop_
_chem_comp_bond.comp_id 
_chem_comp_bond.atom_id_1 
_chem_comp_bond.atom_id_2 
_chem_comp_bond.value_order 
_chem_comp_bond.pdbx_aromatic_flag 
_chem_comp_bond.pdbx_stereo_config 
_chem_comp_bond.pdbx_ordinal 
ALA N   CA   sing N N 1   
ALA N   H    sing N N 2   
ALA N   H2   sing N N 3   
ALA CA  C    sing N N 4   
ALA CA  CB   sing N N 5   
ALA CA  HA   sing N N 6   
ALA C   O    doub N N 7   
ALA C   OXT  sing N N 8   
ALA CB  HB1  sing N N 9   
ALA CB  HB2  sing N N 10  
ALA CB  HB3  sing N N 11  
ALA OXT HXT  sing N N 12  
ARG N   CA   sing N N 13  
ARG N   H    sing N N 14  
ARG N   H2   sing N N 15  
ARG CA  C    sing N N 16  
ARG CA  CB   sing N N 17  
ARG CA  HA   sing N N 18  
ARG C   O    doub N N 19  
ARG C   OXT  sing N N 20  
ARG CB  CG   sing N N 21  
ARG CB  HB2  sing N N 22  
ARG CB  HB3  sing N N 23  
ARG CG  CD   sing N N 24  
ARG CG  HG2  sing N N 25  
ARG CG  HG3  sing N N 26  
ARG CD  NE   sing N N 27  
ARG CD  HD2  sing N N 28  
ARG CD  HD3  sing N N 29  
ARG NE  CZ   sing N N 30  
ARG NE  HE   sing N N 31  
ARG CZ  NH1  sing N N 32  
ARG CZ  NH2  doub N N 33  
ARG NH1 HH11 sing N N 34  
ARG NH1 HH12 sing N N 35  
ARG NH2 HH21 sing N N 36  
ARG NH2 HH22 sing N N 37  
ARG OXT HXT  sing N N 38  
ASN N   CA   sing N N 39  
ASN N   H    sing N N 40  
ASN N   H2   sing N N 41  
ASN CA  C    sing N N 42  
ASN CA  CB   sing N N 43  
ASN CA  HA   sing N N 44  
ASN C   O    doub N N 45  
ASN C   OXT  sing N N 46  
ASN CB  CG   sing N N 47  
ASN CB  HB2  sing N N 48  
ASN CB  HB3  sing N N 49  
ASN CG  OD1  doub N N 50  
ASN CG  ND2  sing N N 51  
ASN ND2 HD21 sing N N 52  
ASN ND2 HD22 sing N N 53  
ASN OXT HXT  sing N N 54  
ASP N   CA   sing N N 55  
ASP N   H    sing N N 56  
ASP N   H2   sing N N 57  
ASP CA  C    sing N N 58  
ASP CA  CB   sing N N 59  
ASP CA  HA   sing N N 60  
ASP C   O    doub N N 61  
ASP C   OXT  sing N N 62  
ASP CB  CG   sing N N 63  
ASP CB  HB2  sing N N 64  
ASP CB  HB3  sing N N 65  
ASP CG  OD1  doub N N 66  
ASP CG  OD2  sing N N 67  
ASP OD2 HD2  sing N N 68  
ASP OXT HXT  sing N N 69  
CYS N   CA   sing N N 70  
CYS N   H    sing N N 71  
CYS N   H2   sing N N 72  
CYS CA  C    sing N N 73  
CYS CA  CB   sing N N 74  
CYS CA  HA   sing N N 75  
CYS C   O    doub N N 76  
CYS C   OXT  sing N N 77  
CYS CB  SG   sing N N 78  
CYS CB  HB2  sing N N 79  
CYS CB  HB3  sing N N 80  
CYS SG  HG   sing N N 81  
CYS OXT HXT  sing N N 82  
GLN N   CA   sing N N 83  
GLN N   H    sing N N 84  
GLN N   H2   sing N N 85  
GLN CA  C    sing N N 86  
GLN CA  CB   sing N N 87  
GLN CA  HA   sing N N 88  
GLN C   O    doub N N 89  
GLN C   OXT  sing N N 90  
GLN CB  CG   sing N N 91  
GLN CB  HB2  sing N N 92  
GLN CB  HB3  sing N N 93  
GLN CG  CD   sing N N 94  
GLN CG  HG2  sing N N 95  
GLN CG  HG3  sing N N 96  
GLN CD  OE1  doub N N 97  
GLN CD  NE2  sing N N 98  
GLN NE2 HE21 sing N N 99  
GLN NE2 HE22 sing N N 100 
GLN OXT HXT  sing N N 101 
GLU N   CA   sing N N 102 
GLU N   H    sing N N 103 
GLU N   H2   sing N N 104 
GLU CA  C    sing N N 105 
GLU CA  CB   sing N N 106 
GLU CA  HA   sing N N 107 
GLU C   O    doub N N 108 
GLU C   OXT  sing N N 109 
GLU CB  CG   sing N N 110 
GLU CB  HB2  sing N N 111 
GLU CB  HB3  sing N N 112 
GLU CG  CD   sing N N 113 
GLU CG  HG2  sing N N 114 
GLU CG  HG3  sing N N 115 
GLU CD  OE1  doub N N 116 
GLU CD  OE2  sing N N 117 
GLU OE2 HE2  sing N N 118 
GLU OXT HXT  sing N N 119 
GLY N   CA   sing N N 120 
GLY N   H    sing N N 121 
GLY N   H2   sing N N 122 
GLY CA  C    sing N N 123 
GLY CA  HA2  sing N N 124 
GLY CA  HA3  sing N N 125 
GLY C   O    doub N N 126 
GLY C   OXT  sing N N 127 
GLY OXT HXT  sing N N 128 
HIS N   CA   sing N N 129 
HIS N   H    sing N N 130 
HIS N   H2   sing N N 131 
HIS CA  C    sing N N 132 
HIS CA  CB   sing N N 133 
HIS CA  HA   sing N N 134 
HIS C   O    doub N N 135 
HIS C   OXT  sing N N 136 
HIS CB  CG   sing N N 137 
HIS CB  HB2  sing N N 138 
HIS CB  HB3  sing N N 139 
HIS CG  ND1  sing Y N 140 
HIS CG  CD2  doub Y N 141 
HIS ND1 CE1  doub Y N 142 
HIS ND1 HD1  sing N N 143 
HIS CD2 NE2  sing Y N 144 
HIS CD2 HD2  sing N N 145 
HIS CE1 NE2  sing Y N 146 
HIS CE1 HE1  sing N N 147 
HIS NE2 HE2  sing N N 148 
HIS OXT HXT  sing N N 149 
HOH O   H1   sing N N 150 
HOH O   H2   sing N N 151 
ILE N   CA   sing N N 152 
ILE N   H    sing N N 153 
ILE N   H2   sing N N 154 
ILE CA  C    sing N N 155 
ILE CA  CB   sing N N 156 
ILE CA  HA   sing N N 157 
ILE C   O    doub N N 158 
ILE C   OXT  sing N N 159 
ILE CB  CG1  sing N N 160 
ILE CB  CG2  sing N N 161 
ILE CB  HB   sing N N 162 
ILE CG1 CD1  sing N N 163 
ILE CG1 HG12 sing N N 164 
ILE CG1 HG13 sing N N 165 
ILE CG2 HG21 sing N N 166 
ILE CG2 HG22 sing N N 167 
ILE CG2 HG23 sing N N 168 
ILE CD1 HD11 sing N N 169 
ILE CD1 HD12 sing N N 170 
ILE CD1 HD13 sing N N 171 
ILE OXT HXT  sing N N 172 
LEU N   CA   sing N N 173 
LEU N   H    sing N N 174 
LEU N   H2   sing N N 175 
LEU CA  C    sing N N 176 
LEU CA  CB   sing N N 177 
LEU CA  HA   sing N N 178 
LEU C   O    doub N N 179 
LEU C   OXT  sing N N 180 
LEU CB  CG   sing N N 181 
LEU CB  HB2  sing N N 182 
LEU CB  HB3  sing N N 183 
LEU CG  CD1  sing N N 184 
LEU CG  CD2  sing N N 185 
LEU CG  HG   sing N N 186 
LEU CD1 HD11 sing N N 187 
LEU CD1 HD12 sing N N 188 
LEU CD1 HD13 sing N N 189 
LEU CD2 HD21 sing N N 190 
LEU CD2 HD22 sing N N 191 
LEU CD2 HD23 sing N N 192 
LEU OXT HXT  sing N N 193 
LYS N   CA   sing N N 194 
LYS N   H    sing N N 195 
LYS N   H2   sing N N 196 
LYS CA  C    sing N N 197 
LYS CA  CB   sing N N 198 
LYS CA  HA   sing N N 199 
LYS C   O    doub N N 200 
LYS C   OXT  sing N N 201 
LYS CB  CG   sing N N 202 
LYS CB  HB2  sing N N 203 
LYS CB  HB3  sing N N 204 
LYS CG  CD   sing N N 205 
LYS CG  HG2  sing N N 206 
LYS CG  HG3  sing N N 207 
LYS CD  CE   sing N N 208 
LYS CD  HD2  sing N N 209 
LYS CD  HD3  sing N N 210 
LYS CE  NZ   sing N N 211 
LYS CE  HE2  sing N N 212 
LYS CE  HE3  sing N N 213 
LYS NZ  HZ1  sing N N 214 
LYS NZ  HZ2  sing N N 215 
LYS NZ  HZ3  sing N N 216 
LYS OXT HXT  sing N N 217 
MET N   CA   sing N N 218 
MET N   H    sing N N 219 
MET N   H2   sing N N 220 
MET CA  C    sing N N 221 
MET CA  CB   sing N N 222 
MET CA  HA   sing N N 223 
MET C   O    doub N N 224 
MET C   OXT  sing N N 225 
MET CB  CG   sing N N 226 
MET CB  HB2  sing N N 227 
MET CB  HB3  sing N N 228 
MET CG  SD   sing N N 229 
MET CG  HG2  sing N N 230 
MET CG  HG3  sing N N 231 
MET SD  CE   sing N N 232 
MET CE  HE1  sing N N 233 
MET CE  HE2  sing N N 234 
MET CE  HE3  sing N N 235 
MET OXT HXT  sing N N 236 
PHE N   CA   sing N N 237 
PHE N   H    sing N N 238 
PHE N   H2   sing N N 239 
PHE CA  C    sing N N 240 
PHE CA  CB   sing N N 241 
PHE CA  HA   sing N N 242 
PHE C   O    doub N N 243 
PHE C   OXT  sing N N 244 
PHE CB  CG   sing N N 245 
PHE CB  HB2  sing N N 246 
PHE CB  HB3  sing N N 247 
PHE CG  CD1  doub Y N 248 
PHE CG  CD2  sing Y N 249 
PHE CD1 CE1  sing Y N 250 
PHE CD1 HD1  sing N N 251 
PHE CD2 CE2  doub Y N 252 
PHE CD2 HD2  sing N N 253 
PHE CE1 CZ   doub Y N 254 
PHE CE1 HE1  sing N N 255 
PHE CE2 CZ   sing Y N 256 
PHE CE2 HE2  sing N N 257 
PHE CZ  HZ   sing N N 258 
PHE OXT HXT  sing N N 259 
PRO N   CA   sing N N 260 
PRO N   CD   sing N N 261 
PRO N   H    sing N N 262 
PRO CA  C    sing N N 263 
PRO CA  CB   sing N N 264 
PRO CA  HA   sing N N 265 
PRO C   O    doub N N 266 
PRO C   OXT  sing N N 267 
PRO CB  CG   sing N N 268 
PRO CB  HB2  sing N N 269 
PRO CB  HB3  sing N N 270 
PRO CG  CD   sing N N 271 
PRO CG  HG2  sing N N 272 
PRO CG  HG3  sing N N 273 
PRO CD  HD2  sing N N 274 
PRO CD  HD3  sing N N 275 
PRO OXT HXT  sing N N 276 
SER N   CA   sing N N 277 
SER N   H    sing N N 278 
SER N   H2   sing N N 279 
SER CA  C    sing N N 280 
SER CA  CB   sing N N 281 
SER CA  HA   sing N N 282 
SER C   O    doub N N 283 
SER C   OXT  sing N N 284 
SER CB  OG   sing N N 285 
SER CB  HB2  sing N N 286 
SER CB  HB3  sing N N 287 
SER OG  HG   sing N N 288 
SER OXT HXT  sing N N 289 
THR N   CA   sing N N 290 
THR N   H    sing N N 291 
THR N   H2   sing N N 292 
THR CA  C    sing N N 293 
THR CA  CB   sing N N 294 
THR CA  HA   sing N N 295 
THR C   O    doub N N 296 
THR C   OXT  sing N N 297 
THR CB  OG1  sing N N 298 
THR CB  CG2  sing N N 299 
THR CB  HB   sing N N 300 
THR OG1 HG1  sing N N 301 
THR CG2 HG21 sing N N 302 
THR CG2 HG22 sing N N 303 
THR CG2 HG23 sing N N 304 
THR OXT HXT  sing N N 305 
TYR N   CA   sing N N 306 
TYR N   H    sing N N 307 
TYR N   H2   sing N N 308 
TYR CA  C    sing N N 309 
TYR CA  CB   sing N N 310 
TYR CA  HA   sing N N 311 
TYR C   O    doub N N 312 
TYR C   OXT  sing N N 313 
TYR CB  CG   sing N N 314 
TYR CB  HB2  sing N N 315 
TYR CB  HB3  sing N N 316 
TYR CG  CD1  doub Y N 317 
TYR CG  CD2  sing Y N 318 
TYR CD1 CE1  sing Y N 319 
TYR CD1 HD1  sing N N 320 
TYR CD2 CE2  doub Y N 321 
TYR CD2 HD2  sing N N 322 
TYR CE1 CZ   doub Y N 323 
TYR CE1 HE1  sing N N 324 
TYR CE2 CZ   sing Y N 325 
TYR CE2 HE2  sing N N 326 
TYR CZ  OH   sing N N 327 
TYR OH  HH   sing N N 328 
TYR OXT HXT  sing N N 329 
VAL N   CA   sing N N 330 
VAL N   H    sing N N 331 
VAL N   H2   sing N N 332 
VAL CA  C    sing N N 333 
VAL CA  CB   sing N N 334 
VAL CA  HA   sing N N 335 
VAL C   O    doub N N 336 
VAL C   OXT  sing N N 337 
VAL CB  CG1  sing N N 338 
VAL CB  CG2  sing N N 339 
VAL CB  HB   sing N N 340 
VAL CG1 HG11 sing N N 341 
VAL CG1 HG12 sing N N 342 
VAL CG1 HG13 sing N N 343 
VAL CG2 HG21 sing N N 344 
VAL CG2 HG22 sing N N 345 
VAL CG2 HG23 sing N N 346 
VAL OXT HXT  sing N N 347 
# 
_pdbx_entity_nonpoly.entity_id   2 
_pdbx_entity_nonpoly.name        water 
_pdbx_entity_nonpoly.comp_id     HOH 
# 
_pdbx_initial_refinement_model.id               1 
_pdbx_initial_refinement_model.entity_id_list   ? 
_pdbx_initial_refinement_model.type             'experimental model' 
_pdbx_initial_refinement_model.source_name      PDB 
_pdbx_initial_refinement_model.accession_code   2FNE 
_pdbx_initial_refinement_model.details          'PDB ENTRY 2FNE' 
# 
